data_4CQ5
#
_entry.id   4CQ5
#
_cell.length_a   99.880
_cell.length_b   146.420
_cell.length_c   100.480
_cell.angle_alpha   90.00
_cell.angle_beta   99.59
_cell.angle_gamma   90.00
#
_symmetry.space_group_name_H-M   'P 1 21 1'
#
loop_
_entity.id
_entity.type
_entity.pdbx_description
1 polymer 'PHENYLALANINE AMINOMUTASE'
2 non-polymer 'PHENYLETHYLENECARBOXYLIC ACID'
3 non-polymer GLYCEROL
4 non-polymer 1,2-ETHANEDIOL
5 water water
#
_entity_poly.entity_id   1
_entity_poly.type   'polypeptide(L)'
_entity_poly.pdbx_seq_one_letter_code
;MGSSHHHHHHSSGLVPRGSHMGFAVESRSHVKDILGLINAFNEVKKITVDGTTPITVAHVAALARRHDVKVALEAEQCRA
RVETCSSWVQRKAEDGADIAGVTTGFGACSSRRTNRLSELQESLIRCLLAGVFTKGCAPSVDELPATATRSAMLLRLNSF
TYGCSGIRWEVMEALEKLLNSNVSPKVPLRGSVS(MDO)DLIPLAYIAGLLIGKPSVIARIGDDVEVPAPEALSRVGLRP
FKLQAKEGLALVNGTSFATAVASTVMYDANVLLLLVETLCGMFCEVIFGREEFAHPLIHKVKPHPGQIESAELLEWLLRS
SPFQELSREYYSIDKLKKPKQDRYALRSSPQWLAPLVQTIRDATTTVETEVNSANDNPIIDHANDRALHGANFQGSAVGF
YMDYVRIAVAGLGKLLFAQFTELMIEYYSNGLPGNLSLGPDLSVDYGLKGLDIAMAAYSSELQYLANPVTTHVHSAEQHN
QDINSLALISARKTEEALDILKLMIASHLTAMCQAVDLRQLEEALVKVVENVVSTLADECGLPNDTKARLLYVAKAVPVY
TYLESPCDPTLPLLLGLKQSCFDTILALHKKDGIETDTLVDRLAEFEKRLSDRLENEMTAVRVLYEKKGHKTADNNDALV
RIQGSKFLPFYRFVREELDTGVMSARREQTPQEDVQKVFDAIADGRITVPLLHCLQGFLGQPNGCANGV
;
_entity_poly.pdbx_strand_id   A,B,C,D
#
# COMPACT_ATOMS: atom_id res chain seq x y z
N SER A 29 10.84 -16.35 29.37
CA SER A 29 10.82 -15.02 28.69
C SER A 29 11.50 -15.05 27.33
N HIS A 30 10.93 -14.35 26.35
CA HIS A 30 11.59 -14.18 25.07
C HIS A 30 13.00 -13.58 25.20
N VAL A 31 13.26 -12.86 26.29
CA VAL A 31 14.56 -12.21 26.49
C VAL A 31 15.65 -13.28 26.62
N LYS A 32 15.34 -14.34 27.34
CA LYS A 32 16.26 -15.46 27.51
C LYS A 32 16.50 -16.19 26.20
N ASP A 33 15.42 -16.43 25.45
CA ASP A 33 15.49 -17.09 24.16
C ASP A 33 16.39 -16.31 23.20
N ILE A 34 16.26 -14.99 23.19
CA ILE A 34 17.07 -14.18 22.28
C ILE A 34 18.54 -14.21 22.68
N LEU A 35 18.81 -14.09 23.97
CA LEU A 35 20.19 -14.23 24.48
C LEU A 35 20.76 -15.60 24.12
N GLY A 36 19.90 -16.61 24.17
CA GLY A 36 20.24 -17.96 23.70
C GLY A 36 20.66 -18.00 22.24
N LEU A 37 19.96 -17.24 21.39
CA LEU A 37 20.30 -17.18 19.97
C LEU A 37 21.64 -16.51 19.77
N ILE A 38 21.87 -15.43 20.50
CA ILE A 38 23.09 -14.65 20.35
C ILE A 38 24.31 -15.49 20.75
N ASN A 39 24.19 -16.16 21.89
CA ASN A 39 25.21 -17.08 22.40
C ASN A 39 25.49 -18.20 21.43
N ALA A 40 24.44 -18.82 20.91
CA ALA A 40 24.61 -19.89 19.91
C ALA A 40 25.34 -19.36 18.68
N PHE A 41 24.93 -18.19 18.18
CA PHE A 41 25.60 -17.54 17.06
C PHE A 41 27.11 -17.36 17.31
N ASN A 42 27.45 -16.86 18.48
CA ASN A 42 28.84 -16.61 18.87
C ASN A 42 29.65 -17.89 19.05
N GLU A 43 29.00 -18.96 19.49
CA GLU A 43 29.71 -20.14 19.99
C GLU A 43 29.80 -21.32 19.03
N VAL A 44 28.91 -21.44 18.04
CA VAL A 44 28.99 -22.59 17.13
C VAL A 44 30.31 -22.61 16.37
N LYS A 45 30.84 -23.82 16.24
CA LYS A 45 32.07 -24.07 15.49
C LYS A 45 31.78 -24.87 14.23
N LYS A 46 30.74 -25.71 14.31
CA LYS A 46 30.38 -26.64 13.26
C LYS A 46 28.87 -26.72 13.17
N ILE A 47 28.33 -26.76 11.96
CA ILE A 47 26.91 -26.98 11.79
C ILE A 47 26.69 -28.43 11.40
N THR A 48 26.06 -29.18 12.30
CA THR A 48 25.71 -30.57 12.08
C THR A 48 24.49 -30.68 11.17
N VAL A 49 24.68 -31.34 10.04
CA VAL A 49 23.63 -31.58 9.05
C VAL A 49 23.44 -33.10 8.92
N ASP A 50 22.34 -33.62 9.49
CA ASP A 50 22.17 -35.09 9.66
C ASP A 50 20.74 -35.63 9.60
N GLY A 51 19.76 -34.79 9.25
CA GLY A 51 18.38 -35.25 9.14
C GLY A 51 17.57 -35.29 10.42
N THR A 52 18.14 -34.87 11.55
CA THR A 52 17.44 -34.92 12.85
C THR A 52 17.75 -33.75 13.78
N THR A 53 19.01 -33.35 13.84
CA THR A 53 19.43 -32.18 14.61
C THR A 53 18.88 -30.91 13.96
N PRO A 54 18.07 -30.11 14.69
CA PRO A 54 17.55 -28.88 14.07
C PRO A 54 18.65 -27.86 13.71
N ILE A 55 18.46 -27.14 12.59
CA ILE A 55 19.27 -25.96 12.26
C ILE A 55 18.44 -24.74 12.64
N THR A 56 19.00 -23.84 13.47
CA THR A 56 18.30 -22.64 13.91
C THR A 56 18.75 -21.44 13.07
N VAL A 57 18.03 -20.33 13.20
CA VAL A 57 18.39 -19.12 12.47
C VAL A 57 19.77 -18.61 12.88
N ALA A 58 20.17 -18.85 14.13
CA ALA A 58 21.52 -18.49 14.56
C ALA A 58 22.59 -19.29 13.82
N HIS A 59 22.31 -20.57 13.57
CA HIS A 59 23.25 -21.42 12.84
C HIS A 59 23.43 -20.94 11.40
N VAL A 60 22.31 -20.61 10.75
CA VAL A 60 22.35 -20.10 9.39
C VAL A 60 23.16 -18.81 9.36
N ALA A 61 22.87 -17.91 10.30
CA ALA A 61 23.57 -16.61 10.33
C ALA A 61 25.07 -16.76 10.56
N ALA A 62 25.43 -17.71 11.43
CA ALA A 62 26.83 -17.99 11.74
C ALA A 62 27.60 -18.50 10.53
N LEU A 63 27.01 -19.48 9.82
CA LEU A 63 27.63 -19.97 8.58
C LEU A 63 27.84 -18.84 7.60
N ALA A 64 26.81 -18.03 7.42
CA ALA A 64 26.87 -16.92 6.49
C ALA A 64 27.96 -15.89 6.86
N ARG A 65 28.10 -15.60 8.15
CA ARG A 65 28.91 -14.46 8.59
C ARG A 65 30.29 -14.81 9.17
N ARG A 66 30.47 -16.06 9.60
CA ARG A 66 31.72 -16.48 10.22
C ARG A 66 32.28 -17.64 9.41
N HIS A 67 33.31 -17.35 8.61
CA HIS A 67 33.84 -18.33 7.66
C HIS A 67 34.65 -19.46 8.29
N ASP A 68 35.00 -19.30 9.56
CA ASP A 68 35.57 -20.40 10.34
C ASP A 68 34.51 -21.48 10.70
N VAL A 69 33.23 -21.13 10.59
CA VAL A 69 32.15 -22.12 10.84
C VAL A 69 32.03 -23.06 9.63
N LYS A 70 32.09 -24.37 9.91
CA LYS A 70 32.10 -25.40 8.87
C LYS A 70 30.85 -26.29 8.93
N VAL A 71 30.45 -26.79 7.76
CA VAL A 71 29.34 -27.74 7.68
C VAL A 71 29.89 -29.14 7.87
N ALA A 72 29.14 -29.95 8.61
CA ALA A 72 29.50 -31.34 8.85
C ALA A 72 28.29 -32.19 8.55
N LEU A 73 28.28 -32.69 7.32
CA LEU A 73 27.28 -33.61 6.84
C LEU A 73 27.62 -34.95 7.45
N GLU A 74 26.70 -35.53 8.22
CA GLU A 74 27.01 -36.77 8.95
C GLU A 74 26.41 -37.99 8.26
N ALA A 75 27.28 -38.74 7.58
CA ALA A 75 26.86 -39.93 6.84
C ALA A 75 26.16 -40.92 7.75
N GLU A 76 26.78 -41.18 8.89
CA GLU A 76 26.31 -42.21 9.82
C GLU A 76 24.82 -42.06 10.22
N GLN A 77 24.30 -40.83 10.16
CA GLN A 77 22.92 -40.56 10.58
C GLN A 77 21.90 -40.60 9.43
N CYS A 78 22.33 -40.31 8.20
CA CYS A 78 21.38 -40.14 7.09
C CYS A 78 21.80 -40.67 5.70
N ARG A 79 23.05 -41.09 5.53
CA ARG A 79 23.49 -41.57 4.21
C ARG A 79 22.68 -42.76 3.69
N ALA A 80 22.35 -43.70 4.58
CA ALA A 80 21.61 -44.90 4.21
C ALA A 80 20.24 -44.57 3.61
N ARG A 81 19.46 -43.72 4.29
CA ARG A 81 18.15 -43.33 3.74
C ARG A 81 18.30 -42.54 2.43
N VAL A 82 19.32 -41.69 2.35
CA VAL A 82 19.59 -40.98 1.09
C VAL A 82 19.83 -41.96 -0.06
N GLU A 83 20.66 -42.97 0.18
CA GLU A 83 20.96 -43.97 -0.85
C GLU A 83 19.77 -44.87 -1.20
N THR A 84 18.97 -45.26 -0.21
CA THR A 84 17.74 -46.01 -0.47
C THR A 84 16.82 -45.20 -1.40
N CYS A 85 16.67 -43.90 -1.11
CA CYS A 85 15.76 -43.03 -1.89
C CYS A 85 16.27 -42.83 -3.31
N SER A 86 17.59 -42.60 -3.44
CA SER A 86 18.23 -42.44 -4.73
C SER A 86 18.04 -43.66 -5.65
N SER A 87 18.26 -44.82 -5.07
CA SER A 87 18.15 -46.07 -5.78
C SER A 87 16.70 -46.33 -6.22
N TRP A 88 15.74 -46.07 -5.34
CA TRP A 88 14.32 -46.24 -5.64
C TRP A 88 13.92 -45.41 -6.85
N VAL A 89 14.30 -44.14 -6.86
CA VAL A 89 13.93 -43.24 -7.95
C VAL A 89 14.54 -43.69 -9.29
N GLN A 90 15.83 -44.03 -9.28
CA GLN A 90 16.49 -44.43 -10.52
C GLN A 90 15.86 -45.71 -11.09
N ARG A 91 15.67 -46.71 -10.24
CA ARG A 91 15.11 -47.99 -10.66
C ARG A 91 13.66 -47.86 -11.16
N LYS A 92 12.83 -47.10 -10.43
CA LYS A 92 11.44 -46.93 -10.84
C LYS A 92 11.32 -46.14 -12.14
N ALA A 93 12.14 -45.09 -12.26
CA ALA A 93 12.13 -44.31 -13.49
C ALA A 93 12.54 -45.17 -14.69
N GLU A 94 13.56 -46.01 -14.53
CA GLU A 94 13.96 -46.91 -15.62
C GLU A 94 12.89 -47.94 -15.97
N ASP A 95 12.05 -48.32 -15.00
CA ASP A 95 10.92 -49.22 -15.24
C ASP A 95 9.69 -48.52 -15.83
N GLY A 96 9.76 -47.20 -16.02
CA GLY A 96 8.64 -46.46 -16.58
C GLY A 96 7.50 -46.15 -15.62
N ALA A 97 7.78 -46.09 -14.32
CA ALA A 97 6.80 -45.58 -13.37
C ALA A 97 6.49 -44.12 -13.74
N ASP A 98 5.23 -43.75 -13.60
CA ASP A 98 4.74 -42.44 -14.00
C ASP A 98 4.93 -41.45 -12.84
N ILE A 99 6.00 -40.65 -12.89
CA ILE A 99 6.34 -39.73 -11.80
C ILE A 99 6.62 -38.32 -12.31
N ALA A 100 5.84 -37.37 -11.82
CA ALA A 100 5.90 -35.96 -12.25
C ALA A 100 7.29 -35.36 -12.16
N GLY A 101 7.76 -34.80 -13.27
CA GLY A 101 9.07 -34.16 -13.32
C GLY A 101 10.23 -35.14 -13.39
N VAL A 102 9.92 -36.44 -13.46
CA VAL A 102 10.90 -37.53 -13.50
C VAL A 102 10.74 -38.35 -14.79
N THR A 103 9.51 -38.82 -15.04
CA THR A 103 9.13 -39.38 -16.34
C THR A 103 8.02 -38.53 -17.02
N THR A 104 7.77 -37.32 -16.51
CA THR A 104 6.86 -36.39 -17.18
C THR A 104 7.45 -34.99 -17.23
N GLY A 105 6.81 -34.14 -18.03
CA GLY A 105 7.19 -32.73 -18.14
C GLY A 105 6.92 -31.94 -16.87
N PHE A 106 7.40 -30.70 -16.86
CA PHE A 106 7.37 -29.84 -15.68
C PHE A 106 6.19 -28.88 -15.67
N GLY A 107 5.61 -28.71 -14.50
CA GLY A 107 4.58 -27.71 -14.30
C GLY A 107 3.36 -27.96 -15.14
N ALA A 108 3.01 -26.98 -15.96
CA ALA A 108 1.85 -27.07 -16.86
C ALA A 108 2.03 -28.14 -17.95
N CYS A 109 3.25 -28.67 -18.09
CA CYS A 109 3.53 -29.65 -19.11
C CYS A 109 3.57 -31.08 -18.56
N SER A 110 2.91 -31.34 -17.43
CA SER A 110 3.00 -32.67 -16.78
C SER A 110 2.26 -33.79 -17.53
N SER A 111 1.49 -33.44 -18.57
CA SER A 111 0.85 -34.46 -19.42
C SER A 111 1.81 -35.15 -20.39
N ARG A 112 2.94 -34.50 -20.72
CA ARG A 112 3.97 -35.09 -21.59
C ARG A 112 4.80 -36.13 -20.86
N ARG A 113 4.86 -37.36 -21.37
CA ARG A 113 5.74 -38.39 -20.80
C ARG A 113 7.04 -38.54 -21.59
N THR A 114 8.12 -38.98 -20.92
CA THR A 114 9.37 -39.34 -21.61
C THR A 114 10.08 -40.47 -20.93
N ASN A 115 10.93 -41.17 -21.69
CA ASN A 115 11.92 -42.06 -21.09
C ASN A 115 13.34 -41.49 -21.15
N ARG A 116 13.49 -40.25 -21.63
CA ARG A 116 14.79 -39.60 -21.74
C ARG A 116 15.15 -38.93 -20.41
N LEU A 117 15.56 -39.77 -19.45
CA LEU A 117 15.59 -39.41 -18.02
C LEU A 117 16.59 -38.31 -17.66
N SER A 118 17.83 -38.45 -18.14
CA SER A 118 18.85 -37.45 -17.89
C SER A 118 18.61 -36.18 -18.67
N GLU A 119 18.19 -36.32 -19.93
CA GLU A 119 18.01 -35.15 -20.79
C GLU A 119 16.81 -34.28 -20.38
N LEU A 120 15.80 -34.90 -19.78
CA LEU A 120 14.70 -34.15 -19.15
C LEU A 120 15.23 -33.21 -18.07
N GLN A 121 16.13 -33.74 -17.23
CA GLN A 121 16.71 -32.98 -16.14
C GLN A 121 17.65 -31.88 -16.65
N GLU A 122 18.46 -32.20 -17.66
CA GLU A 122 19.30 -31.19 -18.30
C GLU A 122 18.46 -30.05 -18.91
N SER A 123 17.33 -30.40 -19.54
CA SER A 123 16.50 -29.41 -20.21
C SER A 123 15.88 -28.44 -19.21
N LEU A 124 15.62 -28.92 -18.00
CA LEU A 124 15.05 -28.10 -16.92
C LEU A 124 16.02 -27.02 -16.50
N ILE A 125 17.28 -27.40 -16.31
CA ILE A 125 18.28 -26.43 -15.89
C ILE A 125 18.51 -25.38 -16.98
N ARG A 126 18.61 -25.81 -18.24
CA ARG A 126 18.80 -24.86 -19.35
C ARG A 126 17.70 -23.80 -19.40
N CYS A 127 16.46 -24.27 -19.23
CA CYS A 127 15.30 -23.40 -19.26
C CYS A 127 15.26 -22.39 -18.09
N LEU A 128 15.81 -22.76 -16.93
CA LEU A 128 15.76 -21.91 -15.73
C LEU A 128 16.96 -20.97 -15.58
N LEU A 129 18.03 -21.17 -16.36
CA LEU A 129 19.13 -20.22 -16.33
C LEU A 129 18.68 -19.00 -17.10
N ALA A 130 17.86 -18.19 -16.46
CA ALA A 130 17.06 -17.19 -17.14
C ALA A 130 17.03 -15.86 -16.42
N GLY A 131 17.93 -15.67 -15.45
CA GLY A 131 18.05 -14.42 -14.75
C GLY A 131 18.93 -13.49 -15.55
N VAL A 132 19.00 -12.24 -15.09
CA VAL A 132 19.75 -11.18 -15.78
C VAL A 132 20.48 -10.35 -14.73
N PHE A 133 21.72 -9.97 -15.01
CA PHE A 133 22.46 -9.05 -14.14
C PHE A 133 22.23 -7.59 -14.55
N THR A 134 21.74 -6.78 -13.62
CA THR A 134 21.31 -5.39 -13.87
C THR A 134 22.46 -4.38 -13.79
N LEU A 144 22.11 -11.54 -5.92
CA LEU A 144 22.06 -11.93 -4.52
C LEU A 144 23.46 -11.98 -3.91
N PRO A 145 23.61 -11.57 -2.63
CA PRO A 145 24.94 -11.61 -2.03
C PRO A 145 25.42 -13.04 -1.73
N ALA A 146 26.73 -13.20 -1.59
CA ALA A 146 27.32 -14.51 -1.30
C ALA A 146 26.78 -15.10 -0.01
N THR A 147 26.50 -14.27 0.99
CA THR A 147 25.98 -14.75 2.26
C THR A 147 24.65 -15.50 2.08
N ALA A 148 23.76 -14.94 1.27
CA ALA A 148 22.45 -15.57 1.00
C ALA A 148 22.59 -16.82 0.14
N THR A 149 23.53 -16.78 -0.81
CA THR A 149 23.74 -17.91 -1.70
C THR A 149 24.29 -19.12 -0.95
N ARG A 150 25.29 -18.91 -0.09
CA ARG A 150 25.82 -19.99 0.75
C ARG A 150 24.76 -20.50 1.73
N SER A 151 23.99 -19.59 2.31
CA SER A 151 22.86 -19.95 3.17
C SER A 151 21.89 -20.85 2.43
N ALA A 152 21.57 -20.51 1.18
CA ALA A 152 20.68 -21.33 0.35
C ALA A 152 21.26 -22.71 0.07
N MET A 153 22.56 -22.75 -0.20
CA MET A 153 23.25 -24.02 -0.45
C MET A 153 23.13 -24.93 0.78
N LEU A 154 23.30 -24.34 1.96
CA LEU A 154 23.13 -25.06 3.22
C LEU A 154 21.72 -25.60 3.40
N LEU A 155 20.71 -24.76 3.14
CA LEU A 155 19.32 -25.18 3.31
C LEU A 155 18.90 -26.25 2.28
N ARG A 156 19.42 -26.16 1.06
CA ARG A 156 19.12 -27.19 0.06
C ARG A 156 19.72 -28.53 0.53
N LEU A 157 20.99 -28.50 0.93
CA LEU A 157 21.66 -29.68 1.49
C LEU A 157 20.88 -30.29 2.65
N ASN A 158 20.42 -29.45 3.57
CA ASN A 158 19.66 -29.92 4.71
C ASN A 158 18.36 -30.63 4.31
N SER A 159 17.64 -30.05 3.35
CA SER A 159 16.41 -30.64 2.83
C SER A 159 16.64 -32.07 2.35
N PHE A 160 17.79 -32.29 1.69
CA PHE A 160 18.13 -33.59 1.12
C PHE A 160 18.38 -34.69 2.17
N THR A 161 18.80 -34.30 3.38
CA THR A 161 19.11 -35.25 4.45
C THR A 161 17.87 -36.03 4.93
N TYR A 162 16.67 -35.50 4.67
CA TYR A 162 15.46 -36.21 5.12
C TYR A 162 15.16 -37.45 4.29
N GLY A 163 15.82 -37.60 3.14
CA GLY A 163 15.71 -38.80 2.32
C GLY A 163 14.45 -38.92 1.50
N CYS A 164 13.85 -37.79 1.12
CA CYS A 164 12.65 -37.77 0.28
C CYS A 164 12.92 -37.27 -1.13
N SER A 165 14.16 -36.87 -1.44
CA SER A 165 14.43 -36.15 -2.68
C SER A 165 14.90 -36.99 -3.87
N GLY A 166 15.65 -38.06 -3.60
CA GLY A 166 16.20 -38.91 -4.65
C GLY A 166 17.55 -38.45 -5.19
N ILE A 167 18.09 -37.38 -4.62
CA ILE A 167 19.40 -36.89 -5.04
C ILE A 167 20.47 -37.89 -4.56
N ARG A 168 21.58 -37.97 -5.29
CA ARG A 168 22.69 -38.84 -4.87
C ARG A 168 23.49 -38.25 -3.71
N TRP A 169 23.95 -39.14 -2.84
CA TRP A 169 24.77 -38.76 -1.69
C TRP A 169 26.00 -37.99 -2.14
N GLU A 170 26.55 -38.37 -3.30
CA GLU A 170 27.75 -37.73 -3.83
C GLU A 170 27.51 -36.24 -4.16
N VAL A 171 26.30 -35.91 -4.59
CA VAL A 171 25.91 -34.51 -4.84
C VAL A 171 25.86 -33.73 -3.53
N MET A 172 25.33 -34.37 -2.48
CA MET A 172 25.30 -33.76 -1.16
C MET A 172 26.73 -33.52 -0.65
N GLU A 173 27.61 -34.52 -0.81
CA GLU A 173 29.04 -34.34 -0.51
C GLU A 173 29.67 -33.15 -1.22
N ALA A 174 29.31 -32.95 -2.47
CA ALA A 174 29.84 -31.83 -3.25
C ALA A 174 29.35 -30.49 -2.69
N LEU A 175 28.08 -30.42 -2.31
CA LEU A 175 27.56 -29.21 -1.66
C LEU A 175 28.32 -28.87 -0.39
N GLU A 176 28.55 -29.86 0.47
CA GLU A 176 29.33 -29.68 1.70
C GLU A 176 30.74 -29.16 1.39
N LYS A 177 31.36 -29.73 0.36
CA LYS A 177 32.71 -29.31 -0.05
C LYS A 177 32.74 -27.88 -0.60
N LEU A 178 31.73 -27.52 -1.40
CA LEU A 178 31.68 -26.15 -1.93
C LEU A 178 31.45 -25.14 -0.80
N LEU A 179 30.56 -25.50 0.13
CA LEU A 179 30.30 -24.65 1.29
C LEU A 179 31.58 -24.37 2.09
N ASN A 180 32.30 -25.45 2.41
CA ASN A 180 33.52 -25.34 3.21
C ASN A 180 34.73 -24.75 2.46
N SER A 181 34.66 -24.72 1.13
CA SER A 181 35.72 -24.13 0.31
C SER A 181 35.36 -22.71 -0.16
N ASN A 182 34.23 -22.20 0.31
CA ASN A 182 33.81 -20.86 -0.05
C ASN A 182 33.60 -20.59 -1.54
N VAL A 183 33.11 -21.62 -2.24
CA VAL A 183 32.74 -21.51 -3.63
C VAL A 183 31.22 -21.31 -3.70
N SER A 184 30.78 -20.30 -4.45
CA SER A 184 29.33 -20.11 -4.68
C SER A 184 29.08 -19.44 -6.02
N PRO A 185 27.95 -19.76 -6.65
CA PRO A 185 27.66 -19.15 -7.93
C PRO A 185 27.21 -17.70 -7.75
N LYS A 186 27.53 -16.87 -8.74
CA LYS A 186 26.99 -15.52 -8.84
C LYS A 186 25.55 -15.61 -9.33
N VAL A 187 24.61 -15.13 -8.54
CA VAL A 187 23.18 -15.34 -8.85
C VAL A 187 22.46 -14.00 -9.07
N PRO A 188 21.74 -13.86 -10.19
CA PRO A 188 20.83 -12.73 -10.41
C PRO A 188 19.79 -12.54 -9.30
N LEU A 189 19.45 -11.28 -9.04
CA LEU A 189 18.58 -10.90 -7.92
C LEU A 189 17.16 -11.44 -8.06
N ARG A 190 16.61 -11.27 -9.24
CA ARG A 190 15.18 -11.44 -9.50
C ARG A 190 14.84 -12.60 -10.42
N GLY A 191 13.57 -13.00 -10.38
CA GLY A 191 13.06 -14.07 -11.20
C GLY A 191 12.24 -15.11 -10.47
N SER A 192 12.37 -15.18 -9.14
CA SER A 192 11.63 -16.18 -8.34
C SER A 192 10.29 -15.67 -7.81
N VAL A 193 9.25 -16.50 -7.89
CA VAL A 193 7.97 -16.31 -7.18
C VAL A 193 7.83 -17.33 -6.03
N SER A 194 8.97 -17.98 -5.69
CA SER A 194 9.06 -18.91 -4.57
C SER A 194 7.92 -19.95 -4.50
N ASP A 196 11.96 -21.61 -5.48
CA ASP A 196 12.99 -20.63 -5.94
C ASP A 196 13.76 -21.18 -7.14
N LEU A 197 13.01 -21.47 -8.21
CA LEU A 197 13.51 -22.22 -9.36
C LEU A 197 14.71 -21.54 -10.04
N ILE A 198 14.56 -20.29 -10.42
CA ILE A 198 15.65 -19.62 -11.17
C ILE A 198 16.93 -19.51 -10.34
N PRO A 199 16.87 -18.93 -9.13
CA PRO A 199 18.14 -18.78 -8.42
C PRO A 199 18.76 -20.12 -8.03
N LEU A 200 17.93 -21.10 -7.69
CA LEU A 200 18.46 -22.46 -7.40
C LEU A 200 19.14 -23.12 -8.61
N ALA A 201 18.68 -22.78 -9.81
CA ALA A 201 19.25 -23.28 -11.05
C ALA A 201 20.73 -22.89 -11.23
N TYR A 202 21.16 -21.82 -10.58
CA TYR A 202 22.56 -21.39 -10.66
C TYR A 202 23.46 -22.28 -9.78
N ILE A 203 22.91 -22.77 -8.67
CA ILE A 203 23.59 -23.77 -7.85
C ILE A 203 23.67 -25.10 -8.62
N ALA A 204 22.56 -25.50 -9.24
CA ALA A 204 22.57 -26.66 -10.11
C ALA A 204 23.58 -26.50 -11.25
N GLY A 205 23.64 -25.31 -11.83
CA GLY A 205 24.54 -25.03 -12.94
C GLY A 205 26.03 -25.11 -12.60
N LEU A 206 26.38 -24.70 -11.38
CA LEU A 206 27.73 -24.87 -10.85
C LEU A 206 28.05 -26.36 -10.76
N LEU A 207 27.12 -27.12 -10.18
CA LEU A 207 27.31 -28.55 -9.97
C LEU A 207 27.50 -29.36 -11.26
N ILE A 208 26.88 -28.92 -12.36
CA ILE A 208 27.02 -29.60 -13.65
C ILE A 208 28.05 -28.93 -14.55
N GLY A 209 28.76 -27.93 -14.02
CA GLY A 209 29.82 -27.25 -14.75
C GLY A 209 29.40 -26.49 -16.00
N LYS A 210 28.29 -25.76 -15.92
CA LYS A 210 27.87 -24.90 -17.03
C LYS A 210 28.90 -23.77 -17.21
N PRO A 211 29.47 -23.62 -18.41
CA PRO A 211 30.49 -22.58 -18.61
C PRO A 211 29.94 -21.16 -18.40
N SER A 212 28.65 -20.98 -18.68
CA SER A 212 28.01 -19.67 -18.54
C SER A 212 27.82 -19.22 -17.09
N VAL A 213 27.90 -20.15 -16.14
CA VAL A 213 27.74 -19.82 -14.72
C VAL A 213 29.09 -19.42 -14.13
N ILE A 214 29.13 -18.26 -13.48
CA ILE A 214 30.34 -17.75 -12.84
C ILE A 214 30.30 -18.05 -11.35
N ALA A 215 31.42 -18.53 -10.82
CA ALA A 215 31.53 -18.89 -9.41
C ALA A 215 32.54 -17.99 -8.70
N ARG A 216 32.20 -17.55 -7.48
CA ARG A 216 33.16 -16.90 -6.58
C ARG A 216 33.92 -17.97 -5.80
N ILE A 217 35.23 -17.75 -5.62
CA ILE A 217 36.01 -18.51 -4.65
C ILE A 217 36.58 -17.50 -3.66
N GLY A 218 35.96 -17.42 -2.49
CA GLY A 218 36.26 -16.35 -1.55
C GLY A 218 35.89 -14.98 -2.09
N ASP A 219 36.57 -13.95 -1.59
CA ASP A 219 36.16 -12.56 -1.81
C ASP A 219 36.62 -11.93 -3.12
N ASP A 220 37.74 -12.40 -3.68
CA ASP A 220 38.28 -11.74 -4.88
C ASP A 220 38.87 -12.70 -5.91
N VAL A 221 38.09 -13.73 -6.21
CA VAL A 221 38.33 -14.62 -7.35
C VAL A 221 36.96 -14.94 -7.95
N GLU A 222 36.85 -14.81 -9.26
CA GLU A 222 35.68 -15.28 -9.99
C GLU A 222 36.15 -16.03 -11.21
N VAL A 223 35.68 -17.26 -11.36
CA VAL A 223 36.01 -18.07 -12.52
C VAL A 223 34.78 -18.81 -12.99
N PRO A 224 34.77 -19.25 -14.26
CA PRO A 224 33.65 -20.05 -14.72
C PRO A 224 33.51 -21.34 -13.92
N ALA A 225 32.27 -21.81 -13.78
CA ALA A 225 31.96 -23.01 -13.00
C ALA A 225 32.90 -24.22 -13.21
N PRO A 226 33.18 -24.61 -14.46
CA PRO A 226 34.05 -25.79 -14.61
C PRO A 226 35.42 -25.61 -13.94
N GLU A 227 35.98 -24.41 -14.05
CA GLU A 227 37.28 -24.12 -13.41
C GLU A 227 37.18 -24.17 -11.89
N ALA A 228 36.09 -23.63 -11.33
CA ALA A 228 35.86 -23.68 -9.88
C ALA A 228 35.80 -25.11 -9.35
N LEU A 229 35.09 -26.00 -10.07
CA LEU A 229 34.99 -27.40 -9.66
C LEU A 229 36.38 -28.05 -9.65
N SER A 230 37.14 -27.79 -10.70
CA SER A 230 38.54 -28.24 -10.81
C SER A 230 39.36 -27.86 -9.58
N ARG A 231 39.29 -26.58 -9.19
CA ARG A 231 40.10 -26.05 -8.09
C ARG A 231 39.81 -26.66 -6.72
N VAL A 232 38.60 -27.17 -6.53
CA VAL A 232 38.26 -27.84 -5.28
C VAL A 232 38.29 -29.36 -5.39
N GLY A 233 38.76 -29.89 -6.52
CA GLY A 233 38.89 -31.33 -6.71
C GLY A 233 37.58 -32.05 -6.98
N LEU A 234 36.67 -31.39 -7.69
CA LEU A 234 35.40 -32.00 -8.10
C LEU A 234 35.33 -32.10 -9.62
N ARG A 235 34.45 -32.97 -10.10
CA ARG A 235 34.14 -33.07 -11.52
C ARG A 235 32.65 -32.74 -11.73
N PRO A 236 32.31 -32.20 -12.91
CA PRO A 236 30.91 -31.87 -13.22
C PRO A 236 30.01 -33.09 -13.12
N PHE A 237 28.86 -32.92 -12.49
CA PHE A 237 27.90 -34.02 -12.40
C PHE A 237 27.07 -34.15 -13.68
N LYS A 238 26.71 -35.38 -13.99
CA LYS A 238 25.75 -35.69 -15.03
C LYS A 238 24.44 -36.03 -14.30
N LEU A 239 23.42 -35.21 -14.48
CA LEU A 239 22.16 -35.36 -13.74
C LEU A 239 21.47 -36.68 -14.05
N GLN A 240 21.06 -37.38 -12.99
CA GLN A 240 20.28 -38.61 -13.11
C GLN A 240 18.82 -38.30 -12.87
N ALA A 241 17.96 -39.32 -12.94
CA ALA A 241 16.52 -39.13 -12.77
C ALA A 241 16.20 -38.28 -11.54
N LYS A 242 15.35 -37.26 -11.75
CA LYS A 242 14.84 -36.36 -10.71
C LYS A 242 15.87 -35.39 -10.12
N GLU A 243 17.13 -35.47 -10.52
CA GLU A 243 18.16 -34.68 -9.84
C GLU A 243 18.10 -33.17 -10.13
N GLY A 244 17.80 -32.81 -11.37
CA GLY A 244 17.56 -31.42 -11.75
C GLY A 244 16.44 -30.83 -10.91
N LEU A 245 15.30 -31.50 -10.93
CA LEU A 245 14.13 -31.07 -10.15
C LEU A 245 14.41 -30.97 -8.66
N ALA A 246 15.11 -31.97 -8.12
CA ALA A 246 15.45 -31.98 -6.69
C ALA A 246 16.28 -30.77 -6.32
N LEU A 247 17.21 -30.41 -7.17
CA LEU A 247 18.08 -29.28 -6.91
C LEU A 247 17.33 -27.94 -6.93
N VAL A 248 16.32 -27.80 -7.81
CA VAL A 248 15.65 -26.51 -8.01
C VAL A 248 14.26 -26.37 -7.35
N ASN A 249 13.65 -27.46 -6.91
CA ASN A 249 12.24 -27.44 -6.47
C ASN A 249 12.03 -27.16 -4.96
N GLY A 250 12.68 -26.13 -4.43
CA GLY A 250 12.61 -25.84 -3.01
C GLY A 250 12.48 -24.36 -2.68
N THR A 251 12.52 -24.06 -1.37
CA THR A 251 12.33 -22.72 -0.83
C THR A 251 13.62 -22.14 -0.25
N SER A 252 14.75 -22.64 -0.74
CA SER A 252 16.05 -22.38 -0.10
C SER A 252 16.51 -20.92 -0.11
N PHE A 253 16.22 -20.16 -1.16
CA PHE A 253 16.65 -18.75 -1.18
C PHE A 253 15.77 -17.85 -0.29
N ALA A 254 14.45 -17.98 -0.41
CA ALA A 254 13.53 -17.23 0.46
C ALA A 254 13.80 -17.52 1.94
N THR A 255 13.96 -18.80 2.25
CA THR A 255 14.19 -19.21 3.61
C THR A 255 15.60 -18.82 4.11
N ALA A 256 16.61 -18.80 3.24
CA ALA A 256 17.94 -18.31 3.62
C ALA A 256 17.93 -16.82 4.03
N VAL A 257 17.37 -15.97 3.17
CA VAL A 257 17.21 -14.56 3.48
C VAL A 257 16.34 -14.42 4.72
N ALA A 258 15.24 -15.18 4.78
CA ALA A 258 14.36 -15.12 5.96
C ALA A 258 15.07 -15.46 7.26
N SER A 259 16.02 -16.40 7.20
CA SER A 259 16.75 -16.82 8.41
C SER A 259 17.63 -15.73 9.00
N THR A 260 18.45 -15.09 8.16
CA THR A 260 19.26 -13.98 8.65
C THR A 260 18.42 -12.74 9.01
N VAL A 261 17.34 -12.54 8.27
CA VAL A 261 16.32 -11.55 8.64
C VAL A 261 15.83 -11.79 10.07
N MET A 262 15.42 -13.01 10.37
CA MET A 262 14.86 -13.30 11.69
C MET A 262 15.93 -13.26 12.80
N TYR A 263 17.16 -13.70 12.50
CA TYR A 263 18.21 -13.59 13.50
C TYR A 263 18.37 -12.12 13.87
N ASP A 264 18.50 -11.27 12.86
CA ASP A 264 18.68 -9.85 13.07
C ASP A 264 17.48 -9.20 13.77
N ALA A 265 16.28 -9.62 13.43
CA ALA A 265 15.08 -9.03 14.02
C ALA A 265 15.01 -9.31 15.51
N ASN A 266 15.38 -10.54 15.92
CA ASN A 266 15.48 -10.88 17.34
C ASN A 266 16.48 -9.98 18.09
N VAL A 267 17.69 -9.88 17.56
CA VAL A 267 18.74 -9.08 18.18
C VAL A 267 18.33 -7.60 18.28
N LEU A 268 17.84 -7.04 17.17
CA LEU A 268 17.48 -5.63 17.12
C LEU A 268 16.23 -5.36 17.97
N LEU A 269 15.30 -6.31 18.01
CA LEU A 269 14.16 -6.19 18.92
C LEU A 269 14.62 -6.04 20.35
N LEU A 270 15.53 -6.91 20.77
CA LEU A 270 15.97 -6.89 22.16
C LEU A 270 16.74 -5.58 22.46
N LEU A 271 17.53 -5.12 21.49
CA LEU A 271 18.28 -3.87 21.61
C LEU A 271 17.33 -2.67 21.76
N VAL A 272 16.26 -2.63 20.97
CA VAL A 272 15.25 -1.57 21.09
C VAL A 272 14.56 -1.60 22.48
N GLU A 273 14.10 -2.77 22.93
CA GLU A 273 13.43 -2.88 24.25
C GLU A 273 14.36 -2.37 25.36
N THR A 274 15.61 -2.80 25.29
CA THR A 274 16.62 -2.44 26.27
C THR A 274 16.86 -0.93 26.28
N LEU A 275 16.99 -0.34 25.11
CA LEU A 275 17.21 1.09 25.00
C LEU A 275 15.98 1.95 25.36
N CYS A 276 14.79 1.36 25.47
CA CYS A 276 13.66 2.08 26.07
C CYS A 276 13.99 2.50 27.51
N GLY A 277 14.74 1.64 28.21
CA GLY A 277 15.18 1.94 29.55
C GLY A 277 16.20 3.06 29.60
N MET A 278 17.16 3.07 28.66
CA MET A 278 18.10 4.17 28.55
C MET A 278 17.36 5.48 28.18
N PHE A 279 16.36 5.40 27.31
CA PHE A 279 15.51 6.56 27.03
C PHE A 279 14.87 7.13 28.30
N CYS A 280 14.32 6.26 29.14
CA CYS A 280 13.70 6.70 30.40
C CYS A 280 14.70 7.46 31.28
N GLU A 281 15.92 6.93 31.41
CA GLU A 281 16.93 7.58 32.24
C GLU A 281 17.23 9.01 31.78
N VAL A 282 17.49 9.21 30.48
CA VAL A 282 17.92 10.52 29.98
C VAL A 282 16.77 11.52 29.79
N ILE A 283 15.55 11.04 29.58
CA ILE A 283 14.38 11.92 29.39
C ILE A 283 13.74 12.34 30.72
N PHE A 284 14.23 11.81 31.84
CA PHE A 284 13.57 11.91 33.17
C PHE A 284 12.14 11.35 33.14
N GLY A 285 12.05 10.08 32.78
CA GLY A 285 10.78 9.35 32.82
C GLY A 285 10.45 8.88 34.21
N ARG A 286 9.19 8.47 34.39
CA ARG A 286 8.71 7.87 35.63
C ARG A 286 8.65 6.36 35.39
N GLU A 287 9.53 5.62 36.05
CA GLU A 287 9.64 4.16 35.83
C GLU A 287 8.37 3.36 36.16
N GLU A 288 7.45 3.96 36.90
CA GLU A 288 6.17 3.31 37.24
C GLU A 288 5.41 2.73 36.04
N PHE A 289 5.64 3.23 34.82
CA PHE A 289 4.97 2.67 33.62
C PHE A 289 5.22 1.18 33.45
N ALA A 290 6.33 0.68 34.01
CA ALA A 290 6.73 -0.73 33.89
C ALA A 290 6.32 -1.60 35.11
N HIS A 291 5.53 -1.03 36.02
CA HIS A 291 5.10 -1.73 37.24
C HIS A 291 4.33 -2.99 36.89
N PRO A 292 4.69 -4.13 37.51
CA PRO A 292 4.14 -5.42 37.06
C PRO A 292 2.61 -5.58 37.16
N LEU A 293 1.95 -4.88 38.07
CA LEU A 293 0.49 -4.98 38.18
C LEU A 293 -0.23 -4.39 36.98
N ILE A 294 0.34 -3.34 36.38
CA ILE A 294 -0.28 -2.73 35.19
C ILE A 294 -0.43 -3.78 34.09
N HIS A 295 0.62 -4.57 33.91
CA HIS A 295 0.72 -5.51 32.82
C HIS A 295 0.10 -6.85 33.18
N LYS A 296 0.07 -7.18 34.47
CA LYS A 296 -0.67 -8.36 34.95
C LYS A 296 -2.17 -8.29 34.56
N VAL A 297 -2.77 -7.10 34.64
CA VAL A 297 -4.20 -6.95 34.29
C VAL A 297 -4.47 -6.73 32.79
N LYS A 298 -3.42 -6.70 31.98
CA LYS A 298 -3.54 -6.71 30.52
C LYS A 298 -2.44 -7.61 29.98
N PRO A 299 -2.61 -8.93 30.19
CA PRO A 299 -1.48 -9.87 30.15
C PRO A 299 -1.04 -10.40 28.78
N HIS A 300 -0.89 -9.52 27.79
CA HIS A 300 -0.24 -9.89 26.54
C HIS A 300 1.20 -10.28 26.92
N PRO A 301 1.64 -11.50 26.52
CA PRO A 301 2.94 -11.97 27.00
C PRO A 301 4.10 -11.04 26.67
N GLY A 302 4.09 -10.44 25.48
CA GLY A 302 5.12 -9.46 25.11
C GLY A 302 5.08 -8.18 25.94
N GLN A 303 3.90 -7.82 26.43
CA GLN A 303 3.72 -6.65 27.30
C GLN A 303 4.28 -6.95 28.69
N ILE A 304 3.93 -8.10 29.26
CA ILE A 304 4.48 -8.52 30.55
C ILE A 304 6.00 -8.62 30.50
N GLU A 305 6.51 -9.25 29.45
CA GLU A 305 7.93 -9.58 29.38
C GLU A 305 8.81 -8.36 29.13
N SER A 306 8.35 -7.43 28.29
CA SER A 306 9.08 -6.17 28.04
C SER A 306 9.11 -5.31 29.31
N ALA A 307 7.96 -5.22 29.98
CA ALA A 307 7.85 -4.45 31.23
C ALA A 307 8.77 -5.02 32.32
N GLU A 308 8.83 -6.33 32.38
CA GLU A 308 9.69 -7.05 33.34
C GLU A 308 11.15 -6.67 33.15
N LEU A 309 11.58 -6.66 31.90
CA LEU A 309 12.94 -6.23 31.58
C LEU A 309 13.16 -4.78 32.01
N LEU A 310 12.20 -3.90 31.68
CA LEU A 310 12.36 -2.48 31.96
C LEU A 310 12.36 -2.15 33.46
N GLU A 311 11.46 -2.75 34.23
CA GLU A 311 11.47 -2.60 35.69
C GLU A 311 12.84 -2.96 36.28
N TRP A 312 13.41 -4.05 35.80
CA TRP A 312 14.68 -4.56 36.30
C TRP A 312 15.82 -3.62 35.93
N LEU A 313 15.85 -3.19 34.67
CA LEU A 313 16.85 -2.21 34.22
C LEU A 313 16.81 -0.89 34.99
N LEU A 314 15.64 -0.50 35.49
CA LEU A 314 15.46 0.83 36.07
C LEU A 314 15.45 0.84 37.61
N ARG A 315 15.40 -0.35 38.22
CA ARG A 315 15.19 -0.52 39.67
C ARG A 315 16.12 0.31 40.59
N SER A 316 17.42 0.29 40.32
CA SER A 316 18.35 1.02 41.21
C SER A 316 19.00 2.19 40.50
N SER A 317 18.27 2.81 39.57
CA SER A 317 18.88 3.75 38.65
C SER A 317 19.31 5.05 39.31
N PRO A 318 20.60 5.43 39.17
CA PRO A 318 20.98 6.76 39.63
C PRO A 318 20.26 7.90 38.88
N PHE A 319 19.87 7.65 37.63
CA PHE A 319 19.15 8.66 36.84
C PHE A 319 17.69 8.79 37.29
N GLN A 320 17.04 7.68 37.64
CA GLN A 320 15.69 7.75 38.22
C GLN A 320 15.70 8.52 39.55
N GLU A 321 16.85 8.53 40.24
CA GLU A 321 16.98 9.39 41.42
C GLU A 321 16.92 10.86 41.03
N LEU A 322 17.69 11.26 40.01
CA LEU A 322 17.64 12.64 39.52
C LEU A 322 16.23 12.98 39.05
N SER A 323 15.59 12.04 38.37
CA SER A 323 14.21 12.25 37.89
C SER A 323 13.27 12.56 39.06
N ARG A 324 13.30 11.74 40.10
CA ARG A 324 12.48 11.99 41.30
C ARG A 324 12.74 13.38 41.91
N GLU A 325 14.02 13.77 42.02
CA GLU A 325 14.37 15.10 42.53
C GLU A 325 13.80 16.19 41.62
N TYR A 326 13.92 16.01 40.30
CA TYR A 326 13.41 17.00 39.33
C TYR A 326 11.92 17.29 39.49
N TYR A 327 11.13 16.23 39.63
CA TYR A 327 9.68 16.42 39.74
C TYR A 327 9.24 16.87 41.14
N SER A 328 10.13 16.78 42.14
CA SER A 328 9.79 17.29 43.48
C SER A 328 9.96 18.83 43.55
N ILE A 329 10.61 19.42 42.56
CA ILE A 329 10.79 20.86 42.44
C ILE A 329 9.74 21.43 41.51
N ASP A 330 8.86 22.29 42.03
CA ASP A 330 7.71 22.84 41.28
C ASP A 330 6.85 21.71 40.74
N LYS A 331 6.55 20.76 41.60
CA LYS A 331 5.83 19.54 41.24
C LYS A 331 4.51 19.79 40.53
N LEU A 332 3.77 20.81 40.98
CA LEU A 332 2.44 21.08 40.44
C LEU A 332 2.46 21.89 39.15
N LYS A 333 3.65 22.25 38.67
CA LYS A 333 3.79 22.89 37.37
C LYS A 333 4.42 21.96 36.30
N LYS A 334 4.69 20.71 36.66
CA LYS A 334 5.27 19.72 35.74
C LYS A 334 4.32 18.55 35.47
N PRO A 335 4.46 17.88 34.30
CA PRO A 335 3.51 16.80 33.94
C PRO A 335 3.48 15.63 34.93
N LYS A 336 2.30 15.10 35.19
CA LYS A 336 2.14 13.98 36.11
C LYS A 336 2.59 12.66 35.51
N GLN A 337 2.48 12.53 34.19
CA GLN A 337 2.94 11.34 33.48
C GLN A 337 3.69 11.67 32.21
N ASP A 338 4.42 10.69 31.73
CA ASP A 338 5.22 10.82 30.53
C ASP A 338 4.36 10.70 29.27
N ARG A 339 4.90 11.21 28.17
CA ARG A 339 4.30 10.99 26.84
C ARG A 339 4.40 9.53 26.38
N TYR A 340 3.59 9.18 25.39
CA TYR A 340 3.38 7.76 25.03
C TYR A 340 4.63 7.01 24.57
N ALA A 341 5.54 7.67 23.86
CA ALA A 341 6.73 6.97 23.31
C ALA A 341 7.49 6.21 24.38
N LEU A 342 7.46 6.71 25.62
CA LEU A 342 7.97 5.96 26.77
C LEU A 342 6.86 5.18 27.50
N ARG A 343 5.84 5.90 27.98
CA ARG A 343 4.85 5.32 28.92
C ARG A 343 4.09 4.15 28.34
N SER A 344 3.84 4.20 27.04
CA SER A 344 3.11 3.15 26.33
C SER A 344 4.05 2.16 25.62
N SER A 345 5.35 2.17 25.91
CA SER A 345 6.26 1.31 25.18
C SER A 345 6.01 -0.21 25.40
N PRO A 346 5.68 -0.65 26.63
CA PRO A 346 5.41 -2.09 26.72
C PRO A 346 4.18 -2.54 25.93
N GLN A 347 3.13 -1.72 25.95
CA GLN A 347 1.92 -2.05 25.21
C GLN A 347 2.21 -2.09 23.69
N TRP A 348 3.02 -1.14 23.24
CA TRP A 348 3.43 -1.04 21.84
C TRP A 348 4.30 -2.23 21.43
N LEU A 349 5.27 -2.55 22.28
CA LEU A 349 6.19 -3.66 22.00
C LEU A 349 5.52 -5.04 21.95
N ALA A 350 4.42 -5.20 22.68
CA ALA A 350 3.82 -6.52 22.83
C ALA A 350 3.57 -7.28 21.50
N PRO A 351 2.84 -6.68 20.53
CA PRO A 351 2.65 -7.42 19.28
C PRO A 351 3.92 -7.60 18.46
N LEU A 352 4.86 -6.67 18.59
CA LEU A 352 6.12 -6.73 17.85
C LEU A 352 6.96 -7.91 18.33
N VAL A 353 7.02 -8.08 19.65
CA VAL A 353 7.70 -9.22 20.27
C VAL A 353 7.09 -10.53 19.77
N GLN A 354 5.77 -10.62 19.87
CA GLN A 354 5.06 -11.85 19.55
C GLN A 354 5.20 -12.21 18.07
N THR A 355 5.19 -11.21 17.21
CA THR A 355 5.30 -11.43 15.76
C THR A 355 6.69 -11.94 15.42
N ILE A 356 7.71 -11.32 16.01
CA ILE A 356 9.08 -11.69 15.69
C ILE A 356 9.42 -13.11 16.22
N ARG A 357 8.95 -13.42 17.43
CA ARG A 357 9.14 -14.75 17.99
C ARG A 357 8.36 -15.81 17.20
N ASP A 358 7.09 -15.58 16.92
CA ASP A 358 6.31 -16.54 16.13
C ASP A 358 6.91 -16.76 14.74
N ALA A 359 7.35 -15.67 14.08
CA ALA A 359 7.96 -15.77 12.75
C ALA A 359 9.25 -16.59 12.75
N THR A 360 10.02 -16.49 13.83
CA THR A 360 11.25 -17.27 13.99
C THR A 360 10.94 -18.79 13.99
N THR A 361 9.92 -19.20 14.73
CA THR A 361 9.48 -20.60 14.78
C THR A 361 9.11 -21.11 13.38
N THR A 362 8.32 -20.32 12.65
CA THR A 362 7.89 -20.67 11.30
C THR A 362 9.04 -20.78 10.30
N VAL A 363 9.96 -19.83 10.34
CA VAL A 363 11.12 -19.89 9.44
C VAL A 363 12.00 -21.11 9.74
N GLU A 364 12.19 -21.42 11.02
CA GLU A 364 12.99 -22.60 11.39
C GLU A 364 12.30 -23.91 10.99
N THR A 365 10.97 -23.98 11.05
CA THR A 365 10.25 -25.14 10.55
C THR A 365 10.51 -25.36 9.05
N GLU A 366 10.55 -24.28 8.29
CA GLU A 366 10.89 -24.38 6.87
C GLU A 366 12.34 -24.78 6.63
N VAL A 367 13.26 -24.26 7.42
CA VAL A 367 14.69 -24.61 7.32
C VAL A 367 14.84 -26.12 7.49
N ASN A 368 14.14 -26.68 8.47
CA ASN A 368 14.18 -28.12 8.74
C ASN A 368 13.00 -28.87 8.10
N SER A 369 12.89 -28.78 6.78
CA SER A 369 11.78 -29.41 6.06
C SER A 369 12.28 -30.04 4.78
N ALA A 370 11.55 -31.03 4.28
CA ALA A 370 11.75 -31.51 2.91
C ALA A 370 10.87 -30.68 2.00
N ASN A 371 11.41 -29.52 1.61
CA ASN A 371 10.78 -28.66 0.61
C ASN A 371 11.25 -29.15 -0.75
N ASP A 372 10.45 -30.04 -1.34
CA ASP A 372 10.77 -30.70 -2.60
C ASP A 372 9.48 -31.40 -3.08
N ASN A 373 9.46 -31.79 -4.35
CA ASN A 373 8.33 -32.56 -4.89
C ASN A 373 8.73 -33.27 -6.19
N PRO A 374 8.23 -34.51 -6.39
CA PRO A 374 7.50 -35.38 -5.48
C PRO A 374 8.29 -35.77 -4.24
N ILE A 375 7.55 -36.14 -3.18
CA ILE A 375 8.12 -36.66 -1.96
C ILE A 375 8.19 -38.18 -2.14
N ILE A 376 9.41 -38.72 -2.11
CA ILE A 376 9.60 -40.18 -2.29
C ILE A 376 9.41 -40.93 -0.97
N ASP A 377 8.29 -41.64 -0.85
CA ASP A 377 8.01 -42.51 0.29
C ASP A 377 8.46 -43.94 -0.06
N HIS A 378 9.78 -44.14 -0.07
CA HIS A 378 10.36 -45.43 -0.47
C HIS A 378 9.91 -46.60 0.41
N ALA A 379 9.71 -46.34 1.71
CA ALA A 379 9.24 -47.36 2.63
C ALA A 379 7.92 -48.00 2.20
N ASN A 380 7.07 -47.21 1.55
CA ASN A 380 5.77 -47.70 1.08
C ASN A 380 5.71 -47.76 -0.44
N ASP A 381 6.89 -47.70 -1.07
CA ASP A 381 7.03 -47.93 -2.50
C ASP A 381 6.15 -47.00 -3.34
N ARG A 382 6.17 -45.70 -3.02
CA ARG A 382 5.41 -44.73 -3.82
C ARG A 382 6.03 -43.34 -3.80
N ALA A 383 5.76 -42.59 -4.86
CA ALA A 383 6.12 -41.18 -4.98
C ALA A 383 4.86 -40.37 -4.72
N LEU A 384 4.95 -39.38 -3.83
CA LEU A 384 3.79 -38.60 -3.41
C LEU A 384 3.81 -37.19 -4.03
N HIS A 385 2.71 -36.85 -4.69
CA HIS A 385 2.59 -35.61 -5.46
C HIS A 385 1.86 -34.52 -4.68
N GLY A 386 2.61 -33.48 -4.35
CA GLY A 386 2.16 -32.41 -3.45
C GLY A 386 2.82 -31.09 -3.84
N ALA A 387 2.99 -30.19 -2.87
CA ALA A 387 3.51 -28.83 -3.17
C ALA A 387 4.40 -28.24 -2.07
N ASN A 388 5.29 -29.04 -1.51
CA ASN A 388 6.20 -28.55 -0.47
C ASN A 388 7.23 -27.51 -0.96
N PHE A 389 7.25 -27.23 -2.25
CA PHE A 389 8.06 -26.13 -2.80
C PHE A 389 7.38 -24.79 -2.55
N GLN A 390 6.13 -24.79 -2.06
CA GLN A 390 5.34 -23.56 -1.93
C GLN A 390 5.79 -22.81 -0.68
N GLY A 391 6.39 -21.63 -0.86
CA GLY A 391 6.98 -20.89 0.26
C GLY A 391 6.05 -19.94 1.02
N SER A 392 4.77 -20.29 1.13
CA SER A 392 3.77 -19.37 1.66
C SER A 392 3.90 -19.10 3.17
N ALA A 393 4.26 -20.11 3.96
CA ALA A 393 4.49 -19.86 5.39
C ALA A 393 5.52 -18.74 5.59
N VAL A 394 6.66 -18.85 4.91
CA VAL A 394 7.69 -17.80 4.95
C VAL A 394 7.20 -16.45 4.40
N GLY A 395 6.56 -16.49 3.23
CA GLY A 395 6.10 -15.27 2.55
C GLY A 395 5.19 -14.44 3.42
N PHE A 396 4.13 -15.06 3.95
CA PHE A 396 3.20 -14.33 4.80
C PHE A 396 3.86 -13.78 6.06
N TYR A 397 4.71 -14.57 6.72
CA TYR A 397 5.34 -14.10 7.94
C TYR A 397 6.38 -13.01 7.66
N MET A 398 7.00 -13.02 6.48
CA MET A 398 7.87 -11.89 6.10
C MET A 398 7.06 -10.58 5.98
N ASP A 399 5.85 -10.65 5.43
CA ASP A 399 4.97 -9.44 5.40
C ASP A 399 4.68 -8.97 6.83
N TYR A 400 4.36 -9.89 7.74
CA TYR A 400 4.03 -9.50 9.13
C TYR A 400 5.22 -8.89 9.87
N VAL A 401 6.38 -9.52 9.70
CA VAL A 401 7.58 -9.02 10.35
C VAL A 401 7.93 -7.62 9.85
N ARG A 402 7.69 -7.38 8.56
CA ARG A 402 8.02 -6.06 8.01
C ARG A 402 7.15 -4.99 8.66
N ILE A 403 5.89 -5.33 8.91
CA ILE A 403 4.98 -4.44 9.62
C ILE A 403 5.44 -4.21 11.07
N ALA A 404 5.95 -5.25 11.74
CA ALA A 404 6.44 -5.12 13.11
C ALA A 404 7.73 -4.29 13.16
N VAL A 405 8.59 -4.48 12.17
CA VAL A 405 9.82 -3.68 12.07
C VAL A 405 9.49 -2.19 11.87
N ALA A 406 8.48 -1.89 11.05
CA ALA A 406 8.01 -0.52 10.90
C ALA A 406 7.51 0.05 12.23
N GLY A 407 6.80 -0.77 13.01
CA GLY A 407 6.37 -0.39 14.36
C GLY A 407 7.51 -0.08 15.31
N LEU A 408 8.57 -0.88 15.25
CA LEU A 408 9.77 -0.58 16.03
C LEU A 408 10.40 0.77 15.63
N GLY A 409 10.49 1.01 14.33
CA GLY A 409 10.98 2.29 13.78
C GLY A 409 10.16 3.50 14.25
N LYS A 410 8.84 3.36 14.26
CA LYS A 410 7.97 4.44 14.69
C LYS A 410 8.22 4.77 16.18
N LEU A 411 8.38 3.74 17.01
CA LEU A 411 8.73 3.91 18.42
C LEU A 411 10.04 4.70 18.58
N LEU A 412 11.07 4.29 17.84
CA LEU A 412 12.39 4.98 17.90
C LEU A 412 12.27 6.44 17.46
N PHE A 413 11.52 6.66 16.38
CA PHE A 413 11.28 8.01 15.85
C PHE A 413 10.60 8.94 16.86
N ALA A 414 9.56 8.43 17.52
CA ALA A 414 8.82 9.21 18.52
C ALA A 414 9.70 9.59 19.69
N GLN A 415 10.48 8.63 20.19
CA GLN A 415 11.41 8.87 21.30
C GLN A 415 12.47 9.90 20.90
N PHE A 416 13.06 9.70 19.73
CA PHE A 416 14.07 10.62 19.22
C PHE A 416 13.52 12.06 19.10
N THR A 417 12.28 12.17 18.59
CA THR A 417 11.61 13.44 18.42
C THR A 417 11.44 14.18 19.76
N GLU A 418 10.97 13.48 20.80
CA GLU A 418 10.87 14.06 22.14
C GLU A 418 12.21 14.59 22.64
N LEU A 419 13.25 13.78 22.44
CA LEU A 419 14.59 14.08 22.90
C LEU A 419 15.17 15.38 22.33
N MET A 420 14.77 15.73 21.10
CA MET A 420 15.30 16.91 20.40
C MET A 420 14.57 18.23 20.71
N ILE A 421 13.44 18.14 21.40
CA ILE A 421 12.55 19.28 21.60
C ILE A 421 12.52 19.68 23.09
N GLU A 422 12.98 20.90 23.37
CA GLU A 422 13.09 21.38 24.74
C GLU A 422 11.76 21.33 25.50
N TYR A 423 10.64 21.57 24.83
CA TYR A 423 9.34 21.54 25.50
C TYR A 423 9.01 20.15 26.05
N TYR A 424 9.62 19.11 25.47
CA TYR A 424 9.28 17.73 25.78
C TYR A 424 10.44 16.95 26.43
N SER A 425 11.59 17.59 26.66
CA SER A 425 12.78 16.89 27.14
C SER A 425 13.17 17.17 28.61
N ASN A 426 12.34 17.92 29.33
CA ASN A 426 12.49 18.07 30.77
C ASN A 426 13.86 18.61 31.20
N GLY A 427 14.33 19.65 30.51
CA GLY A 427 15.58 20.32 30.89
C GLY A 427 16.69 20.26 29.85
N LEU A 428 16.62 19.30 28.93
CA LEU A 428 17.65 19.16 27.91
C LEU A 428 17.57 20.28 26.86
N PRO A 429 18.71 20.67 26.29
CA PRO A 429 18.70 21.70 25.25
C PRO A 429 18.11 21.18 23.94
N GLY A 430 17.56 22.09 23.15
CA GLY A 430 17.04 21.76 21.82
C GLY A 430 18.12 21.15 20.95
N ASN A 431 17.75 20.08 20.23
CA ASN A 431 18.68 19.33 19.38
C ASN A 431 19.86 18.72 20.13
N LEU A 432 19.74 18.62 21.46
CA LEU A 432 20.87 18.27 22.35
C LEU A 432 22.15 19.06 22.03
N SER A 433 21.97 20.34 21.71
CA SER A 433 23.07 21.27 21.46
C SER A 433 23.71 21.69 22.78
N LEU A 434 25.02 21.41 22.92
CA LEU A 434 25.76 21.79 24.12
C LEU A 434 26.04 23.30 24.17
N GLY A 435 26.30 23.88 23.01
CA GLY A 435 26.69 25.28 22.93
C GLY A 435 28.00 25.49 23.68
N PRO A 436 28.05 26.47 24.61
CA PRO A 436 26.99 27.40 25.02
C PRO A 436 26.46 28.29 23.91
N ASP A 437 27.30 28.62 22.93
CA ASP A 437 26.88 29.47 21.82
C ASP A 437 26.02 28.66 20.85
N LEU A 438 24.70 28.80 20.97
CA LEU A 438 23.77 28.05 20.15
C LEU A 438 23.72 28.56 18.70
N SER A 439 24.13 29.81 18.47
CA SER A 439 24.15 30.39 17.13
C SER A 439 25.06 29.62 16.15
N VAL A 440 26.10 28.96 16.67
CA VAL A 440 26.98 28.14 15.86
C VAL A 440 26.98 26.67 16.32
N ASP A 441 25.88 26.21 16.90
CA ASP A 441 25.78 24.79 17.31
C ASP A 441 24.33 24.33 17.20
N TYR A 442 24.03 23.62 16.11
CA TYR A 442 22.67 23.12 15.86
C TYR A 442 22.55 21.65 16.25
N GLY A 443 23.57 21.15 16.95
CA GLY A 443 23.54 19.86 17.59
C GLY A 443 23.18 18.74 16.62
N LEU A 444 22.18 17.97 17.01
CA LEU A 444 21.85 16.74 16.30
C LEU A 444 20.72 16.94 15.29
N LYS A 445 20.53 18.18 14.83
CA LYS A 445 19.42 18.49 13.92
C LYS A 445 19.49 17.68 12.61
N GLY A 446 20.70 17.52 12.06
CA GLY A 446 20.88 16.70 10.88
C GLY A 446 20.40 15.27 11.12
N LEU A 447 20.75 14.71 12.27
CA LEU A 447 20.30 13.35 12.62
C LEU A 447 18.79 13.29 12.83
N ASP A 448 18.21 14.37 13.34
CA ASP A 448 16.73 14.43 13.51
C ASP A 448 16.00 14.40 12.15
N ILE A 449 16.50 15.18 11.19
CA ILE A 449 15.95 15.17 9.84
C ILE A 449 16.05 13.76 9.23
N ALA A 450 17.23 13.15 9.35
CA ALA A 450 17.46 11.79 8.84
C ALA A 450 16.50 10.75 9.43
N MET A 451 16.21 10.86 10.72
CA MET A 451 15.29 9.94 11.38
C MET A 451 13.89 9.99 10.78
N ALA A 452 13.43 11.18 10.38
CA ALA A 452 12.15 11.29 9.69
C ALA A 452 12.20 10.60 8.34
N ALA A 453 13.32 10.77 7.64
CA ALA A 453 13.51 10.16 6.33
C ALA A 453 13.54 8.63 6.44
N TYR A 454 14.20 8.14 7.49
CA TYR A 454 14.30 6.70 7.76
C TYR A 454 12.91 6.14 8.06
N SER A 455 12.20 6.74 9.00
CA SER A 455 10.88 6.21 9.36
C SER A 455 9.92 6.25 8.18
N SER A 456 9.90 7.35 7.43
CA SER A 456 9.00 7.49 6.28
C SER A 456 9.19 6.34 5.27
N GLU A 457 10.43 6.09 4.85
CA GLU A 457 10.70 5.01 3.90
C GLU A 457 10.36 3.64 4.47
N LEU A 458 10.60 3.47 5.77
CA LEU A 458 10.30 2.21 6.46
C LEU A 458 8.78 1.91 6.46
N GLN A 459 7.98 2.92 6.73
CA GLN A 459 6.51 2.75 6.70
C GLN A 459 6.03 2.34 5.29
N TYR A 460 6.60 2.96 4.26
CA TYR A 460 6.31 2.60 2.87
C TYR A 460 6.67 1.14 2.56
N LEU A 461 7.85 0.71 3.02
CA LEU A 461 8.31 -0.66 2.73
C LEU A 461 7.39 -1.72 3.29
N ALA A 462 6.72 -1.37 4.38
CA ALA A 462 5.90 -2.33 5.16
C ALA A 462 4.55 -2.70 4.54
N ASN A 463 4.17 -2.11 3.43
CA ASN A 463 3.06 -2.66 2.64
C ASN A 463 3.38 -4.11 2.23
N PRO A 464 2.34 -4.94 2.11
CA PRO A 464 2.54 -6.35 1.81
C PRO A 464 2.94 -6.68 0.37
N VAL A 465 3.70 -7.75 0.23
CA VAL A 465 4.01 -8.34 -1.05
C VAL A 465 3.04 -9.45 -1.41
N THR A 466 2.53 -10.18 -0.42
CA THR A 466 1.70 -11.36 -0.70
C THR A 466 0.34 -11.04 -1.34
N THR A 467 -0.06 -9.77 -1.31
CA THR A 467 -1.28 -9.34 -1.96
C THR A 467 -1.17 -9.21 -3.49
N HIS A 468 0.04 -9.36 -4.04
CA HIS A 468 0.28 -9.13 -5.45
C HIS A 468 0.52 -10.41 -6.25
N VAL A 469 -0.16 -11.48 -5.86
CA VAL A 469 -0.04 -12.75 -6.55
C VAL A 469 -0.63 -12.67 -7.96
N HIS A 470 0.20 -13.00 -8.94
CA HIS A 470 -0.21 -13.09 -10.35
C HIS A 470 -0.47 -14.57 -10.68
N SER A 471 -1.34 -14.87 -11.63
CA SER A 471 -1.52 -16.28 -12.07
C SER A 471 -0.38 -16.55 -13.04
N ALA A 472 0.53 -17.45 -12.68
CA ALA A 472 1.82 -17.58 -13.35
C ALA A 472 2.06 -18.95 -14.00
N GLU A 473 3.08 -19.00 -14.85
CA GLU A 473 3.55 -20.23 -15.50
C GLU A 473 2.45 -21.02 -16.22
N GLN A 474 1.97 -20.43 -17.31
CA GLN A 474 0.87 -20.96 -18.12
C GLN A 474 -0.32 -21.30 -17.23
N HIS A 475 -0.55 -20.42 -16.26
CA HIS A 475 -1.61 -20.56 -15.26
C HIS A 475 -1.58 -21.83 -14.39
N ASN A 476 -0.44 -22.51 -14.36
CA ASN A 476 -0.23 -23.63 -13.42
C ASN A 476 -0.07 -23.10 -12.00
N GLN A 477 0.72 -22.03 -11.84
CA GLN A 477 1.00 -21.48 -10.52
C GLN A 477 0.03 -20.35 -10.24
N ASP A 478 -1.25 -20.70 -10.17
CA ASP A 478 -2.32 -19.72 -9.96
C ASP A 478 -2.39 -19.18 -8.52
N ILE A 479 -1.72 -19.85 -7.58
CA ILE A 479 -1.27 -19.22 -6.32
C ILE A 479 0.25 -19.43 -6.22
N ASN A 480 0.94 -18.42 -5.67
CA ASN A 480 2.38 -18.48 -5.47
C ASN A 480 2.79 -17.48 -4.37
N SER A 481 3.88 -17.78 -3.67
CA SER A 481 4.15 -17.16 -2.35
C SER A 481 4.85 -15.81 -2.41
N LEU A 482 5.62 -15.59 -3.47
CA LEU A 482 6.46 -14.38 -3.59
C LEU A 482 7.37 -14.19 -2.38
N ALA A 483 7.73 -15.29 -1.73
CA ALA A 483 8.43 -15.26 -0.47
C ALA A 483 9.82 -14.61 -0.52
N LEU A 484 10.59 -14.92 -1.54
CA LEU A 484 11.94 -14.31 -1.66
C LEU A 484 11.85 -12.78 -1.81
N ILE A 485 10.89 -12.32 -2.61
CA ILE A 485 10.68 -10.87 -2.77
C ILE A 485 10.33 -10.22 -1.43
N SER A 486 9.43 -10.86 -0.68
CA SER A 486 9.02 -10.36 0.61
C SER A 486 10.16 -10.37 1.62
N ALA A 487 10.93 -11.47 1.69
CA ALA A 487 12.09 -11.52 2.57
C ALA A 487 13.11 -10.42 2.26
N ARG A 488 13.38 -10.16 0.98
CA ARG A 488 14.27 -9.06 0.56
C ARG A 488 13.78 -7.68 1.02
N LYS A 489 12.46 -7.43 0.95
CA LYS A 489 11.92 -6.16 1.46
C LYS A 489 12.02 -6.02 2.99
N THR A 490 11.82 -7.12 3.70
CA THR A 490 11.97 -7.12 5.16
C THR A 490 13.44 -6.88 5.52
N GLU A 491 14.34 -7.44 4.73
CA GLU A 491 15.79 -7.19 4.90
C GLU A 491 16.14 -5.73 4.74
N GLU A 492 15.58 -5.10 3.70
CA GLU A 492 15.76 -3.67 3.45
C GLU A 492 15.21 -2.85 4.63
N ALA A 493 14.03 -3.24 5.14
CA ALA A 493 13.45 -2.57 6.29
C ALA A 493 14.39 -2.64 7.51
N LEU A 494 14.98 -3.81 7.75
CA LEU A 494 15.93 -3.99 8.85
C LEU A 494 17.21 -3.17 8.71
N ASP A 495 17.67 -2.95 7.47
CA ASP A 495 18.82 -2.07 7.23
C ASP A 495 18.51 -0.65 7.73
N ILE A 496 17.29 -0.17 7.44
CA ILE A 496 16.89 1.17 7.92
C ILE A 496 16.74 1.21 9.44
N LEU A 497 16.17 0.15 10.03
CA LEU A 497 16.06 0.07 11.50
C LEU A 497 17.44 0.14 12.17
N LYS A 498 18.44 -0.51 11.58
CA LYS A 498 19.82 -0.41 12.08
C LYS A 498 20.31 1.04 12.07
N LEU A 499 20.02 1.77 11.01
CA LEU A 499 20.37 3.20 10.94
C LEU A 499 19.69 4.02 12.05
N MET A 500 18.44 3.68 12.34
CA MET A 500 17.69 4.38 13.36
C MET A 500 18.21 4.07 14.77
N ILE A 501 18.54 2.80 15.02
CA ILE A 501 19.07 2.42 16.31
C ILE A 501 20.43 3.09 16.56
N ALA A 502 21.28 3.08 15.54
CA ALA A 502 22.59 3.76 15.63
C ALA A 502 22.45 5.24 16.01
N SER A 503 21.53 5.95 15.37
CA SER A 503 21.29 7.36 15.67
C SER A 503 20.75 7.57 17.07
N HIS A 504 19.77 6.76 17.45
CA HIS A 504 19.14 6.87 18.76
C HIS A 504 20.13 6.65 19.90
N LEU A 505 20.92 5.57 19.78
CA LEU A 505 21.99 5.30 20.77
C LEU A 505 22.98 6.47 20.84
N THR A 506 23.39 6.99 19.70
CA THR A 506 24.31 8.14 19.69
C THR A 506 23.71 9.37 20.42
N ALA A 507 22.42 9.63 20.19
CA ALA A 507 21.74 10.75 20.85
C ALA A 507 21.62 10.52 22.34
N MET A 508 21.34 9.30 22.75
CA MET A 508 21.20 9.03 24.16
C MET A 508 22.51 9.16 24.94
N CYS A 509 23.64 8.79 24.33
CA CYS A 509 24.95 9.03 24.93
C CYS A 509 25.25 10.51 25.03
N GLN A 510 24.86 11.27 24.02
CA GLN A 510 24.93 12.73 24.11
C GLN A 510 24.10 13.20 25.30
N ALA A 511 22.88 12.67 25.44
CA ALA A 511 21.98 13.08 26.51
C ALA A 511 22.55 12.71 27.88
N VAL A 512 23.23 11.58 27.97
CA VAL A 512 23.89 11.21 29.22
C VAL A 512 24.89 12.28 29.65
N ASP A 513 25.72 12.72 28.71
CA ASP A 513 26.74 13.72 29.02
C ASP A 513 26.10 15.02 29.45
N LEU A 514 25.03 15.40 28.76
CA LEU A 514 24.34 16.64 29.08
C LEU A 514 23.65 16.59 30.43
N ARG A 515 23.12 15.43 30.84
CA ARG A 515 22.54 15.29 32.17
C ARG A 515 23.61 15.38 33.27
N GLN A 516 24.77 14.78 33.02
CA GLN A 516 25.84 14.77 34.03
C GLN A 516 26.44 16.17 34.14
N LEU A 517 26.62 16.83 33.01
CA LEU A 517 27.05 18.22 33.02
C LEU A 517 26.02 19.14 33.67
N GLU A 518 24.74 18.86 33.43
CA GLU A 518 23.65 19.65 34.02
C GLU A 518 23.76 19.67 35.55
N GLU A 519 23.94 18.50 36.14
CA GLU A 519 24.02 18.35 37.60
C GLU A 519 25.24 19.09 38.19
N ALA A 520 26.37 18.99 37.51
CA ALA A 520 27.59 19.67 37.93
C ALA A 520 27.46 21.19 37.81
N LEU A 521 26.91 21.65 36.70
CA LEU A 521 26.65 23.07 36.50
C LEU A 521 25.70 23.66 37.55
N VAL A 522 24.61 22.97 37.87
CA VAL A 522 23.67 23.46 38.88
C VAL A 522 24.34 23.64 40.25
N LYS A 523 25.24 22.71 40.60
CA LYS A 523 25.98 22.78 41.86
C LYS A 523 26.91 23.99 41.91
N VAL A 524 27.57 24.28 40.79
CA VAL A 524 28.34 25.53 40.67
C VAL A 524 27.47 26.76 40.91
N VAL A 525 26.32 26.84 40.24
CA VAL A 525 25.44 28.00 40.38
C VAL A 525 24.97 28.13 41.83
N GLU A 526 24.54 27.02 42.43
CA GLU A 526 24.15 27.00 43.84
C GLU A 526 25.30 27.53 44.73
N ASN A 527 26.52 27.04 44.50
CA ASN A 527 27.65 27.47 45.32
C ASN A 527 28.00 28.94 45.15
N VAL A 528 27.96 29.45 43.93
CA VAL A 528 28.24 30.87 43.70
C VAL A 528 27.18 31.75 44.34
N VAL A 529 25.91 31.36 44.19
CA VAL A 529 24.82 32.10 44.83
C VAL A 529 24.95 32.06 46.35
N SER A 530 25.15 30.87 46.91
CA SER A 530 25.29 30.70 48.36
C SER A 530 26.41 31.58 48.94
N THR A 531 27.59 31.51 48.32
CA THR A 531 28.77 32.20 48.84
C THR A 531 28.70 33.72 48.65
N LEU A 532 28.11 34.17 47.55
CA LEU A 532 27.93 35.61 47.32
C LEU A 532 26.88 36.18 48.29
N ALA A 533 25.83 35.42 48.60
CA ALA A 533 24.84 35.84 49.59
C ALA A 533 25.51 36.14 50.94
N ASP A 534 26.41 35.25 51.36
CA ASP A 534 27.25 35.46 52.55
C ASP A 534 28.12 36.70 52.41
N GLU A 535 28.99 36.71 51.41
CA GLU A 535 29.85 37.88 51.13
C GLU A 535 29.07 39.19 51.24
N CYS A 536 27.95 39.26 50.53
CA CYS A 536 27.21 40.50 50.41
C CYS A 536 26.33 40.81 51.63
N GLY A 537 26.27 39.88 52.59
CA GLY A 537 25.58 40.11 53.85
C GLY A 537 24.06 40.10 53.73
N LEU A 538 23.53 39.21 52.88
CA LEU A 538 22.08 39.17 52.69
C LEU A 538 21.42 38.36 53.81
N PRO A 539 20.19 38.73 54.19
CA PRO A 539 19.44 37.97 55.20
C PRO A 539 19.19 36.51 54.80
N ASN A 540 18.72 35.72 55.76
CA ASN A 540 18.41 34.31 55.54
C ASN A 540 17.18 34.10 54.65
N ASP A 541 16.11 34.87 54.90
CA ASP A 541 14.93 34.89 54.02
C ASP A 541 15.41 34.98 52.57
N THR A 542 16.21 36.01 52.31
CA THR A 542 16.72 36.29 50.96
C THR A 542 17.59 35.16 50.39
N LYS A 543 18.52 34.66 51.20
CA LYS A 543 19.44 33.61 50.77
C LYS A 543 18.73 32.33 50.33
N ALA A 544 17.81 31.86 51.18
CA ALA A 544 17.02 30.67 50.87
C ALA A 544 16.25 30.79 49.54
N ARG A 545 15.62 31.95 49.31
CA ARG A 545 14.88 32.23 48.07
C ARG A 545 15.76 32.15 46.83
N LEU A 546 16.91 32.84 46.90
CA LEU A 546 17.88 32.84 45.80
C LEU A 546 18.42 31.44 45.52
N LEU A 547 18.62 30.64 46.57
CA LEU A 547 19.08 29.26 46.39
C LEU A 547 18.02 28.36 45.78
N TYR A 548 16.76 28.56 46.15
CA TYR A 548 15.67 27.82 45.52
C TYR A 548 15.66 28.07 44.01
N VAL A 549 15.84 29.33 43.61
CA VAL A 549 15.88 29.71 42.20
C VAL A 549 17.01 28.98 41.48
N ALA A 550 18.21 29.01 42.08
CA ALA A 550 19.38 28.34 41.53
C ALA A 550 19.17 26.84 41.29
N LYS A 551 18.35 26.20 42.12
CA LYS A 551 18.05 24.78 42.00
C LYS A 551 16.96 24.51 40.96
N ALA A 552 15.97 25.41 40.87
CA ALA A 552 14.74 25.17 40.11
C ALA A 552 14.79 25.55 38.61
N VAL A 553 15.55 26.59 38.26
CA VAL A 553 15.60 27.03 36.86
C VAL A 553 16.45 26.05 36.07
N PRO A 554 15.93 25.53 34.93
CA PRO A 554 16.71 24.64 34.07
C PRO A 554 17.95 25.35 33.52
N VAL A 555 19.13 24.82 33.83
CA VAL A 555 20.40 25.50 33.49
C VAL A 555 20.60 25.74 31.98
N TYR A 556 20.13 24.80 31.16
CA TYR A 556 20.31 24.94 29.73
C TYR A 556 19.50 26.11 29.15
N THR A 557 18.52 26.65 29.88
CA THR A 557 17.83 27.85 29.40
C THR A 557 18.67 29.13 29.55
N TYR A 558 19.75 29.09 30.34
CA TYR A 558 20.60 30.30 30.47
C TYR A 558 22.11 30.08 30.28
N LEU A 559 22.53 28.85 29.97
CA LEU A 559 23.94 28.53 29.80
C LEU A 559 24.65 29.43 28.77
N GLU A 560 23.92 29.83 27.72
CA GLU A 560 24.50 30.68 26.67
C GLU A 560 25.07 32.01 27.15
N SER A 561 24.48 32.56 28.22
CA SER A 561 24.89 33.86 28.75
C SER A 561 24.23 34.02 30.12
N PRO A 562 24.83 33.38 31.14
CA PRO A 562 24.18 33.20 32.44
C PRO A 562 23.71 34.49 33.14
N CYS A 563 24.41 35.60 32.88
CA CYS A 563 24.10 36.88 33.52
C CYS A 563 23.28 37.83 32.65
N ASP A 564 22.79 37.33 31.52
CA ASP A 564 21.85 38.07 30.70
C ASP A 564 20.57 38.30 31.51
N PRO A 565 20.23 39.58 31.77
CA PRO A 565 19.05 39.92 32.59
C PRO A 565 17.71 39.51 31.98
N THR A 566 17.68 39.12 30.71
CA THR A 566 16.44 38.66 30.06
C THR A 566 16.27 37.13 30.06
N LEU A 567 17.29 36.38 30.49
CA LEU A 567 17.21 34.92 30.54
C LEU A 567 16.76 34.45 31.93
N PRO A 568 16.30 33.19 32.04
CA PRO A 568 15.57 32.78 33.24
C PRO A 568 16.27 32.85 34.61
N LEU A 569 17.61 32.77 34.67
CA LEU A 569 18.28 32.82 35.97
C LEU A 569 18.08 34.20 36.60
N LEU A 570 18.56 35.25 35.92
CA LEU A 570 18.44 36.61 36.44
C LEU A 570 16.99 37.04 36.57
N LEU A 571 16.13 36.57 35.67
CA LEU A 571 14.71 36.86 35.79
C LEU A 571 14.15 36.34 37.12
N GLY A 572 14.49 35.11 37.47
CA GLY A 572 14.08 34.52 38.74
C GLY A 572 14.69 35.22 39.95
N LEU A 573 15.99 35.50 39.88
CA LEU A 573 16.67 36.21 40.97
C LEU A 573 16.07 37.59 41.22
N LYS A 574 15.75 38.31 40.15
CA LYS A 574 15.17 39.63 40.24
C LYS A 574 13.79 39.61 40.87
N GLN A 575 13.00 38.60 40.50
CA GLN A 575 11.68 38.39 41.10
C GLN A 575 11.76 38.17 42.60
N SER A 576 12.70 37.33 43.04
CA SER A 576 12.89 37.03 44.46
C SER A 576 13.38 38.25 45.24
N CYS A 577 14.33 38.98 44.66
CA CYS A 577 14.87 40.19 45.30
C CYS A 577 13.78 41.22 45.60
N PHE A 578 12.86 41.44 44.65
CA PHE A 578 11.74 42.36 44.86
C PHE A 578 10.80 41.85 45.96
N ASP A 579 10.56 40.54 45.98
CA ASP A 579 9.74 39.94 47.01
C ASP A 579 10.38 40.07 48.40
N THR A 580 11.69 39.89 48.46
CA THR A 580 12.45 40.07 49.70
C THR A 580 12.34 41.51 50.22
N ILE A 581 12.38 42.48 49.32
CA ILE A 581 12.28 43.88 49.69
C ILE A 581 10.91 44.16 50.29
N LEU A 582 9.86 43.65 49.66
CA LEU A 582 8.49 43.82 50.20
C LEU A 582 8.30 43.10 51.53
N ALA A 583 8.90 41.92 51.67
CA ALA A 583 8.73 41.12 52.89
C ALA A 583 9.55 41.62 54.09
N LEU A 584 10.64 42.36 53.84
CA LEU A 584 11.44 42.95 54.91
C LEU A 584 11.19 44.46 55.00
N HIS A 585 9.92 44.85 54.91
CA HIS A 585 9.55 46.26 54.90
C HIS A 585 8.45 46.53 55.93
N ASP A 593 17.12 50.02 52.94
CA ASP A 593 17.88 50.95 52.09
C ASP A 593 19.34 50.49 51.93
N THR A 594 19.89 49.86 52.96
CA THR A 594 21.18 49.19 52.83
C THR A 594 20.97 47.77 52.29
N LEU A 595 19.77 47.24 52.47
CA LEU A 595 19.37 45.98 51.84
C LEU A 595 19.58 46.09 50.33
N VAL A 596 19.11 47.20 49.78
CA VAL A 596 19.20 47.47 48.36
C VAL A 596 20.65 47.62 47.88
N ASP A 597 21.51 48.24 48.71
CA ASP A 597 22.94 48.31 48.39
C ASP A 597 23.50 46.91 48.20
N ARG A 598 23.17 46.03 49.13
CA ARG A 598 23.72 44.68 49.17
C ARG A 598 23.19 43.80 48.03
N LEU A 599 21.93 44.02 47.65
CA LEU A 599 21.34 43.30 46.53
C LEU A 599 21.96 43.74 45.21
N ALA A 600 22.27 45.03 45.09
CA ALA A 600 22.95 45.54 43.89
C ALA A 600 24.37 45.00 43.78
N GLU A 601 25.06 44.92 44.91
CA GLU A 601 26.39 44.32 44.98
C GLU A 601 26.34 42.83 44.64
N PHE A 602 25.30 42.14 45.12
CA PHE A 602 25.11 40.73 44.78
C PHE A 602 25.03 40.55 43.26
N GLU A 603 24.19 41.35 42.61
CA GLU A 603 23.98 41.25 41.17
C GLU A 603 25.25 41.55 40.37
N LYS A 604 26.06 42.49 40.84
CA LYS A 604 27.27 42.85 40.10
C LYS A 604 28.39 41.82 40.31
N ARG A 605 28.49 41.24 41.51
CA ARG A 605 29.49 40.21 41.78
C ARG A 605 29.17 38.90 41.06
N LEU A 606 27.87 38.61 40.94
CA LEU A 606 27.38 37.47 40.15
C LEU A 606 27.95 37.56 38.73
N SER A 607 27.86 38.75 38.17
CA SER A 607 28.37 39.05 36.83
C SER A 607 29.90 39.04 36.70
N ASP A 608 30.63 38.95 37.80
CA ASP A 608 32.09 38.80 37.78
C ASP A 608 32.53 37.35 37.94
N ARG A 609 31.72 36.55 38.63
CA ARG A 609 32.13 35.20 39.05
C ARG A 609 31.43 34.06 38.30
N LEU A 610 30.14 34.22 38.02
CA LEU A 610 29.28 33.07 37.67
C LEU A 610 29.73 32.38 36.39
N GLU A 611 29.76 33.15 35.31
CA GLU A 611 30.10 32.65 33.99
C GLU A 611 31.46 31.95 33.95
N ASN A 612 32.48 32.59 34.51
CA ASN A 612 33.84 32.00 34.53
C ASN A 612 33.87 30.64 35.22
N GLU A 613 33.14 30.49 36.32
CA GLU A 613 33.12 29.22 37.03
C GLU A 613 32.26 28.17 36.31
N MET A 614 31.16 28.60 35.69
CA MET A 614 30.36 27.69 34.89
C MET A 614 31.17 27.16 33.70
N THR A 615 31.85 28.07 33.00
CA THR A 615 32.77 27.72 31.92
C THR A 615 33.81 26.69 32.39
N ALA A 616 34.44 26.95 33.53
CA ALA A 616 35.50 26.08 34.06
C ALA A 616 35.07 24.61 34.24
N VAL A 617 33.90 24.39 34.83
CA VAL A 617 33.41 23.03 35.04
C VAL A 617 33.09 22.31 33.71
N ARG A 618 32.53 23.04 32.76
CA ARG A 618 32.23 22.45 31.45
C ARG A 618 33.50 22.09 30.69
N VAL A 619 34.47 23.02 30.66
CA VAL A 619 35.75 22.78 30.00
C VAL A 619 36.41 21.54 30.61
N LEU A 620 36.36 21.43 31.93
CA LEU A 620 36.87 20.24 32.63
C LEU A 620 36.13 18.98 32.18
N TYR A 621 34.81 19.05 32.15
CA TYR A 621 33.99 17.90 31.75
C TYR A 621 34.38 17.44 30.33
N GLU A 622 34.56 18.40 29.42
CA GLU A 622 34.95 18.11 28.04
C GLU A 622 36.35 17.51 27.90
N LYS A 623 37.30 17.91 28.74
CA LYS A 623 38.66 17.38 28.63
C LYS A 623 38.77 16.04 29.35
N VAL A 636 30.22 9.55 38.71
CA VAL A 636 29.15 10.02 37.83
C VAL A 636 27.95 9.04 37.83
N ARG A 637 26.78 9.56 37.47
CA ARG A 637 25.53 8.80 37.40
C ARG A 637 25.61 7.54 36.54
N ILE A 638 26.30 7.62 35.40
CA ILE A 638 26.34 6.51 34.46
C ILE A 638 27.07 5.31 35.08
N GLN A 639 28.06 5.59 35.95
CA GLN A 639 28.82 4.52 36.61
C GLN A 639 27.94 3.58 37.43
N GLY A 640 26.81 4.07 37.93
CA GLY A 640 25.84 3.23 38.64
C GLY A 640 24.66 2.75 37.81
N SER A 641 24.66 3.07 36.52
CA SER A 641 23.53 2.73 35.63
C SER A 641 23.76 1.38 34.95
N LYS A 642 22.68 0.65 34.71
CA LYS A 642 22.77 -0.59 33.93
C LYS A 642 23.23 -0.37 32.50
N PHE A 643 23.10 0.86 32.00
CA PHE A 643 23.49 1.17 30.63
C PHE A 643 24.93 1.63 30.49
N LEU A 644 25.69 1.57 31.58
CA LEU A 644 27.14 1.88 31.53
C LEU A 644 27.87 1.16 30.38
N PRO A 645 27.65 -0.15 30.21
CA PRO A 645 28.30 -0.82 29.08
C PRO A 645 28.09 -0.13 27.73
N PHE A 646 26.87 0.29 27.42
CA PHE A 646 26.62 1.03 26.17
C PHE A 646 27.37 2.36 26.11
N TYR A 647 27.29 3.15 27.18
CA TYR A 647 27.98 4.45 27.21
C TYR A 647 29.48 4.24 27.06
N ARG A 648 30.01 3.28 27.80
CA ARG A 648 31.45 2.98 27.76
C ARG A 648 31.89 2.49 26.39
N PHE A 649 31.06 1.65 25.76
CA PHE A 649 31.35 1.12 24.42
C PHE A 649 31.43 2.25 23.40
N VAL A 650 30.42 3.11 23.39
CA VAL A 650 30.36 4.20 22.40
C VAL A 650 31.45 5.25 22.64
N ARG A 651 31.67 5.63 23.89
CA ARG A 651 32.64 6.67 24.21
C ARG A 651 34.08 6.16 24.18
N GLU A 652 34.36 5.06 24.87
CA GLU A 652 35.74 4.58 25.02
C GLU A 652 36.18 3.66 23.90
N GLU A 653 35.41 2.60 23.66
CA GLU A 653 35.83 1.61 22.68
C GLU A 653 35.76 2.16 21.26
N LEU A 654 34.69 2.88 20.94
CA LEU A 654 34.57 3.48 19.61
C LEU A 654 35.25 4.86 19.52
N ASP A 655 35.71 5.39 20.66
CA ASP A 655 36.49 6.64 20.71
C ASP A 655 35.69 7.86 20.22
N THR A 656 34.66 8.21 20.99
CA THR A 656 33.86 9.40 20.70
C THR A 656 33.83 10.31 21.92
N GLY A 657 33.10 11.42 21.81
CA GLY A 657 33.01 12.39 22.89
C GLY A 657 31.74 13.18 22.77
N VAL A 658 31.45 13.99 23.78
CA VAL A 658 30.28 14.85 23.73
C VAL A 658 30.36 15.73 22.48
N MET A 659 29.23 15.91 21.82
CA MET A 659 29.17 16.61 20.54
C MET A 659 29.05 18.11 20.78
N SER A 660 29.88 18.87 20.08
CA SER A 660 29.88 20.34 20.21
C SER A 660 30.60 20.97 19.04
N ALA A 661 30.56 22.30 18.97
CA ALA A 661 31.34 23.02 17.96
C ALA A 661 32.86 22.87 18.15
N ARG A 662 33.29 22.44 19.34
CA ARG A 662 34.71 22.25 19.63
C ARG A 662 35.20 20.85 19.25
N ARG A 663 34.28 19.90 19.03
CA ARG A 663 34.65 18.54 18.61
C ARG A 663 34.54 18.42 17.09
N GLU A 664 35.65 18.19 16.41
CA GLU A 664 35.71 18.35 14.96
C GLU A 664 35.03 17.24 14.16
N GLN A 665 34.89 16.06 14.76
CA GLN A 665 34.28 14.93 14.08
C GLN A 665 32.81 15.26 13.73
N THR A 666 32.39 14.90 12.51
CA THR A 666 31.00 15.13 12.06
C THR A 666 30.05 14.11 12.69
N PRO A 667 28.74 14.41 12.70
CA PRO A 667 27.78 13.40 13.15
C PRO A 667 27.92 12.05 12.39
N GLN A 668 28.19 12.10 11.09
CA GLN A 668 28.44 10.90 10.30
C GLN A 668 29.53 10.04 10.93
N GLU A 669 30.65 10.66 11.29
CA GLU A 669 31.81 9.93 11.79
C GLU A 669 31.46 9.19 13.06
N ASP A 670 30.72 9.85 13.94
CA ASP A 670 30.30 9.25 15.18
C ASP A 670 29.26 8.14 14.98
N VAL A 671 28.18 8.43 14.25
CA VAL A 671 27.13 7.42 14.03
C VAL A 671 27.60 6.25 13.15
N GLN A 672 28.51 6.50 12.21
CA GLN A 672 29.05 5.42 11.37
C GLN A 672 29.69 4.33 12.23
N LYS A 673 30.42 4.75 13.26
CA LYS A 673 31.07 3.82 14.17
C LYS A 673 30.05 2.97 14.90
N VAL A 674 28.98 3.60 15.39
CA VAL A 674 27.94 2.85 16.12
C VAL A 674 27.19 1.91 15.17
N PHE A 675 26.82 2.42 14.00
CA PHE A 675 26.17 1.59 12.99
C PHE A 675 27.04 0.38 12.59
N ASP A 676 28.33 0.62 12.34
CA ASP A 676 29.23 -0.48 11.97
C ASP A 676 29.26 -1.58 13.04
N ALA A 677 29.26 -1.18 14.31
CA ALA A 677 29.24 -2.11 15.44
C ALA A 677 27.93 -2.89 15.55
N ILE A 678 26.82 -2.28 15.14
CA ILE A 678 25.53 -2.97 15.13
C ILE A 678 25.48 -3.96 13.96
N ALA A 679 25.90 -3.50 12.79
CA ALA A 679 25.92 -4.33 11.58
C ALA A 679 26.79 -5.58 11.76
N ASP A 680 27.96 -5.42 12.39
CA ASP A 680 28.89 -6.55 12.51
C ASP A 680 28.79 -7.35 13.82
N GLY A 681 27.81 -7.05 14.67
CA GLY A 681 27.54 -7.82 15.89
C GLY A 681 28.31 -7.48 17.16
N ARG A 682 29.29 -6.57 17.08
CA ARG A 682 30.01 -6.10 18.28
C ARG A 682 29.10 -5.46 19.32
N ILE A 683 27.98 -4.87 18.87
CA ILE A 683 26.99 -4.33 19.80
C ILE A 683 26.42 -5.37 20.77
N THR A 684 26.49 -6.65 20.44
CA THR A 684 25.96 -7.66 21.36
C THR A 684 26.75 -7.80 22.65
N VAL A 685 28.02 -7.36 22.64
CA VAL A 685 28.83 -7.46 23.85
C VAL A 685 28.30 -6.55 24.96
N PRO A 686 28.18 -5.22 24.70
CA PRO A 686 27.59 -4.36 25.72
C PRO A 686 26.15 -4.75 26.08
N LEU A 687 25.40 -5.27 25.11
CA LEU A 687 24.03 -5.70 25.37
C LEU A 687 24.00 -6.85 26.36
N LEU A 688 24.82 -7.88 26.14
CA LEU A 688 24.88 -9.02 27.05
C LEU A 688 25.40 -8.59 28.43
N HIS A 689 26.35 -7.68 28.49
CA HIS A 689 26.83 -7.13 29.77
C HIS A 689 25.72 -6.41 30.51
N CYS A 690 25.02 -5.53 29.81
CA CYS A 690 23.90 -4.79 30.39
C CYS A 690 22.88 -5.74 31.03
N LEU A 691 22.66 -6.88 30.40
CA LEU A 691 21.62 -7.82 30.84
C LEU A 691 22.07 -8.93 31.82
N GLN A 692 23.36 -9.01 32.18
CA GLN A 692 23.78 -10.14 33.03
C GLN A 692 23.09 -10.09 34.39
N GLY A 693 22.63 -11.26 34.83
CA GLY A 693 21.90 -11.38 36.08
C GLY A 693 20.40 -11.29 35.93
N PHE A 694 19.91 -10.79 34.80
CA PHE A 694 18.48 -10.76 34.55
C PHE A 694 17.95 -12.19 34.41
N LEU A 695 16.99 -12.57 35.24
CA LEU A 695 16.35 -13.88 35.07
C LEU A 695 14.84 -13.77 35.30
N ARG B 28 -5.09 -30.44 19.88
CA ARG B 28 -5.22 -31.59 18.94
C ARG B 28 -5.50 -31.13 17.50
N SER B 29 -6.35 -30.12 17.33
CA SER B 29 -6.52 -29.45 16.03
C SER B 29 -7.29 -28.14 16.13
N HIS B 30 -6.87 -27.16 15.32
CA HIS B 30 -7.62 -25.91 15.23
C HIS B 30 -9.04 -26.16 14.74
N VAL B 31 -9.26 -27.24 13.99
CA VAL B 31 -10.64 -27.57 13.55
C VAL B 31 -11.57 -27.78 14.74
N LYS B 32 -11.12 -28.52 15.75
CA LYS B 32 -11.93 -28.76 16.95
C LYS B 32 -12.14 -27.47 17.73
N ASP B 33 -11.10 -26.64 17.78
CA ASP B 33 -11.22 -25.37 18.46
C ASP B 33 -12.29 -24.49 17.81
N ILE B 34 -12.37 -24.50 16.49
CA ILE B 34 -13.36 -23.69 15.77
C ILE B 34 -14.77 -24.28 15.93
N LEU B 35 -14.88 -25.59 15.82
CA LEU B 35 -16.16 -26.26 16.12
C LEU B 35 -16.65 -25.91 17.54
N GLY B 36 -15.72 -25.86 18.49
CA GLY B 36 -16.00 -25.36 19.86
C GLY B 36 -16.55 -23.93 19.94
N LEU B 37 -15.92 -23.00 19.23
CA LEU B 37 -16.45 -21.63 19.12
C LEU B 37 -17.89 -21.57 18.59
N ILE B 38 -18.15 -22.33 17.53
CA ILE B 38 -19.46 -22.32 16.89
C ILE B 38 -20.54 -22.86 17.85
N ASN B 39 -20.21 -23.94 18.54
CA ASN B 39 -21.16 -24.56 19.49
C ASN B 39 -21.44 -23.60 20.65
N ALA B 40 -20.38 -22.95 21.14
CA ALA B 40 -20.55 -21.96 22.20
C ALA B 40 -21.42 -20.80 21.74
N PHE B 41 -21.18 -20.31 20.52
CA PHE B 41 -21.97 -19.22 19.96
C PHE B 41 -23.48 -19.57 19.92
N ASN B 42 -23.76 -20.80 19.49
CA ASN B 42 -25.14 -21.32 19.40
C ASN B 42 -25.79 -21.57 20.75
N GLU B 43 -25.01 -22.03 21.70
CA GLU B 43 -25.54 -22.63 22.93
C GLU B 43 -25.60 -21.70 24.12
N VAL B 44 -24.79 -20.64 24.14
CA VAL B 44 -24.76 -19.75 25.30
C VAL B 44 -26.13 -19.06 25.48
N LYS B 45 -26.61 -19.02 26.73
CA LYS B 45 -27.88 -18.34 27.07
C LYS B 45 -27.65 -17.03 27.83
N LYS B 46 -26.60 -17.02 28.63
CA LYS B 46 -26.24 -15.90 29.49
C LYS B 46 -24.73 -15.67 29.46
N ILE B 47 -24.31 -14.42 29.40
CA ILE B 47 -22.89 -14.15 29.56
C ILE B 47 -22.59 -13.69 30.97
N THR B 48 -21.79 -14.50 31.66
CA THR B 48 -21.45 -14.22 33.04
C THR B 48 -20.25 -13.29 33.07
N VAL B 49 -20.42 -12.15 33.73
CA VAL B 49 -19.39 -11.13 33.83
C VAL B 49 -19.07 -10.95 35.30
N ASP B 50 -17.88 -11.39 35.70
CA ASP B 50 -17.55 -11.53 37.13
C ASP B 50 -16.10 -11.22 37.53
N GLY B 51 -15.24 -10.82 36.59
CA GLY B 51 -13.83 -10.56 36.89
C GLY B 51 -12.92 -11.78 36.91
N THR B 52 -13.43 -12.97 36.63
CA THR B 52 -12.58 -14.18 36.60
C THR B 52 -12.91 -15.14 35.44
N THR B 53 -14.18 -15.33 35.12
CA THR B 53 -14.60 -16.17 33.98
C THR B 53 -14.30 -15.45 32.65
N PRO B 54 -13.52 -16.08 31.76
CA PRO B 54 -13.22 -15.35 30.51
C PRO B 54 -14.41 -15.19 29.56
N ILE B 55 -14.43 -14.07 28.86
CA ILE B 55 -15.34 -13.87 27.74
C ILE B 55 -14.56 -14.23 26.46
N THR B 56 -15.12 -15.10 25.62
CA THR B 56 -14.51 -15.46 24.33
C THR B 56 -15.14 -14.66 23.19
N VAL B 57 -14.56 -14.75 21.99
CA VAL B 57 -15.12 -14.03 20.85
C VAL B 57 -16.50 -14.58 20.46
N ALA B 58 -16.75 -15.84 20.76
CA ALA B 58 -18.09 -16.42 20.53
C ALA B 58 -19.16 -15.81 21.45
N HIS B 59 -18.77 -15.54 22.69
CA HIS B 59 -19.67 -14.84 23.62
C HIS B 59 -20.01 -13.43 23.17
N VAL B 60 -18.99 -12.68 22.70
CA VAL B 60 -19.22 -11.33 22.20
C VAL B 60 -20.16 -11.34 20.99
N ALA B 61 -19.87 -12.22 20.03
CA ALA B 61 -20.72 -12.38 18.87
C ALA B 61 -22.15 -12.78 19.24
N ALA B 62 -22.29 -13.73 20.16
CA ALA B 62 -23.63 -14.18 20.60
C ALA B 62 -24.43 -13.02 21.20
N LEU B 63 -23.82 -12.21 22.06
CA LEU B 63 -24.55 -11.06 22.62
C LEU B 63 -24.95 -10.07 21.53
N ALA B 64 -24.07 -9.87 20.55
CA ALA B 64 -24.30 -8.93 19.47
C ALA B 64 -25.46 -9.38 18.56
N ARG B 65 -25.54 -10.68 18.33
CA ARG B 65 -26.38 -11.21 17.27
C ARG B 65 -27.63 -11.94 17.77
N ARG B 66 -27.64 -12.34 19.04
CA ARG B 66 -28.77 -13.11 19.59
C ARG B 66 -29.33 -12.34 20.78
N HIS B 67 -30.44 -11.64 20.58
CA HIS B 67 -30.96 -10.75 21.62
C HIS B 67 -31.58 -11.49 22.82
N ASP B 68 -31.83 -12.78 22.69
CA ASP B 68 -32.20 -13.62 23.84
C ASP B 68 -31.04 -13.82 24.83
N VAL B 69 -29.80 -13.60 24.36
CA VAL B 69 -28.63 -13.71 25.21
C VAL B 69 -28.52 -12.50 26.16
N LYS B 70 -28.55 -12.78 27.47
CA LYS B 70 -28.52 -11.73 28.48
C LYS B 70 -27.18 -11.68 29.20
N VAL B 71 -26.85 -10.50 29.72
CA VAL B 71 -25.69 -10.31 30.56
C VAL B 71 -26.09 -10.57 32.00
N ALA B 72 -25.20 -11.23 32.74
CA ALA B 72 -25.36 -11.49 34.15
C ALA B 72 -24.13 -10.99 34.90
N LEU B 73 -24.24 -9.78 35.42
CA LEU B 73 -23.22 -9.20 36.30
C LEU B 73 -23.35 -9.84 37.68
N GLU B 74 -22.29 -10.52 38.13
CA GLU B 74 -22.35 -11.27 39.39
C GLU B 74 -21.75 -10.50 40.57
N ALA B 75 -22.59 -10.11 41.51
CA ALA B 75 -22.16 -9.38 42.70
C ALA B 75 -21.43 -10.29 43.69
N CYS B 78 -17.36 -9.88 42.67
CA CYS B 78 -16.60 -8.71 42.23
C CYS B 78 -17.18 -7.38 42.70
N ARG B 79 -18.40 -7.37 43.25
CA ARG B 79 -18.98 -6.15 43.80
C ARG B 79 -18.07 -5.50 44.86
N ALA B 80 -17.54 -6.34 45.75
CA ALA B 80 -16.74 -5.86 46.89
C ALA B 80 -15.52 -5.09 46.43
N ARG B 81 -14.77 -5.67 45.50
CA ARG B 81 -13.55 -5.04 45.02
C ARG B 81 -13.84 -3.76 44.22
N VAL B 82 -14.95 -3.74 43.49
CA VAL B 82 -15.38 -2.54 42.76
C VAL B 82 -15.63 -1.40 43.76
N GLU B 83 -16.43 -1.69 44.80
CA GLU B 83 -16.78 -0.70 45.82
C GLU B 83 -15.59 -0.22 46.61
N THR B 84 -14.72 -1.14 46.99
CA THR B 84 -13.45 -0.78 47.61
C THR B 84 -12.68 0.18 46.72
N CYS B 85 -12.62 -0.10 45.43
CA CYS B 85 -11.85 0.74 44.50
C CYS B 85 -12.47 2.13 44.36
N SER B 86 -13.78 2.20 44.16
CA SER B 86 -14.47 3.48 43.96
C SER B 86 -14.39 4.36 45.22
N SER B 87 -14.51 3.76 46.38
CA SER B 87 -14.40 4.54 47.61
C SER B 87 -12.95 4.99 47.85
N TRP B 88 -11.96 4.18 47.47
CA TRP B 88 -10.55 4.60 47.60
C TRP B 88 -10.28 5.85 46.76
N VAL B 89 -10.76 5.83 45.51
CA VAL B 89 -10.54 6.94 44.59
C VAL B 89 -11.24 8.21 45.05
N GLN B 90 -12.51 8.10 45.44
CA GLN B 90 -13.25 9.29 45.89
C GLN B 90 -12.60 9.94 47.11
N ARG B 91 -12.19 9.12 48.07
CA ARG B 91 -11.59 9.64 49.30
C ARG B 91 -10.22 10.26 49.02
N LYS B 92 -9.38 9.56 48.27
CA LYS B 92 -8.06 10.07 47.94
C LYS B 92 -8.12 11.37 47.15
N ALA B 93 -9.01 11.44 46.18
CA ALA B 93 -9.17 12.63 45.35
C ALA B 93 -9.62 13.82 46.22
N GLU B 94 -10.61 13.58 47.08
CA GLU B 94 -11.09 14.62 48.00
C GLU B 94 -10.00 15.13 48.95
N ASP B 95 -9.10 14.25 49.36
CA ASP B 95 -7.97 14.62 50.22
C ASP B 95 -6.79 15.24 49.45
N GLY B 96 -6.92 15.39 48.13
CA GLY B 96 -5.91 16.07 47.33
C GLY B 96 -4.75 15.22 46.85
N ALA B 97 -4.97 13.91 46.72
CA ALA B 97 -3.97 13.03 46.13
C ALA B 97 -3.76 13.41 44.68
N ASP B 98 -2.51 13.39 44.23
CA ASP B 98 -2.14 13.75 42.86
C ASP B 98 -2.32 12.55 41.89
N ILE B 99 -3.41 12.55 41.14
CA ILE B 99 -3.73 11.44 40.22
C ILE B 99 -4.17 11.95 38.84
N ALA B 100 -3.48 11.48 37.79
CA ALA B 100 -3.70 11.93 36.42
C ALA B 100 -5.13 11.72 35.92
N GLY B 101 -5.73 12.78 35.39
CA GLY B 101 -7.12 12.73 34.91
C GLY B 101 -8.15 12.61 36.03
N VAL B 102 -7.72 12.81 37.26
CA VAL B 102 -8.58 12.69 38.45
C VAL B 102 -8.48 13.98 39.29
N THR B 103 -7.26 14.34 39.65
CA THR B 103 -7.00 15.68 40.20
C THR B 103 -6.03 16.46 39.29
N THR B 104 -5.80 15.95 38.08
CA THR B 104 -5.06 16.70 37.06
C THR B 104 -5.80 16.69 35.73
N GLY B 105 -5.38 17.57 34.83
CA GLY B 105 -5.89 17.59 33.46
C GLY B 105 -5.50 16.37 32.63
N PHE B 106 -6.07 16.30 31.43
CA PHE B 106 -5.99 15.10 30.59
C PHE B 106 -4.93 15.21 29.51
N GLY B 107 -4.22 14.10 29.30
CA GLY B 107 -3.24 13.98 28.22
C GLY B 107 -2.12 14.99 28.33
N ALA B 108 -1.94 15.77 27.28
CA ALA B 108 -0.91 16.80 27.24
C ALA B 108 -1.08 17.86 28.33
N CYS B 109 -2.26 17.91 28.97
CA CYS B 109 -2.56 18.92 30.01
C CYS B 109 -2.41 18.42 31.46
N SER B 110 -1.67 17.34 31.66
CA SER B 110 -1.57 16.72 33.00
C SER B 110 -0.85 17.58 34.05
N SER B 111 -0.12 18.61 33.62
CA SER B 111 0.53 19.55 34.55
C SER B 111 -0.45 20.37 35.40
N ARG B 112 -1.64 20.60 34.85
CA ARG B 112 -2.69 21.38 35.53
C ARG B 112 -3.38 20.56 36.57
N ARG B 113 -3.36 21.03 37.81
CA ARG B 113 -4.07 20.37 38.89
C ARG B 113 -5.39 21.06 39.16
N THR B 114 -6.32 20.32 39.76
CA THR B 114 -7.60 20.90 40.17
C THR B 114 -8.26 20.11 41.28
N ASN B 115 -9.08 20.81 42.06
CA ASN B 115 -9.93 20.17 43.06
C ASN B 115 -11.41 20.12 42.63
N ARG B 116 -11.72 20.55 41.41
CA ARG B 116 -13.09 20.48 40.87
C ARG B 116 -13.36 19.08 40.28
N LEU B 117 -13.54 18.12 41.19
CA LEU B 117 -13.57 16.70 40.84
C LEU B 117 -14.61 16.32 39.79
N SER B 118 -15.87 16.66 40.04
CA SER B 118 -16.97 16.31 39.15
C SER B 118 -16.95 17.10 37.84
N GLU B 119 -16.75 18.41 37.93
CA GLU B 119 -16.68 19.25 36.73
C GLU B 119 -15.54 18.86 35.79
N LEU B 120 -14.40 18.46 36.35
CA LEU B 120 -13.30 17.95 35.55
C LEU B 120 -13.81 16.77 34.69
N GLN B 121 -14.53 15.84 35.30
CA GLN B 121 -15.03 14.66 34.59
C GLN B 121 -16.09 15.04 33.56
N GLU B 122 -17.01 15.93 33.92
CA GLU B 122 -17.99 16.44 32.95
C GLU B 122 -17.33 17.24 31.79
N SER B 123 -16.24 17.97 32.08
CA SER B 123 -15.53 18.72 31.03
C SER B 123 -14.88 17.78 29.99
N LEU B 124 -14.43 16.62 30.45
CA LEU B 124 -13.86 15.60 29.59
C LEU B 124 -14.87 15.08 28.57
N ILE B 125 -16.06 14.69 29.06
CA ILE B 125 -17.10 14.17 28.19
C ILE B 125 -17.54 15.21 27.13
N ARG B 126 -17.74 16.45 27.58
CA ARG B 126 -18.13 17.55 26.70
C ARG B 126 -17.14 17.68 25.54
N CYS B 127 -15.87 17.73 25.89
CA CYS B 127 -14.78 17.85 24.94
C CYS B 127 -14.73 16.69 23.92
N LEU B 128 -15.04 15.47 24.37
CA LEU B 128 -14.99 14.29 23.51
C LEU B 128 -16.22 13.97 22.65
N LEU B 129 -17.35 14.65 22.87
CA LEU B 129 -18.52 14.50 21.99
C LEU B 129 -18.26 15.35 20.75
N ALA B 130 -17.45 14.78 19.87
CA ALA B 130 -16.80 15.52 18.79
C ALA B 130 -16.86 14.77 17.46
N GLY B 131 -17.66 13.71 17.40
CA GLY B 131 -17.89 13.01 16.15
C GLY B 131 -18.91 13.75 15.30
N VAL B 132 -19.05 13.31 14.06
CA VAL B 132 -19.99 13.92 13.12
C VAL B 132 -20.69 12.81 12.36
N PHE B 133 -21.99 12.96 12.15
CA PHE B 133 -22.74 12.00 11.32
C PHE B 133 -22.71 12.41 9.83
N THR B 134 -22.16 11.54 8.98
CA THR B 134 -22.02 11.79 7.53
C THR B 134 -23.03 10.97 6.73
N LEU B 144 -21.42 3.79 13.49
CA LEU B 144 -21.15 2.44 13.99
C LEU B 144 -22.46 1.71 14.28
N PRO B 145 -22.57 0.44 13.83
CA PRO B 145 -23.79 -0.33 14.06
C PRO B 145 -24.03 -0.62 15.54
N ALA B 146 -25.30 -0.87 15.89
CA ALA B 146 -25.69 -1.19 17.25
C ALA B 146 -24.99 -2.46 17.76
N THR B 147 -24.78 -3.45 16.90
CA THR B 147 -24.05 -4.67 17.28
C THR B 147 -22.67 -4.33 17.87
N ALA B 148 -21.98 -3.37 17.25
CA ALA B 148 -20.64 -3.00 17.69
C ALA B 148 -20.71 -2.19 18.98
N THR B 149 -21.69 -1.29 19.07
CA THR B 149 -21.85 -0.45 20.24
C THR B 149 -22.21 -1.29 21.46
N ARG B 150 -23.15 -2.23 21.29
CA ARG B 150 -23.54 -3.09 22.43
C ARG B 150 -22.38 -3.99 22.87
N SER B 151 -21.63 -4.55 21.91
CA SER B 151 -20.40 -5.28 22.20
C SER B 151 -19.39 -4.42 22.99
N ALA B 152 -19.23 -3.16 22.59
CA ALA B 152 -18.35 -2.23 23.29
C ALA B 152 -18.80 -1.98 24.73
N MET B 153 -20.13 -1.84 24.92
CA MET B 153 -20.71 -1.71 26.26
C MET B 153 -20.39 -2.92 27.12
N LEU B 154 -20.51 -4.13 26.54
CA LEU B 154 -20.15 -5.36 27.24
C LEU B 154 -18.68 -5.35 27.66
N LEU B 155 -17.83 -4.98 26.73
CA LEU B 155 -16.38 -4.95 27.00
C LEU B 155 -15.96 -3.92 28.03
N ARG B 156 -16.59 -2.74 28.03
CA ARG B 156 -16.30 -1.72 29.07
C ARG B 156 -16.71 -2.25 30.44
N LEU B 157 -17.94 -2.80 30.51
CA LEU B 157 -18.43 -3.39 31.75
C LEU B 157 -17.47 -4.46 32.26
N ASN B 158 -17.06 -5.36 31.37
CA ASN B 158 -16.07 -6.38 31.75
C ASN B 158 -14.78 -5.82 32.36
N SER B 159 -14.22 -4.81 31.69
CA SER B 159 -12.98 -4.17 32.16
C SER B 159 -13.10 -3.67 33.59
N PHE B 160 -14.28 -3.15 33.92
CA PHE B 160 -14.55 -2.62 35.25
C PHE B 160 -14.58 -3.68 36.37
N THR B 161 -14.85 -4.94 36.02
CA THR B 161 -14.99 -6.00 37.02
C THR B 161 -13.69 -6.38 37.70
N TYR B 162 -12.56 -6.01 37.11
CA TYR B 162 -11.26 -6.32 37.70
C TYR B 162 -10.94 -5.39 38.89
N GLY B 163 -11.74 -4.35 39.10
CA GLY B 163 -11.63 -3.50 40.29
C GLY B 163 -10.46 -2.53 40.29
N CYS B 164 -10.06 -2.07 39.11
CA CYS B 164 -8.90 -1.21 38.93
C CYS B 164 -9.27 0.20 38.51
N SER B 165 -10.55 0.44 38.26
CA SER B 165 -10.99 1.63 37.52
C SER B 165 -11.57 2.76 38.35
N GLY B 166 -12.20 2.44 39.47
CA GLY B 166 -12.75 3.45 40.37
C GLY B 166 -14.20 3.82 40.07
N ILE B 167 -14.78 3.17 39.07
CA ILE B 167 -16.17 3.39 38.68
C ILE B 167 -17.09 2.81 39.77
N ARG B 168 -18.22 3.47 40.01
CA ARG B 168 -19.21 2.97 41.00
C ARG B 168 -19.93 1.72 40.50
N TRP B 169 -20.18 0.79 41.40
CA TRP B 169 -20.99 -0.39 41.10
C TRP B 169 -22.32 -0.03 40.41
N GLU B 170 -22.95 1.05 40.86
CA GLU B 170 -24.24 1.45 40.31
C GLU B 170 -24.18 1.77 38.82
N VAL B 171 -23.03 2.29 38.36
CA VAL B 171 -22.85 2.57 36.93
C VAL B 171 -22.77 1.25 36.15
N MET B 172 -22.09 0.27 36.72
CA MET B 172 -21.99 -1.06 36.13
C MET B 172 -23.35 -1.76 36.04
N GLU B 173 -24.14 -1.65 37.10
CA GLU B 173 -25.51 -2.14 37.08
C GLU B 173 -26.31 -1.50 35.96
N ALA B 174 -26.10 -0.20 35.75
CA ALA B 174 -26.80 0.52 34.69
C ALA B 174 -26.42 -0.01 33.29
N LEU B 175 -25.13 -0.29 33.07
CA LEU B 175 -24.65 -0.86 31.81
C LEU B 175 -25.34 -2.20 31.53
N GLU B 176 -25.39 -3.05 32.55
CA GLU B 176 -26.07 -4.35 32.46
C GLU B 176 -27.54 -4.18 32.04
N LYS B 177 -28.22 -3.21 32.65
CA LYS B 177 -29.63 -2.96 32.35
C LYS B 177 -29.84 -2.43 30.93
N LEU B 178 -28.97 -1.51 30.49
CA LEU B 178 -29.05 -0.98 29.14
C LEU B 178 -28.82 -2.09 28.12
N LEU B 179 -27.82 -2.92 28.39
CA LEU B 179 -27.53 -4.07 27.52
C LEU B 179 -28.72 -5.00 27.38
N ASN B 180 -29.29 -5.37 28.52
CA ASN B 180 -30.44 -6.28 28.56
C ASN B 180 -31.76 -5.69 28.06
N SER B 181 -31.82 -4.36 27.97
CA SER B 181 -33.00 -3.63 27.46
C SER B 181 -32.82 -3.15 26.02
N ASN B 182 -31.73 -3.54 25.38
CA ASN B 182 -31.45 -3.13 24.01
C ASN B 182 -31.41 -1.63 23.76
N VAL B 183 -30.89 -0.89 24.73
CA VAL B 183 -30.67 0.54 24.60
C VAL B 183 -29.18 0.78 24.31
N SER B 184 -28.90 1.61 23.29
CA SER B 184 -27.51 1.99 23.00
C SER B 184 -27.47 3.33 22.28
N PRO B 185 -26.37 4.08 22.45
CA PRO B 185 -26.31 5.37 21.77
C PRO B 185 -26.00 5.21 20.29
N LYS B 186 -26.43 6.18 19.49
CA LYS B 186 -26.01 6.29 18.12
C LYS B 186 -24.63 6.92 18.14
N VAL B 187 -23.65 6.25 17.53
CA VAL B 187 -22.26 6.68 17.60
C VAL B 187 -21.69 6.97 16.21
N PRO B 188 -21.02 8.11 16.04
CA PRO B 188 -20.29 8.41 14.81
C PRO B 188 -19.18 7.42 14.48
N LEU B 189 -18.99 7.14 13.20
CA LEU B 189 -18.05 6.12 12.75
C LEU B 189 -16.59 6.42 13.12
N ARG B 190 -16.17 7.67 12.92
CA ARG B 190 -14.74 8.02 12.94
C ARG B 190 -14.38 8.97 14.09
N GLY B 191 -13.08 9.08 14.35
CA GLY B 191 -12.57 9.96 15.38
C GLY B 191 -11.61 9.32 16.34
N SER B 192 -11.63 7.99 16.44
CA SER B 192 -10.73 7.28 17.34
C SER B 192 -9.38 6.92 16.69
N VAL B 193 -8.28 7.09 17.45
CA VAL B 193 -6.97 6.56 17.10
C VAL B 193 -6.61 5.41 18.04
N SER B 194 -7.59 4.97 18.83
CA SER B 194 -7.48 3.81 19.73
C SER B 194 -6.25 3.87 20.64
N ASP B 196 -10.25 4.42 22.84
CA ASP B 196 -11.39 4.79 21.94
C ASP B 196 -12.21 5.95 22.54
N LEU B 197 -11.52 7.07 22.76
CA LEU B 197 -12.05 8.19 23.56
C LEU B 197 -13.40 8.72 23.04
N ILE B 198 -13.44 9.07 21.76
CA ILE B 198 -14.63 9.72 21.20
C ILE B 198 -15.84 8.77 21.16
N PRO B 199 -15.71 7.57 20.57
CA PRO B 199 -16.94 6.74 20.57
C PRO B 199 -17.41 6.32 21.96
N LEU B 200 -16.48 6.01 22.88
CA LEU B 200 -16.85 5.71 24.25
C LEU B 200 -17.56 6.87 24.95
N ALA B 201 -17.18 8.11 24.58
CA ALA B 201 -17.83 9.29 25.17
C ALA B 201 -19.37 9.31 24.94
N TYR B 202 -19.83 8.67 23.86
CA TYR B 202 -21.26 8.56 23.53
C TYR B 202 -21.97 7.57 24.49
N ILE B 203 -21.26 6.54 24.93
CA ILE B 203 -21.76 5.65 26.00
C ILE B 203 -21.84 6.41 27.33
N ALA B 204 -20.79 7.17 27.65
CA ALA B 204 -20.82 8.06 28.83
C ALA B 204 -21.94 9.10 28.77
N GLY B 205 -22.14 9.69 27.59
CA GLY B 205 -23.18 10.71 27.37
C GLY B 205 -24.57 10.17 27.60
N LEU B 206 -24.79 8.92 27.21
CA LEU B 206 -26.04 8.23 27.52
C LEU B 206 -26.24 8.09 29.04
N LEU B 207 -25.21 7.60 29.73
CA LEU B 207 -25.26 7.37 31.17
C LEU B 207 -25.54 8.64 31.98
N ILE B 208 -25.07 9.78 31.50
CA ILE B 208 -25.28 11.04 32.21
C ILE B 208 -26.42 11.87 31.61
N GLY B 209 -27.14 11.31 30.65
CA GLY B 209 -28.33 11.96 30.08
C GLY B 209 -28.11 13.24 29.28
N LYS B 210 -27.04 13.29 28.49
CA LYS B 210 -26.81 14.42 27.59
C LYS B 210 -27.93 14.48 26.55
N PRO B 211 -28.67 15.60 26.47
CA PRO B 211 -29.76 15.67 25.49
C PRO B 211 -29.32 15.53 24.02
N SER B 212 -28.10 15.92 23.70
CA SER B 212 -27.60 15.85 22.33
C SER B 212 -27.29 14.42 21.87
N VAL B 213 -27.18 13.50 22.83
CA VAL B 213 -26.91 12.09 22.52
C VAL B 213 -28.23 11.39 22.24
N ILE B 214 -28.31 10.75 21.06
CA ILE B 214 -29.49 10.00 20.66
C ILE B 214 -29.30 8.52 20.99
N ALA B 215 -30.34 7.88 21.51
CA ALA B 215 -30.30 6.45 21.85
C ALA B 215 -31.33 5.66 21.06
N ARG B 216 -30.92 4.50 20.57
CA ARG B 216 -31.89 3.54 20.02
C ARG B 216 -32.38 2.60 21.11
N ILE B 217 -33.65 2.20 21.00
CA ILE B 217 -34.24 1.19 21.87
C ILE B 217 -34.85 0.13 20.95
N GLY B 218 -34.22 -1.03 20.85
CA GLY B 218 -34.57 -2.00 19.81
C GLY B 218 -34.29 -1.46 18.42
N ASP B 219 -34.92 -2.08 17.42
CA ASP B 219 -34.66 -1.77 16.01
C ASP B 219 -35.40 -0.52 15.55
N ASP B 220 -36.48 -0.17 16.25
CA ASP B 220 -37.43 0.82 15.79
C ASP B 220 -37.15 2.24 16.28
N VAL B 221 -37.24 2.46 17.60
CA VAL B 221 -37.34 3.83 18.12
C VAL B 221 -35.98 4.48 18.43
N GLU B 222 -35.90 5.78 18.18
CA GLU B 222 -34.74 6.60 18.57
C GLU B 222 -35.25 7.77 19.38
N VAL B 223 -34.64 8.03 20.53
CA VAL B 223 -35.02 9.15 21.38
C VAL B 223 -33.76 9.76 22.00
N PRO B 224 -33.88 10.99 22.52
CA PRO B 224 -32.75 11.57 23.29
C PRO B 224 -32.41 10.75 24.52
N ALA B 225 -31.14 10.80 24.92
CA ALA B 225 -30.65 10.05 26.10
C ALA B 225 -31.54 10.14 27.36
N PRO B 226 -31.91 11.36 27.81
CA PRO B 226 -32.76 11.43 29.01
C PRO B 226 -34.03 10.57 28.91
N GLU B 227 -34.69 10.62 27.75
CA GLU B 227 -35.93 9.85 27.51
C GLU B 227 -35.63 8.34 27.54
N ALA B 228 -34.47 7.96 27.01
CA ALA B 228 -34.06 6.56 26.97
C ALA B 228 -33.85 6.00 28.36
N LEU B 229 -33.20 6.78 29.21
CA LEU B 229 -32.94 6.38 30.57
C LEU B 229 -34.27 6.20 31.33
N SER B 230 -35.18 7.15 31.18
CA SER B 230 -36.45 7.10 31.94
C SER B 230 -37.32 5.92 31.53
N ARG B 231 -37.30 5.55 30.26
CA ARG B 231 -38.04 4.37 29.79
C ARG B 231 -37.54 3.05 30.40
N VAL B 232 -36.28 3.00 30.83
CA VAL B 232 -35.75 1.79 31.47
C VAL B 232 -35.59 1.96 32.98
N GLY B 233 -36.25 2.96 33.56
CA GLY B 233 -36.22 3.17 35.01
C GLY B 233 -34.86 3.55 35.56
N LEU B 234 -34.10 4.34 34.79
CA LEU B 234 -32.81 4.83 35.23
C LEU B 234 -32.88 6.34 35.35
N ARG B 235 -32.05 6.92 36.22
CA ARG B 235 -31.86 8.36 36.27
C ARG B 235 -30.43 8.72 35.83
N PRO B 236 -30.25 9.93 35.26
CA PRO B 236 -28.92 10.33 34.79
C PRO B 236 -27.91 10.33 35.93
N PHE B 237 -26.71 9.81 35.68
CA PHE B 237 -25.66 9.83 36.68
C PHE B 237 -24.95 11.18 36.71
N LYS B 238 -24.50 11.57 37.89
CA LYS B 238 -23.62 12.70 38.06
C LYS B 238 -22.23 12.12 38.32
N LEU B 239 -21.31 12.33 37.39
CA LEU B 239 -19.98 11.71 37.47
C LEU B 239 -19.22 12.17 38.71
N GLN B 240 -18.65 11.19 39.41
CA GLN B 240 -17.77 11.45 40.54
C GLN B 240 -16.33 11.26 40.08
N ALA B 241 -15.39 11.39 41.01
CA ALA B 241 -13.97 11.43 40.67
C ALA B 241 -13.56 10.21 39.82
N LYS B 242 -12.88 10.48 38.71
CA LYS B 242 -12.34 9.46 37.76
C LYS B 242 -13.35 8.78 36.82
N GLU B 243 -14.65 8.95 37.06
CA GLU B 243 -15.65 8.17 36.33
C GLU B 243 -15.79 8.47 34.84
N GLY B 244 -15.63 9.74 34.46
CA GLY B 244 -15.62 10.13 33.05
C GLY B 244 -14.46 9.46 32.35
N LEU B 245 -13.28 9.60 32.94
CA LEU B 245 -12.07 8.98 32.40
C LEU B 245 -12.21 7.47 32.30
N ALA B 246 -12.72 6.85 33.36
CA ALA B 246 -12.86 5.40 33.41
C ALA B 246 -13.74 4.89 32.28
N LEU B 247 -14.81 5.64 31.99
CA LEU B 247 -15.72 5.30 30.92
C LEU B 247 -15.12 5.42 29.51
N VAL B 248 -14.25 6.39 29.28
CA VAL B 248 -13.73 6.65 27.93
C VAL B 248 -12.32 6.14 27.63
N ASN B 249 -11.56 5.81 28.66
CA ASN B 249 -10.11 5.56 28.50
C ASN B 249 -9.79 4.08 28.27
N GLY B 250 -10.41 3.48 27.25
CA GLY B 250 -10.29 2.04 27.00
C GLY B 250 -10.24 1.67 25.54
N THR B 251 -10.16 0.38 25.26
CA THR B 251 -10.04 -0.16 23.90
C THR B 251 -11.31 -0.89 23.48
N SER B 252 -12.43 -0.53 24.09
CA SER B 252 -13.68 -1.32 23.98
C SER B 252 -14.27 -1.42 22.60
N PHE B 253 -14.15 -0.36 21.81
CA PHE B 253 -14.73 -0.34 20.46
C PHE B 253 -13.85 -1.11 19.48
N ALA B 254 -12.55 -0.79 19.45
CA ALA B 254 -11.64 -1.52 18.59
C ALA B 254 -11.78 -3.01 18.87
N THR B 255 -11.83 -3.35 20.15
CA THR B 255 -11.85 -4.75 20.58
C THR B 255 -13.22 -5.42 20.35
N ALA B 256 -14.29 -4.64 20.41
CA ALA B 256 -15.62 -5.16 20.07
C ALA B 256 -15.72 -5.55 18.58
N VAL B 257 -15.27 -4.66 17.69
CA VAL B 257 -15.28 -4.96 16.26
C VAL B 257 -14.33 -6.14 15.99
N ALA B 258 -13.16 -6.13 16.63
CA ALA B 258 -12.18 -7.22 16.43
C ALA B 258 -12.72 -8.57 16.92
N SER B 259 -13.56 -8.57 17.96
CA SER B 259 -14.10 -9.82 18.48
C SER B 259 -15.03 -10.50 17.48
N THR B 260 -15.97 -9.77 16.92
CA THR B 260 -16.85 -10.30 15.88
C THR B 260 -16.09 -10.61 14.57
N VAL B 261 -15.10 -9.78 14.26
CA VAL B 261 -14.19 -10.08 13.17
C VAL B 261 -13.50 -11.43 13.36
N MET B 262 -12.94 -11.68 14.55
CA MET B 262 -12.22 -12.96 14.77
C MET B 262 -13.17 -14.15 14.86
N TYR B 263 -14.35 -13.96 15.44
CA TYR B 263 -15.33 -15.03 15.37
C TYR B 263 -15.59 -15.42 13.91
N ASP B 264 -15.93 -14.44 13.08
CA ASP B 264 -16.24 -14.68 11.68
C ASP B 264 -15.05 -15.25 10.90
N ALA B 265 -13.84 -14.79 11.20
CA ALA B 265 -12.65 -15.23 10.50
C ALA B 265 -12.41 -16.72 10.74
N ASN B 266 -12.65 -17.17 11.98
CA ASN B 266 -12.55 -18.60 12.32
C ASN B 266 -13.58 -19.44 11.55
N VAL B 267 -14.84 -19.01 11.56
CA VAL B 267 -15.90 -19.77 10.87
C VAL B 267 -15.61 -19.84 9.37
N LEU B 268 -15.29 -18.69 8.79
CA LEU B 268 -15.07 -18.64 7.35
C LEU B 268 -13.79 -19.37 6.94
N LEU B 269 -12.75 -19.33 7.77
CA LEU B 269 -11.51 -20.13 7.50
C LEU B 269 -11.85 -21.62 7.39
N LEU B 270 -12.60 -22.12 8.37
CA LEU B 270 -12.96 -23.55 8.40
C LEU B 270 -13.80 -23.91 7.18
N LEU B 271 -14.70 -23.01 6.82
CA LEU B 271 -15.55 -23.17 5.65
C LEU B 271 -14.70 -23.25 4.37
N VAL B 272 -13.70 -22.38 4.25
CA VAL B 272 -12.82 -22.40 3.09
C VAL B 272 -12.01 -23.68 3.04
N GLU B 273 -11.44 -24.08 4.17
CA GLU B 273 -10.65 -25.33 4.23
C GLU B 273 -11.49 -26.50 3.78
N THR B 274 -12.68 -26.58 4.36
CA THR B 274 -13.63 -27.66 4.08
C THR B 274 -13.96 -27.70 2.60
N LEU B 275 -14.28 -26.55 2.04
CA LEU B 275 -14.68 -26.48 0.65
C LEU B 275 -13.55 -26.69 -0.38
N CYS B 276 -12.27 -26.66 0.05
CA CYS B 276 -11.20 -27.17 -0.82
C CYS B 276 -11.42 -28.66 -1.15
N GLY B 277 -12.03 -29.41 -0.21
CA GLY B 277 -12.36 -30.82 -0.45
C GLY B 277 -13.43 -30.95 -1.51
N MET B 278 -14.46 -30.09 -1.43
CA MET B 278 -15.51 -30.11 -2.43
C MET B 278 -14.93 -29.76 -3.81
N PHE B 279 -14.00 -28.80 -3.83
CA PHE B 279 -13.33 -28.41 -5.07
C PHE B 279 -12.63 -29.61 -5.71
N CYS B 280 -11.85 -30.33 -4.91
CA CYS B 280 -11.19 -31.56 -5.39
C CYS B 280 -12.19 -32.50 -6.08
N GLU B 281 -13.32 -32.74 -5.42
CA GLU B 281 -14.32 -33.66 -5.96
C GLU B 281 -14.82 -33.25 -7.33
N VAL B 282 -15.17 -31.97 -7.50
CA VAL B 282 -15.76 -31.51 -8.76
C VAL B 282 -14.75 -31.26 -9.88
N ILE B 283 -13.52 -30.91 -9.53
CA ILE B 283 -12.49 -30.62 -10.56
C ILE B 283 -11.76 -31.88 -11.03
N PHE B 284 -12.11 -33.05 -10.48
CA PHE B 284 -11.34 -34.28 -10.67
C PHE B 284 -9.89 -34.11 -10.22
N GLY B 285 -9.72 -33.76 -8.95
CA GLY B 285 -8.37 -33.67 -8.37
C GLY B 285 -7.86 -35.04 -7.94
N ARG B 286 -6.57 -35.09 -7.65
CA ARG B 286 -5.90 -36.24 -7.03
C ARG B 286 -5.71 -35.96 -5.53
N GLU B 287 -6.41 -36.74 -4.70
CA GLU B 287 -6.44 -36.52 -3.26
C GLU B 287 -5.11 -36.75 -2.56
N GLU B 288 -4.16 -37.35 -3.27
CA GLU B 288 -2.82 -37.59 -2.74
C GLU B 288 -2.10 -36.31 -2.24
N PHE B 289 -2.48 -35.14 -2.75
CA PHE B 289 -1.90 -33.87 -2.24
C PHE B 289 -2.03 -33.70 -0.71
N ALA B 290 -3.06 -34.29 -0.11
CA ALA B 290 -3.31 -34.22 1.35
C ALA B 290 -2.71 -35.40 2.16
N HIS B 291 -1.90 -36.23 1.52
CA HIS B 291 -1.29 -37.39 2.19
C HIS B 291 -0.43 -36.92 3.39
N PRO B 292 -0.58 -37.58 4.56
CA PRO B 292 0.06 -37.12 5.80
C PRO B 292 1.60 -37.03 5.78
N LEU B 293 2.28 -37.91 5.05
CA LEU B 293 3.75 -37.86 4.99
C LEU B 293 4.26 -36.54 4.38
N ILE B 294 3.60 -36.06 3.33
CA ILE B 294 3.99 -34.81 2.68
C ILE B 294 4.10 -33.73 3.76
N HIS B 295 3.07 -33.64 4.59
CA HIS B 295 2.97 -32.59 5.57
C HIS B 295 3.79 -32.87 6.83
N LYS B 296 3.94 -34.15 7.19
CA LYS B 296 4.87 -34.50 8.27
C LYS B 296 6.29 -33.98 8.01
N VAL B 297 6.76 -34.05 6.76
CA VAL B 297 8.14 -33.60 6.45
C VAL B 297 8.27 -32.08 6.19
N LYS B 298 7.17 -31.35 6.28
CA LYS B 298 7.21 -29.87 6.29
C LYS B 298 6.16 -29.42 7.31
N PRO B 299 6.49 -29.58 8.60
CA PRO B 299 5.42 -29.65 9.60
C PRO B 299 4.91 -28.32 10.20
N HIS B 300 4.57 -27.33 9.35
CA HIS B 300 3.82 -26.17 9.83
C HIS B 300 2.47 -26.70 10.39
N PRO B 301 2.12 -26.37 11.64
CA PRO B 301 0.88 -26.95 12.22
C PRO B 301 -0.40 -26.74 11.40
N GLY B 302 -0.51 -25.56 10.77
CA GLY B 302 -1.61 -25.27 9.88
C GLY B 302 -1.64 -26.13 8.61
N GLN B 303 -0.45 -26.51 8.14
CA GLN B 303 -0.33 -27.37 6.98
C GLN B 303 -0.77 -28.79 7.35
N ILE B 304 -0.20 -29.32 8.43
CA ILE B 304 -0.59 -30.66 8.94
C ILE B 304 -2.10 -30.74 9.17
N GLU B 305 -2.66 -29.76 9.86
CA GLU B 305 -4.04 -29.83 10.30
C GLU B 305 -5.07 -29.65 9.17
N SER B 306 -4.78 -28.77 8.21
CA SER B 306 -5.66 -28.61 7.04
C SER B 306 -5.60 -29.86 6.13
N ALA B 307 -4.39 -30.40 5.95
CA ALA B 307 -4.24 -31.65 5.17
C ALA B 307 -4.97 -32.79 5.87
N GLU B 308 -4.90 -32.84 7.19
CA GLU B 308 -5.55 -33.89 7.96
C GLU B 308 -7.06 -33.87 7.71
N LEU B 309 -7.64 -32.67 7.69
CA LEU B 309 -9.08 -32.52 7.41
C LEU B 309 -9.45 -33.00 6.00
N LEU B 310 -8.67 -32.58 5.02
CA LEU B 310 -8.92 -32.88 3.62
C LEU B 310 -8.76 -34.38 3.33
N GLU B 311 -7.73 -35.00 3.88
CA GLU B 311 -7.55 -36.44 3.75
C GLU B 311 -8.82 -37.16 4.20
N TRP B 312 -9.32 -36.78 5.36
CA TRP B 312 -10.51 -37.41 5.96
C TRP B 312 -11.75 -37.15 5.12
N LEU B 313 -11.90 -35.91 4.64
CA LEU B 313 -13.04 -35.55 3.81
C LEU B 313 -13.08 -36.34 2.51
N LEU B 314 -11.91 -36.64 1.95
CA LEU B 314 -11.82 -37.28 0.64
C LEU B 314 -11.70 -38.82 0.61
N ARG B 315 -11.50 -39.44 1.77
CA ARG B 315 -11.32 -40.89 1.89
C ARG B 315 -12.63 -41.58 1.48
N SER B 316 -12.53 -42.62 0.65
CA SER B 316 -13.73 -43.30 0.06
C SER B 316 -14.78 -42.35 -0.56
N SER B 317 -14.32 -41.24 -1.15
CA SER B 317 -15.20 -40.33 -1.90
C SER B 317 -15.68 -40.95 -3.21
N PRO B 318 -17.01 -40.90 -3.48
CA PRO B 318 -17.48 -41.40 -4.78
C PRO B 318 -17.00 -40.58 -5.97
N PHE B 319 -16.75 -39.29 -5.76
CA PHE B 319 -16.18 -38.46 -6.82
C PHE B 319 -14.72 -38.80 -7.08
N GLN B 320 -13.92 -39.09 -6.05
CA GLN B 320 -12.53 -39.52 -6.28
C GLN B 320 -12.45 -40.86 -7.03
N GLU B 321 -13.48 -41.70 -6.87
CA GLU B 321 -13.61 -42.90 -7.70
C GLU B 321 -13.76 -42.54 -9.18
N LEU B 322 -14.65 -41.60 -9.50
CA LEU B 322 -14.80 -41.10 -10.86
C LEU B 322 -13.51 -40.47 -11.38
N SER B 323 -12.86 -39.67 -10.54
CA SER B 323 -11.56 -39.06 -10.91
C SER B 323 -10.57 -40.12 -11.36
N ARG B 324 -10.42 -41.19 -10.58
CA ARG B 324 -9.47 -42.26 -10.93
C ARG B 324 -9.82 -42.94 -12.25
N GLU B 325 -11.11 -43.15 -12.52
CA GLU B 325 -11.56 -43.71 -13.81
C GLU B 325 -11.22 -42.79 -14.99
N TYR B 326 -11.42 -41.48 -14.79
CA TYR B 326 -11.11 -40.47 -15.81
C TYR B 326 -9.62 -40.50 -16.20
N TYR B 327 -8.74 -40.50 -15.20
CA TYR B 327 -7.30 -40.49 -15.52
C TYR B 327 -6.79 -41.86 -16.02
N SER B 328 -7.58 -42.92 -15.88
CA SER B 328 -7.17 -44.24 -16.43
C SER B 328 -7.47 -44.34 -17.93
N ILE B 329 -8.26 -43.39 -18.45
CA ILE B 329 -8.63 -43.30 -19.87
C ILE B 329 -7.74 -42.25 -20.53
N ASP B 330 -6.96 -42.66 -21.52
CA ASP B 330 -5.93 -41.81 -22.14
C ASP B 330 -4.99 -41.19 -21.10
N LYS B 331 -4.55 -42.02 -20.16
CA LYS B 331 -3.75 -41.57 -19.02
C LYS B 331 -2.57 -40.70 -19.41
N LEU B 332 -1.83 -41.16 -20.43
CA LEU B 332 -0.61 -40.47 -20.85
C LEU B 332 -0.86 -39.19 -21.66
N LYS B 333 -2.12 -38.83 -21.89
CA LYS B 333 -2.44 -37.55 -22.52
C LYS B 333 -3.06 -36.54 -21.54
N LYS B 334 -3.10 -36.89 -20.25
CA LYS B 334 -3.71 -36.04 -19.23
C LYS B 334 -2.69 -35.66 -18.16
N PRO B 335 -2.89 -34.51 -17.47
CA PRO B 335 -1.89 -34.09 -16.47
C PRO B 335 -1.66 -35.11 -15.38
N LYS B 336 -0.41 -35.24 -14.96
CA LYS B 336 -0.06 -36.11 -13.86
C LYS B 336 -0.42 -35.47 -12.51
N GLN B 337 -0.33 -34.14 -12.40
CA GLN B 337 -0.70 -33.47 -11.16
C GLN B 337 -1.68 -32.34 -11.41
N ASP B 338 -2.36 -31.94 -10.34
CA ASP B 338 -3.28 -30.83 -10.39
C ASP B 338 -2.54 -29.52 -10.31
N ARG B 339 -3.24 -28.45 -10.63
CA ARG B 339 -2.67 -27.12 -10.55
C ARG B 339 -2.68 -26.63 -9.11
N TYR B 340 -1.99 -25.52 -8.84
CA TYR B 340 -1.66 -25.19 -7.45
C TYR B 340 -2.85 -24.84 -6.59
N ALA B 341 -3.89 -24.24 -7.17
CA ALA B 341 -5.03 -23.83 -6.35
C ALA B 341 -5.62 -24.98 -5.52
N LEU B 342 -5.52 -26.21 -6.03
CA LEU B 342 -5.84 -27.40 -5.21
C LEU B 342 -4.62 -28.03 -4.53
N ARG B 343 -3.62 -28.41 -5.32
CA ARG B 343 -2.52 -29.25 -4.83
C ARG B 343 -1.69 -28.54 -3.74
N SER B 344 -1.57 -27.22 -3.85
CA SER B 344 -0.83 -26.41 -2.89
C SER B 344 -1.72 -25.78 -1.81
N SER B 345 -2.99 -26.20 -1.72
CA SER B 345 -3.91 -25.63 -0.73
C SER B 345 -3.46 -25.74 0.74
N PRO B 346 -2.92 -26.92 1.21
CA PRO B 346 -2.48 -26.99 2.61
C PRO B 346 -1.28 -26.11 2.95
N GLN B 347 -0.34 -26.00 2.03
CA GLN B 347 0.80 -25.11 2.19
C GLN B 347 0.34 -23.64 2.23
N TRP B 348 -0.60 -23.30 1.34
CA TRP B 348 -1.16 -21.93 1.31
C TRP B 348 -1.91 -21.59 2.60
N LEU B 349 -2.74 -22.53 3.04
CA LEU B 349 -3.59 -22.32 4.22
C LEU B 349 -2.81 -22.19 5.53
N ALA B 350 -1.63 -22.82 5.59
CA ALA B 350 -0.86 -22.91 6.83
C ALA B 350 -0.70 -21.56 7.55
N PRO B 351 -0.10 -20.56 6.88
CA PRO B 351 0.05 -19.26 7.56
C PRO B 351 -1.29 -18.60 7.92
N LEU B 352 -2.30 -18.86 7.11
CA LEU B 352 -3.61 -18.25 7.29
C LEU B 352 -4.32 -18.82 8.52
N VAL B 353 -4.26 -20.13 8.69
CA VAL B 353 -4.76 -20.78 9.91
C VAL B 353 -4.04 -20.23 11.13
N GLN B 354 -2.72 -20.19 11.07
CA GLN B 354 -1.94 -19.80 12.21
C GLN B 354 -2.18 -18.34 12.62
N THR B 355 -2.33 -17.47 11.62
CA THR B 355 -2.54 -16.04 11.89
C THR B 355 -3.90 -15.84 12.59
N ILE B 356 -4.91 -16.51 12.07
CA ILE B 356 -6.29 -16.36 12.57
C ILE B 356 -6.45 -16.92 13.99
N ARG B 357 -5.82 -18.06 14.28
CA ARG B 357 -5.87 -18.64 15.60
C ARG B 357 -5.06 -17.78 16.61
N ASP B 358 -3.84 -17.41 16.27
CA ASP B 358 -3.03 -16.54 17.14
C ASP B 358 -3.71 -15.18 17.40
N ALA B 359 -4.36 -14.61 16.40
CA ALA B 359 -5.04 -13.33 16.58
C ALA B 359 -6.26 -13.46 17.47
N THR B 360 -6.94 -14.60 17.40
CA THR B 360 -8.05 -14.87 18.33
C THR B 360 -7.61 -14.80 19.80
N THR B 361 -6.50 -15.46 20.13
CA THR B 361 -5.91 -15.42 21.47
C THR B 361 -5.63 -13.99 21.96
N THR B 362 -4.93 -13.21 21.13
CA THR B 362 -4.62 -11.81 21.44
C THR B 362 -5.86 -10.96 21.68
N VAL B 363 -6.88 -11.14 20.83
CA VAL B 363 -8.11 -10.36 20.96
C VAL B 363 -8.84 -10.74 22.25
N GLU B 364 -8.85 -12.03 22.59
CA GLU B 364 -9.48 -12.46 23.85
C GLU B 364 -8.74 -11.96 25.11
N THR B 365 -7.42 -11.95 25.07
CA THR B 365 -6.64 -11.32 26.12
C THR B 365 -7.08 -9.86 26.33
N GLU B 366 -7.33 -9.13 25.24
CA GLU B 366 -7.71 -7.71 25.35
C GLU B 366 -9.14 -7.61 25.91
N VAL B 367 -10.03 -8.49 25.45
CA VAL B 367 -11.41 -8.52 25.99
C VAL B 367 -11.37 -8.66 27.51
N ASN B 368 -10.51 -9.56 27.99
CA ASN B 368 -10.37 -9.86 29.42
C ASN B 368 -9.23 -9.11 30.11
N SER B 369 -9.24 -7.78 29.97
CA SER B 369 -8.18 -6.93 30.52
C SER B 369 -8.78 -5.70 31.18
N ALA B 370 -8.03 -5.10 32.09
CA ALA B 370 -8.33 -3.77 32.62
C ALA B 370 -7.62 -2.76 31.71
N ASN B 371 -8.35 -2.30 30.71
CA ASN B 371 -7.85 -1.35 29.72
C ASN B 371 -8.39 -0.01 30.14
N ASP B 372 -7.60 0.63 30.99
CA ASP B 372 -7.98 1.83 31.68
C ASP B 372 -6.69 2.44 32.27
N ASN B 373 -6.74 3.71 32.66
CA ASN B 373 -5.60 4.38 33.28
C ASN B 373 -6.05 5.64 34.01
N PRO B 374 -5.44 5.93 35.19
CA PRO B 374 -4.55 5.10 35.99
C PRO B 374 -5.20 3.80 36.47
N ILE B 375 -4.35 2.82 36.79
CA ILE B 375 -4.75 1.54 37.36
C ILE B 375 -4.65 1.68 38.87
N ILE B 376 -5.77 1.55 39.56
CA ILE B 376 -5.81 1.74 41.02
C ILE B 376 -5.47 0.45 41.74
N ASP B 377 -4.29 0.43 42.37
CA ASP B 377 -3.87 -0.65 43.29
C ASP B 377 -4.28 -0.23 44.71
N HIS B 378 -5.58 -0.39 45.03
CA HIS B 378 -6.11 0.07 46.32
C HIS B 378 -5.49 -0.66 47.51
N ALA B 379 -5.15 -1.93 47.31
CA ALA B 379 -4.52 -2.74 48.36
C ALA B 379 -3.22 -2.10 48.86
N ASN B 380 -2.47 -1.48 47.96
CA ASN B 380 -1.18 -0.88 48.32
C ASN B 380 -1.20 0.64 48.25
N ASP B 381 -2.39 1.22 48.24
CA ASP B 381 -2.56 2.68 48.22
C ASP B 381 -1.76 3.41 47.13
N ARG B 382 -1.80 2.88 45.91
CA ARG B 382 -1.13 3.50 44.77
C ARG B 382 -2.02 3.53 43.53
N ALA B 383 -2.05 4.69 42.87
CA ALA B 383 -2.58 4.83 41.53
C ALA B 383 -1.38 4.69 40.59
N LEU B 384 -1.44 3.69 39.71
CA LEU B 384 -0.32 3.33 38.84
C LEU B 384 -0.55 3.91 37.46
N HIS B 385 0.45 4.68 37.01
CA HIS B 385 0.38 5.47 35.78
C HIS B 385 1.07 4.78 34.61
N GLY B 386 0.25 4.28 33.70
CA GLY B 386 0.71 3.53 32.53
C GLY B 386 -0.15 3.85 31.31
N ALA B 387 -0.31 2.86 30.42
CA ALA B 387 -0.95 3.08 29.13
C ALA B 387 -1.77 1.88 28.63
N ASN B 388 -2.57 1.26 29.50
CA ASN B 388 -3.38 0.10 29.09
C ASN B 388 -4.53 0.43 28.12
N PHE B 389 -4.79 1.72 27.90
CA PHE B 389 -5.71 2.20 26.86
C PHE B 389 -5.15 2.05 25.42
N GLN B 390 -3.88 1.68 25.28
CA GLN B 390 -3.22 1.60 23.98
C GLN B 390 -3.61 0.30 23.32
N GLY B 391 -4.36 0.39 22.22
CA GLY B 391 -4.87 -0.80 21.54
C GLY B 391 -3.95 -1.46 20.52
N SER B 392 -2.64 -1.40 20.73
CA SER B 392 -1.69 -1.85 19.71
C SER B 392 -1.65 -3.36 19.46
N ALA B 393 -1.86 -4.17 20.50
CA ALA B 393 -1.95 -5.62 20.29
C ALA B 393 -3.04 -5.92 19.27
N VAL B 394 -4.23 -5.34 19.47
CA VAL B 394 -5.35 -5.51 18.53
C VAL B 394 -5.08 -4.90 17.14
N GLY B 395 -4.53 -3.68 17.11
CA GLY B 395 -4.27 -3.01 15.86
C GLY B 395 -3.32 -3.76 14.91
N PHE B 396 -2.16 -4.16 15.42
CA PHE B 396 -1.24 -4.93 14.60
C PHE B 396 -1.86 -6.25 14.13
N TYR B 397 -2.53 -6.97 15.02
CA TYR B 397 -3.13 -8.25 14.63
C TYR B 397 -4.28 -8.09 13.63
N MET B 398 -5.00 -6.97 13.67
CA MET B 398 -6.02 -6.72 12.63
C MET B 398 -5.36 -6.54 11.25
N ASP B 399 -4.21 -5.87 11.19
CA ASP B 399 -3.44 -5.77 9.94
C ASP B 399 -3.08 -7.18 9.42
N TYR B 400 -2.57 -8.02 10.29
CA TYR B 400 -2.13 -9.35 9.88
C TYR B 400 -3.29 -10.20 9.35
N VAL B 401 -4.38 -10.19 10.08
CA VAL B 401 -5.59 -10.95 9.70
C VAL B 401 -6.15 -10.48 8.37
N ARG B 402 -6.11 -9.16 8.12
CA ARG B 402 -6.56 -8.63 6.84
C ARG B 402 -5.74 -9.18 5.67
N ILE B 403 -4.41 -9.28 5.86
CA ILE B 403 -3.52 -9.93 4.90
C ILE B 403 -3.88 -11.43 4.73
N ALA B 404 -4.20 -12.09 5.83
CA ALA B 404 -4.55 -13.52 5.77
C ALA B 404 -5.88 -13.71 5.07
N VAL B 405 -6.83 -12.79 5.30
CA VAL B 405 -8.14 -12.84 4.59
C VAL B 405 -7.97 -12.65 3.09
N ALA B 406 -7.09 -11.73 2.70
CA ALA B 406 -6.76 -11.54 1.30
C ALA B 406 -6.16 -12.81 0.71
N GLY B 407 -5.35 -13.52 1.50
CA GLY B 407 -4.83 -14.85 1.10
C GLY B 407 -5.92 -15.89 0.87
N LEU B 408 -6.92 -15.96 1.74
CA LEU B 408 -8.07 -16.86 1.54
C LEU B 408 -8.85 -16.49 0.28
N GLY B 409 -9.05 -15.20 0.06
CA GLY B 409 -9.73 -14.73 -1.15
C GLY B 409 -9.03 -15.12 -2.43
N LYS B 410 -7.71 -14.96 -2.46
CA LYS B 410 -6.93 -15.32 -3.63
C LYS B 410 -7.05 -16.82 -3.93
N LEU B 411 -7.04 -17.66 -2.89
CA LEU B 411 -7.23 -19.10 -3.06
C LEU B 411 -8.60 -19.43 -3.69
N LEU B 412 -9.65 -18.79 -3.21
CA LEU B 412 -10.99 -18.97 -3.81
C LEU B 412 -11.04 -18.49 -5.26
N PHE B 413 -10.40 -17.35 -5.54
CA PHE B 413 -10.40 -16.79 -6.89
C PHE B 413 -9.70 -17.75 -7.85
N ALA B 414 -8.55 -18.28 -7.44
CA ALA B 414 -7.83 -19.21 -8.31
C ALA B 414 -8.64 -20.47 -8.61
N GLN B 415 -9.27 -21.01 -7.58
CA GLN B 415 -10.09 -22.21 -7.74
C GLN B 415 -11.29 -21.93 -8.66
N PHE B 416 -12.00 -20.83 -8.41
CA PHE B 416 -13.13 -20.43 -9.24
C PHE B 416 -12.71 -20.31 -10.71
N THR B 417 -11.57 -19.65 -10.95
CA THR B 417 -11.07 -19.44 -12.30
C THR B 417 -10.84 -20.76 -13.04
N GLU B 418 -10.23 -21.73 -12.35
CA GLU B 418 -9.99 -23.05 -12.93
C GLU B 418 -11.31 -23.71 -13.35
N LEU B 419 -12.29 -23.61 -12.47
CA LEU B 419 -13.60 -24.21 -12.68
C LEU B 419 -14.34 -23.68 -13.91
N MET B 420 -14.12 -22.40 -14.23
CA MET B 420 -14.79 -21.74 -15.37
C MET B 420 -14.17 -22.01 -16.76
N ILE B 421 -12.94 -22.52 -16.79
CA ILE B 421 -12.20 -22.66 -18.05
C ILE B 421 -12.08 -24.13 -18.46
N GLU B 422 -12.66 -24.48 -19.60
CA GLU B 422 -12.70 -25.86 -20.06
C GLU B 422 -11.29 -26.51 -20.18
N TYR B 423 -10.27 -25.72 -20.50
CA TYR B 423 -8.89 -26.26 -20.57
C TYR B 423 -8.34 -26.74 -19.21
N TYR B 424 -8.90 -26.23 -18.11
CA TYR B 424 -8.42 -26.52 -16.75
C TYR B 424 -9.42 -27.28 -15.89
N SER B 425 -10.59 -27.62 -16.42
CA SER B 425 -11.64 -28.22 -15.63
C SER B 425 -11.89 -29.72 -15.89
N ASN B 426 -11.06 -30.34 -16.73
CA ASN B 426 -11.10 -31.80 -16.89
C ASN B 426 -12.49 -32.34 -17.27
N GLY B 427 -13.10 -31.74 -18.29
CA GLY B 427 -14.38 -32.23 -18.82
C GLY B 427 -15.57 -31.29 -18.66
N LEU B 428 -15.52 -30.39 -17.69
CA LEU B 428 -16.64 -29.48 -17.48
C LEU B 428 -16.72 -28.42 -18.57
N PRO B 429 -17.94 -27.96 -18.88
CA PRO B 429 -18.12 -26.95 -19.90
C PRO B 429 -17.63 -25.59 -19.43
N GLY B 430 -17.21 -24.74 -20.36
CA GLY B 430 -16.84 -23.37 -20.03
C GLY B 430 -17.95 -22.63 -19.30
N ASN B 431 -17.59 -21.90 -18.25
CA ASN B 431 -18.54 -21.11 -17.45
C ASN B 431 -19.59 -21.96 -16.73
N LEU B 432 -19.30 -23.25 -16.63
CA LEU B 432 -20.26 -24.25 -16.14
C LEU B 432 -21.64 -24.10 -16.82
N SER B 433 -21.60 -23.82 -18.13
CA SER B 433 -22.80 -23.62 -18.93
C SER B 433 -23.38 -24.99 -19.27
N LEU B 434 -24.61 -25.24 -18.85
CA LEU B 434 -25.30 -26.49 -19.24
C LEU B 434 -25.67 -26.48 -20.72
N GLY B 435 -26.09 -25.33 -21.24
CA GLY B 435 -26.60 -25.28 -22.60
C GLY B 435 -27.89 -26.11 -22.72
N PRO B 436 -27.97 -27.03 -23.70
CA PRO B 436 -26.94 -27.42 -24.67
C PRO B 436 -26.51 -26.33 -25.63
N ASP B 437 -27.41 -25.40 -25.92
CA ASP B 437 -27.10 -24.29 -26.80
C ASP B 437 -26.30 -23.23 -26.05
N LEU B 438 -24.98 -23.31 -26.19
CA LEU B 438 -24.06 -22.40 -25.52
C LEU B 438 -24.13 -20.95 -26.02
N SER B 439 -24.72 -20.74 -27.19
CA SER B 439 -24.82 -19.38 -27.75
C SER B 439 -25.78 -18.46 -26.98
N VAL B 440 -26.71 -19.06 -26.23
CA VAL B 440 -27.63 -18.32 -25.37
C VAL B 440 -27.57 -18.82 -23.92
N ASP B 441 -26.39 -19.31 -23.52
CA ASP B 441 -26.18 -19.69 -22.13
C ASP B 441 -24.72 -19.44 -21.75
N TYR B 442 -24.46 -18.31 -21.09
CA TYR B 442 -23.09 -17.93 -20.69
C TYR B 442 -22.80 -18.34 -19.25
N GLY B 443 -23.66 -19.20 -18.70
CA GLY B 443 -23.47 -19.80 -17.40
C GLY B 443 -23.20 -18.81 -16.26
N LEU B 444 -22.10 -19.04 -15.57
CA LEU B 444 -21.71 -18.25 -14.41
C LEU B 444 -20.66 -17.18 -14.76
N LYS B 445 -20.60 -16.79 -16.04
CA LYS B 445 -19.63 -15.76 -16.49
C LYS B 445 -19.76 -14.47 -15.67
N GLY B 446 -20.99 -14.10 -15.32
CA GLY B 446 -21.22 -12.94 -14.48
C GLY B 446 -20.58 -13.08 -13.11
N LEU B 447 -20.76 -14.26 -12.50
CA LEU B 447 -20.18 -14.51 -11.20
C LEU B 447 -18.64 -14.50 -11.31
N ASP B 448 -18.13 -14.95 -12.44
CA ASP B 448 -16.67 -15.01 -12.68
C ASP B 448 -16.08 -13.62 -12.73
N ILE B 449 -16.71 -12.72 -13.46
CA ILE B 449 -16.30 -11.30 -13.48
C ILE B 449 -16.34 -10.70 -12.07
N ALA B 450 -17.42 -10.97 -11.33
CA ALA B 450 -17.55 -10.42 -9.99
C ALA B 450 -16.43 -10.92 -9.06
N MET B 451 -16.01 -12.19 -9.20
CA MET B 451 -14.95 -12.74 -8.33
C MET B 451 -13.62 -12.00 -8.50
N ALA B 452 -13.31 -11.63 -9.73
CA ALA B 452 -12.11 -10.81 -9.99
C ALA B 452 -12.25 -9.47 -9.27
N ALA B 453 -13.44 -8.89 -9.34
CA ALA B 453 -13.68 -7.58 -8.72
C ALA B 453 -13.57 -7.66 -7.20
N TYR B 454 -14.09 -8.75 -6.63
CA TYR B 454 -14.01 -9.02 -5.21
C TYR B 454 -12.55 -9.22 -4.79
N SER B 455 -11.84 -10.09 -5.50
CA SER B 455 -10.43 -10.33 -5.17
C SER B 455 -9.60 -9.06 -5.23
N SER B 456 -9.78 -8.30 -6.30
CA SER B 456 -9.05 -7.06 -6.52
C SER B 456 -9.21 -6.05 -5.35
N GLU B 457 -10.46 -5.83 -4.92
CA GLU B 457 -10.71 -4.92 -3.81
C GLU B 457 -10.13 -5.46 -2.49
N LEU B 458 -10.24 -6.77 -2.29
CA LEU B 458 -9.74 -7.40 -1.12
C LEU B 458 -8.23 -7.22 -0.99
N GLN B 459 -7.50 -7.38 -2.09
CA GLN B 459 -6.04 -7.23 -2.04
C GLN B 459 -5.67 -5.78 -1.69
N TYR B 460 -6.40 -4.81 -2.25
CA TYR B 460 -6.24 -3.40 -1.90
C TYR B 460 -6.48 -3.12 -0.40
N LEU B 461 -7.54 -3.69 0.17
CA LEU B 461 -7.86 -3.45 1.58
C LEU B 461 -6.77 -3.90 2.55
N ALA B 462 -5.99 -4.92 2.15
CA ALA B 462 -5.04 -5.56 3.05
C ALA B 462 -3.69 -4.86 3.20
N ASN B 463 -3.53 -3.68 2.62
CA ASN B 463 -2.43 -2.81 3.02
C ASN B 463 -2.66 -2.47 4.49
N PRO B 464 -1.58 -2.21 5.23
CA PRO B 464 -1.66 -1.94 6.66
C PRO B 464 -2.15 -0.53 7.01
N VAL B 465 -2.84 -0.44 8.15
CA VAL B 465 -3.21 0.82 8.75
C VAL B 465 -2.16 1.29 9.78
N THR B 466 -1.52 0.35 10.47
CA THR B 466 -0.63 0.70 11.58
C THR B 466 0.64 1.42 11.15
N THR B 467 0.91 1.45 9.85
CA THR B 467 2.07 2.19 9.32
C THR B 467 1.77 3.67 9.14
N HIS B 468 0.54 4.09 9.41
CA HIS B 468 0.12 5.48 9.22
C HIS B 468 -0.08 6.27 10.52
N VAL B 469 0.73 5.95 11.51
CA VAL B 469 0.67 6.62 12.81
C VAL B 469 1.09 8.09 12.70
N HIS B 470 0.19 8.99 13.09
CA HIS B 470 0.49 10.44 13.16
C HIS B 470 0.83 10.81 14.62
N SER B 471 1.70 11.80 14.85
CA SER B 471 1.92 12.30 16.21
C SER B 471 0.71 13.15 16.62
N ALA B 472 -0.07 12.67 17.58
CA ALA B 472 -1.41 13.19 17.84
C ALA B 472 -1.58 13.87 19.22
N GLU B 473 -2.64 14.66 19.34
CA GLU B 473 -3.07 15.25 20.63
C GLU B 473 -1.97 16.08 21.31
N GLN B 474 -1.69 17.25 20.72
CA GLN B 474 -0.58 18.12 21.13
C GLN B 474 0.72 17.32 21.34
N HIS B 475 0.95 16.35 20.48
CA HIS B 475 2.15 15.48 20.51
C HIS B 475 2.30 14.65 21.77
N ASN B 476 1.20 14.47 22.50
CA ASN B 476 1.20 13.55 23.65
C ASN B 476 1.13 12.08 23.18
N GLN B 477 0.32 11.84 22.16
CA GLN B 477 0.10 10.50 21.60
C GLN B 477 0.97 10.36 20.39
N ASP B 478 2.28 10.37 20.63
CA ASP B 478 3.25 10.29 19.54
C ASP B 478 3.41 8.87 19.01
N ILE B 479 2.83 7.92 19.71
CA ILE B 479 2.49 6.65 19.12
C ILE B 479 1.03 6.35 19.50
N ASN B 480 0.30 5.78 18.55
CA ASN B 480 -1.10 5.40 18.75
C ASN B 480 -1.46 4.25 17.81
N SER B 481 -2.48 3.46 18.17
CA SER B 481 -2.62 2.12 17.56
C SER B 481 -3.44 2.10 16.27
N LEU B 482 -4.40 3.02 16.14
CA LEU B 482 -5.32 3.03 15.00
C LEU B 482 -6.14 1.73 14.90
N ALA B 483 -6.35 1.09 16.05
CA ALA B 483 -6.90 -0.27 16.11
C ALA B 483 -8.34 -0.36 15.62
N LEU B 484 -9.18 0.64 15.93
CA LEU B 484 -10.57 0.62 15.45
C LEU B 484 -10.63 0.76 13.94
N ILE B 485 -9.78 1.64 13.39
CA ILE B 485 -9.73 1.83 11.96
C ILE B 485 -9.34 0.51 11.29
N SER B 486 -8.29 -0.12 11.80
CA SER B 486 -7.83 -1.38 11.24
C SER B 486 -8.87 -2.50 11.35
N ALA B 487 -9.50 -2.63 12.52
CA ALA B 487 -10.57 -3.63 12.71
C ALA B 487 -11.72 -3.42 11.73
N ARG B 488 -12.08 -2.16 11.49
CA ARG B 488 -13.09 -1.81 10.49
C ARG B 488 -12.73 -2.24 9.07
N LYS B 489 -11.46 -2.09 8.69
CA LYS B 489 -11.04 -2.52 7.38
C LYS B 489 -11.00 -4.06 7.26
N THR B 490 -10.60 -4.74 8.32
CA THR B 490 -10.63 -6.20 8.33
C THR B 490 -12.09 -6.71 8.24
N GLU B 491 -12.99 -6.00 8.89
CA GLU B 491 -14.42 -6.32 8.80
C GLU B 491 -14.93 -6.20 7.36
N GLU B 492 -14.55 -5.11 6.66
CA GLU B 492 -14.91 -4.91 5.27
C GLU B 492 -14.32 -6.05 4.39
N ALA B 493 -13.06 -6.41 4.62
CA ALA B 493 -12.44 -7.52 3.90
C ALA B 493 -13.25 -8.81 4.08
N LEU B 494 -13.70 -9.07 5.31
CA LEU B 494 -14.49 -10.30 5.57
C LEU B 494 -15.87 -10.29 4.89
N ASP B 495 -16.48 -9.12 4.74
CA ASP B 495 -17.73 -8.96 3.93
C ASP B 495 -17.51 -9.45 2.49
N ILE B 496 -16.39 -9.04 1.89
CA ILE B 496 -16.04 -9.45 0.55
C ILE B 496 -15.74 -10.96 0.52
N LEU B 497 -15.03 -11.47 1.52
CA LEU B 497 -14.76 -12.92 1.55
C LEU B 497 -16.07 -13.71 1.59
N LYS B 498 -17.07 -13.21 2.31
CA LYS B 498 -18.40 -13.89 2.35
C LYS B 498 -19.02 -13.98 0.97
N LEU B 499 -18.99 -12.88 0.22
CA LEU B 499 -19.48 -12.88 -1.16
C LEU B 499 -18.76 -13.92 -2.02
N MET B 500 -17.45 -14.02 -1.85
CA MET B 500 -16.67 -14.94 -2.63
C MET B 500 -17.01 -16.40 -2.30
N ILE B 501 -17.17 -16.70 -1.02
CA ILE B 501 -17.51 -18.05 -0.55
C ILE B 501 -18.90 -18.45 -1.05
N ALA B 502 -19.86 -17.53 -0.95
CA ALA B 502 -21.22 -17.76 -1.48
C ALA B 502 -21.18 -18.08 -2.97
N SER B 503 -20.39 -17.32 -3.73
CA SER B 503 -20.23 -17.60 -5.15
C SER B 503 -19.59 -18.97 -5.45
N HIS B 504 -18.52 -19.26 -4.73
CA HIS B 504 -17.74 -20.49 -4.93
C HIS B 504 -18.58 -21.74 -4.59
N LEU B 505 -19.30 -21.70 -3.49
CA LEU B 505 -20.20 -22.81 -3.14
C LEU B 505 -21.32 -23.03 -4.19
N THR B 506 -21.90 -21.93 -4.69
CA THR B 506 -22.92 -21.99 -5.72
C THR B 506 -22.36 -22.61 -7.01
N ALA B 507 -21.15 -22.19 -7.41
CA ALA B 507 -20.49 -22.78 -8.56
C ALA B 507 -20.21 -24.27 -8.38
N MET B 508 -19.79 -24.67 -7.19
CA MET B 508 -19.49 -26.08 -6.96
C MET B 508 -20.74 -26.96 -6.93
N CYS B 509 -21.86 -26.40 -6.51
CA CYS B 509 -23.13 -27.14 -6.58
C CYS B 509 -23.55 -27.35 -8.04
N GLN B 510 -23.42 -26.30 -8.87
CA GLN B 510 -23.56 -26.40 -10.33
C GLN B 510 -22.67 -27.51 -10.89
N ALA B 511 -21.40 -27.54 -10.48
CA ALA B 511 -20.46 -28.54 -10.96
C ALA B 511 -20.85 -29.96 -10.55
N VAL B 512 -21.35 -30.11 -9.34
CA VAL B 512 -21.81 -31.42 -8.92
C VAL B 512 -22.87 -31.90 -9.90
N ASP B 513 -23.84 -31.04 -10.20
CA ASP B 513 -24.90 -31.41 -11.12
C ASP B 513 -24.37 -31.76 -12.50
N LEU B 514 -23.39 -30.99 -13.00
CA LEU B 514 -22.82 -31.24 -14.32
C LEU B 514 -22.04 -32.54 -14.35
N ARG B 515 -21.33 -32.88 -13.27
CA ARG B 515 -20.62 -34.16 -13.18
C ARG B 515 -21.58 -35.38 -13.16
N GLN B 516 -22.68 -35.23 -12.45
CA GLN B 516 -23.64 -36.33 -12.34
C GLN B 516 -24.34 -36.54 -13.66
N LEU B 517 -24.74 -35.45 -14.30
CA LEU B 517 -25.31 -35.52 -15.64
C LEU B 517 -24.32 -36.12 -16.64
N GLU B 518 -23.05 -35.72 -16.52
CA GLU B 518 -22.01 -36.20 -17.41
C GLU B 518 -21.92 -37.73 -17.41
N GLU B 519 -21.89 -38.32 -16.22
CA GLU B 519 -21.82 -39.78 -16.07
C GLU B 519 -23.04 -40.46 -16.73
N ALA B 520 -24.23 -39.90 -16.51
CA ALA B 520 -25.47 -40.41 -17.10
C ALA B 520 -25.45 -40.29 -18.63
N LEU B 521 -24.97 -39.17 -19.14
CA LEU B 521 -24.94 -38.94 -20.57
C LEU B 521 -23.98 -39.91 -21.27
N VAL B 522 -22.79 -40.10 -20.69
CA VAL B 522 -21.83 -41.03 -21.30
C VAL B 522 -22.42 -42.45 -21.37
N LYS B 523 -23.17 -42.86 -20.34
CA LYS B 523 -23.89 -44.15 -20.39
C LYS B 523 -24.83 -44.27 -21.57
N VAL B 524 -25.58 -43.21 -21.85
CA VAL B 524 -26.51 -43.21 -23.00
C VAL B 524 -25.75 -43.35 -24.32
N VAL B 525 -24.69 -42.56 -24.49
CA VAL B 525 -23.90 -42.62 -25.72
C VAL B 525 -23.33 -44.02 -25.91
N GLU B 526 -22.77 -44.61 -24.86
CA GLU B 526 -22.23 -45.98 -24.93
C GLU B 526 -23.31 -46.99 -25.36
N ASN B 527 -24.48 -46.93 -24.73
CA ASN B 527 -25.56 -47.87 -25.05
C ASN B 527 -26.07 -47.74 -26.48
N VAL B 528 -26.25 -46.50 -26.93
CA VAL B 528 -26.66 -46.24 -28.30
C VAL B 528 -25.60 -46.73 -29.30
N VAL B 529 -24.35 -46.35 -29.10
CA VAL B 529 -23.29 -46.83 -29.98
C VAL B 529 -23.25 -48.36 -30.02
N SER B 530 -23.36 -48.98 -28.85
CA SER B 530 -23.24 -50.42 -28.71
C SER B 530 -24.34 -51.17 -29.47
N THR B 531 -25.59 -50.74 -29.27
CA THR B 531 -26.74 -51.40 -29.87
C THR B 531 -26.80 -51.14 -31.38
N LEU B 532 -26.50 -49.90 -31.78
CA LEU B 532 -26.40 -49.60 -33.21
C LEU B 532 -25.32 -50.40 -33.91
N ALA B 533 -24.19 -50.63 -33.25
CA ALA B 533 -23.13 -51.44 -33.85
C ALA B 533 -23.61 -52.89 -34.11
N ASP B 534 -24.27 -53.49 -33.12
CA ASP B 534 -24.86 -54.83 -33.31
C ASP B 534 -25.87 -54.83 -34.43
N GLU B 535 -26.78 -53.85 -34.40
CA GLU B 535 -27.90 -53.80 -35.34
C GLU B 535 -27.48 -53.57 -36.79
N CYS B 536 -26.34 -52.88 -36.97
CA CYS B 536 -25.79 -52.65 -38.30
C CYS B 536 -24.83 -53.76 -38.71
N GLY B 537 -24.71 -54.80 -37.86
CA GLY B 537 -23.87 -55.95 -38.14
C GLY B 537 -22.38 -55.65 -38.27
N LEU B 538 -21.86 -54.76 -37.44
CA LEU B 538 -20.44 -54.44 -37.47
C LEU B 538 -19.63 -55.53 -36.75
N PRO B 539 -18.40 -55.79 -37.20
CA PRO B 539 -17.50 -56.71 -36.49
C PRO B 539 -17.25 -56.32 -35.03
N ASN B 540 -17.00 -57.32 -34.19
CA ASN B 540 -16.74 -57.12 -32.76
C ASN B 540 -15.62 -56.12 -32.44
N ASP B 541 -14.56 -56.14 -33.25
CA ASP B 541 -13.43 -55.24 -33.03
C ASP B 541 -13.81 -53.80 -33.41
N THR B 542 -14.58 -53.65 -34.47
CA THR B 542 -15.12 -52.34 -34.84
C THR B 542 -15.96 -51.80 -33.69
N LYS B 543 -16.89 -52.61 -33.20
CA LYS B 543 -17.74 -52.24 -32.07
C LYS B 543 -16.91 -51.75 -30.89
N ALA B 544 -15.87 -52.51 -30.55
CA ALA B 544 -15.01 -52.18 -29.40
C ALA B 544 -14.28 -50.85 -29.57
N ARG B 545 -13.78 -50.55 -30.77
CA ARG B 545 -13.14 -49.24 -31.03
C ARG B 545 -14.14 -48.10 -30.90
N LEU B 546 -15.34 -48.30 -31.45
CA LEU B 546 -16.38 -47.28 -31.38
C LEU B 546 -16.80 -47.03 -29.92
N LEU B 547 -16.87 -48.09 -29.12
CA LEU B 547 -17.22 -47.95 -27.71
C LEU B 547 -16.14 -47.23 -26.91
N TYR B 548 -14.88 -47.43 -27.29
CA TYR B 548 -13.80 -46.68 -26.66
C TYR B 548 -13.95 -45.17 -26.89
N VAL B 549 -14.22 -44.77 -28.13
CA VAL B 549 -14.49 -43.36 -28.44
C VAL B 549 -15.62 -42.80 -27.56
N ALA B 550 -16.71 -43.54 -27.45
CA ALA B 550 -17.86 -43.10 -26.65
C ALA B 550 -17.52 -42.88 -25.17
N LYS B 551 -16.61 -43.70 -24.65
CA LYS B 551 -16.18 -43.59 -23.27
C LYS B 551 -15.19 -42.43 -23.08
N ALA B 552 -14.29 -42.25 -24.05
CA ALA B 552 -13.14 -41.37 -23.90
C ALA B 552 -13.36 -39.90 -24.28
N VAL B 553 -14.30 -39.60 -25.18
CA VAL B 553 -14.49 -38.22 -25.63
C VAL B 553 -15.31 -37.46 -24.59
N PRO B 554 -14.83 -36.29 -24.12
CA PRO B 554 -15.64 -35.54 -23.14
C PRO B 554 -16.99 -35.08 -23.70
N VAL B 555 -18.08 -35.49 -23.07
CA VAL B 555 -19.42 -35.27 -23.64
C VAL B 555 -19.79 -33.80 -23.81
N TYR B 556 -19.25 -32.93 -22.95
CA TYR B 556 -19.58 -31.51 -23.03
C TYR B 556 -18.97 -30.85 -24.25
N THR B 557 -18.00 -31.50 -24.90
CA THR B 557 -17.50 -30.98 -26.20
C THR B 557 -18.45 -31.22 -27.39
N TYR B 558 -19.47 -32.05 -27.23
CA TYR B 558 -20.43 -32.26 -28.34
C TYR B 558 -21.91 -32.26 -27.93
N LEU B 559 -22.20 -32.03 -26.67
CA LEU B 559 -23.59 -31.99 -26.21
C LEU B 559 -24.45 -31.04 -27.02
N GLU B 560 -23.87 -29.93 -27.47
CA GLU B 560 -24.58 -28.90 -28.24
C GLU B 560 -25.22 -29.42 -29.54
N SER B 561 -24.57 -30.39 -30.19
CA SER B 561 -25.09 -31.01 -31.42
C SER B 561 -24.34 -32.33 -31.62
N PRO B 562 -24.81 -33.39 -30.96
CA PRO B 562 -24.03 -34.63 -30.87
C PRO B 562 -23.68 -35.29 -32.20
N CYS B 563 -24.50 -35.10 -33.23
CA CYS B 563 -24.27 -35.69 -34.56
C CYS B 563 -23.58 -34.74 -35.53
N ASP B 564 -23.19 -33.56 -35.06
CA ASP B 564 -22.41 -32.64 -35.89
C ASP B 564 -21.12 -33.35 -36.30
N PRO B 565 -20.88 -33.47 -37.63
CA PRO B 565 -19.69 -34.18 -38.11
C PRO B 565 -18.35 -33.47 -37.86
N THR B 566 -18.38 -32.23 -37.39
CA THR B 566 -17.15 -31.51 -37.05
C THR B 566 -16.86 -31.50 -35.55
N LEU B 567 -17.80 -31.99 -34.73
CA LEU B 567 -17.57 -32.08 -33.29
C LEU B 567 -16.94 -33.42 -32.89
N PRO B 568 -16.36 -33.50 -31.68
CA PRO B 568 -15.42 -34.59 -31.37
C PRO B 568 -15.97 -36.03 -31.30
N LEU B 569 -17.28 -36.22 -31.07
CA LEU B 569 -17.81 -37.59 -31.10
C LEU B 569 -17.67 -38.14 -32.51
N LEU B 570 -18.24 -37.45 -33.48
CA LEU B 570 -18.21 -37.94 -34.86
C LEU B 570 -16.81 -37.95 -35.43
N LEU B 571 -15.97 -37.00 -35.03
CA LEU B 571 -14.57 -37.04 -35.47
C LEU B 571 -13.88 -38.35 -35.05
N GLY B 572 -14.08 -38.75 -33.81
CA GLY B 572 -13.49 -40.00 -33.30
C GLY B 572 -14.06 -41.25 -33.97
N LEU B 573 -15.38 -41.25 -34.17
CA LEU B 573 -16.05 -42.37 -34.82
C LEU B 573 -15.63 -42.50 -36.29
N LYS B 574 -15.47 -41.39 -36.98
CA LYS B 574 -15.00 -41.38 -38.37
C LYS B 574 -13.61 -41.98 -38.51
N GLN B 575 -12.69 -41.60 -37.64
CA GLN B 575 -11.34 -42.12 -37.77
C GLN B 575 -11.30 -43.62 -37.40
N SER B 576 -12.13 -44.03 -36.45
CA SER B 576 -12.24 -45.46 -36.11
C SER B 576 -12.84 -46.28 -37.25
N CYS B 577 -13.80 -45.71 -37.97
CA CYS B 577 -14.43 -46.40 -39.10
C CYS B 577 -13.44 -46.57 -40.28
N PHE B 578 -12.60 -45.57 -40.53
CA PHE B 578 -11.57 -45.70 -41.58
C PHE B 578 -10.52 -46.75 -41.20
N ASP B 579 -10.11 -46.76 -39.93
CA ASP B 579 -9.12 -47.71 -39.43
C ASP B 579 -9.64 -49.16 -39.53
N THR B 580 -10.94 -49.36 -39.28
CA THR B 580 -11.57 -50.67 -39.47
C THR B 580 -11.48 -51.13 -40.93
N ILE B 581 -11.83 -50.23 -41.84
CA ILE B 581 -11.79 -50.50 -43.28
C ILE B 581 -10.37 -50.92 -43.70
N LEU B 582 -9.35 -50.23 -43.22
CA LEU B 582 -7.96 -50.62 -43.49
C LEU B 582 -7.61 -51.96 -42.87
N ALA B 583 -8.01 -52.15 -41.61
CA ALA B 583 -7.72 -53.38 -40.87
C ALA B 583 -8.28 -54.62 -41.55
N LEU B 584 -9.50 -54.53 -42.06
CA LEU B 584 -10.20 -55.68 -42.66
C LEU B 584 -10.01 -55.73 -44.17
N HIS B 585 -9.22 -54.82 -44.71
CA HIS B 585 -8.85 -54.83 -46.11
C HIS B 585 -7.79 -55.90 -46.37
N THR B 592 -16.36 -56.03 -48.73
CA THR B 592 -15.92 -54.67 -48.43
C THR B 592 -17.05 -53.67 -48.70
N ASP B 593 -17.75 -53.81 -49.82
CA ASP B 593 -18.87 -52.94 -50.12
C ASP B 593 -20.03 -53.15 -49.14
N THR B 594 -20.09 -54.33 -48.53
CA THR B 594 -21.09 -54.59 -47.48
C THR B 594 -20.65 -53.94 -46.15
N LEU B 595 -19.36 -54.04 -45.83
CA LEU B 595 -18.80 -53.38 -44.66
C LEU B 595 -19.03 -51.87 -44.74
N VAL B 596 -18.70 -51.29 -45.89
CA VAL B 596 -18.90 -49.87 -46.12
C VAL B 596 -20.38 -49.50 -46.05
N ASP B 597 -21.27 -50.31 -46.61
CA ASP B 597 -22.72 -50.05 -46.49
C ASP B 597 -23.17 -49.99 -45.03
N ARG B 598 -22.61 -50.87 -44.21
CA ARG B 598 -23.03 -51.01 -42.82
C ARG B 598 -22.46 -49.88 -41.95
N LEU B 599 -21.20 -49.53 -42.19
CA LEU B 599 -20.58 -48.34 -41.58
C LEU B 599 -21.33 -47.05 -41.96
N ALA B 600 -21.75 -46.92 -43.22
CA ALA B 600 -22.52 -45.73 -43.64
C ALA B 600 -23.88 -45.68 -42.95
N GLU B 601 -24.49 -46.85 -42.78
CA GLU B 601 -25.79 -46.92 -42.10
C GLU B 601 -25.63 -46.58 -40.63
N PHE B 602 -24.59 -47.10 -40.00
CA PHE B 602 -24.27 -46.78 -38.62
C PHE B 602 -24.19 -45.26 -38.44
N GLU B 603 -23.39 -44.59 -39.27
CA GLU B 603 -23.24 -43.14 -39.18
C GLU B 603 -24.61 -42.47 -39.32
N LYS B 604 -25.37 -42.84 -40.34
CA LYS B 604 -26.69 -42.23 -40.59
C LYS B 604 -27.64 -42.40 -39.42
N ARG B 605 -27.75 -43.63 -38.93
CA ARG B 605 -28.74 -43.97 -37.89
C ARG B 605 -28.38 -43.37 -36.53
N LEU B 606 -27.13 -42.94 -36.36
CA LEU B 606 -26.76 -42.12 -35.22
C LEU B 606 -27.71 -40.91 -35.08
N SER B 607 -28.22 -40.41 -36.21
CA SER B 607 -29.26 -39.37 -36.21
C SER B 607 -30.68 -39.84 -35.80
N ASP B 608 -30.92 -41.16 -35.79
CA ASP B 608 -32.25 -41.66 -35.41
C ASP B 608 -32.58 -41.34 -33.97
N ARG B 609 -31.63 -41.63 -33.07
CA ARG B 609 -31.93 -41.83 -31.65
C ARG B 609 -31.03 -41.05 -30.68
N LEU B 610 -29.78 -40.85 -31.03
CA LEU B 610 -28.74 -40.40 -30.09
C LEU B 610 -29.13 -39.09 -29.41
N GLU B 611 -29.39 -38.07 -30.20
CA GLU B 611 -29.71 -36.76 -29.67
C GLU B 611 -31.01 -36.79 -28.84
N ASN B 612 -32.02 -37.52 -29.30
CA ASN B 612 -33.27 -37.60 -28.54
C ASN B 612 -33.09 -38.29 -27.19
N GLU B 613 -32.23 -39.30 -27.13
CA GLU B 613 -31.94 -39.97 -25.86
C GLU B 613 -31.09 -39.09 -24.92
N MET B 614 -30.15 -38.35 -25.48
CA MET B 614 -29.34 -37.42 -24.68
C MET B 614 -30.19 -36.28 -24.12
N THR B 615 -31.08 -35.74 -24.95
CA THR B 615 -32.04 -34.73 -24.53
C THR B 615 -32.95 -35.28 -23.42
N ALA B 616 -33.47 -36.49 -23.62
CA ALA B 616 -34.35 -37.11 -22.63
C ALA B 616 -33.70 -37.26 -21.25
N VAL B 617 -32.46 -37.76 -21.16
CA VAL B 617 -31.84 -37.91 -19.83
C VAL B 617 -31.54 -36.56 -19.17
N ARG B 618 -31.19 -35.56 -19.97
CA ARG B 618 -30.95 -34.22 -19.45
C ARG B 618 -32.24 -33.61 -18.91
N VAL B 619 -33.29 -33.57 -19.71
CA VAL B 619 -34.56 -32.98 -19.24
C VAL B 619 -35.02 -33.68 -17.97
N LEU B 620 -34.94 -35.01 -17.95
CA LEU B 620 -35.31 -35.77 -16.76
C LEU B 620 -34.44 -35.34 -15.57
N TYR B 621 -33.13 -35.18 -15.77
CA TYR B 621 -32.26 -34.67 -14.70
C TYR B 621 -32.72 -33.31 -14.21
N GLU B 622 -33.01 -32.39 -15.13
CA GLU B 622 -33.51 -31.06 -14.81
C GLU B 622 -34.87 -31.14 -14.09
N VAL B 636 -26.69 -39.86 -7.66
CA VAL B 636 -26.36 -40.80 -6.59
C VAL B 636 -24.93 -40.55 -6.08
N ARG B 637 -24.08 -39.94 -6.90
CA ARG B 637 -22.68 -39.75 -6.55
C ARG B 637 -22.51 -38.85 -5.31
N ILE B 638 -23.21 -37.71 -5.28
CA ILE B 638 -23.21 -36.82 -4.12
C ILE B 638 -23.80 -37.48 -2.85
N GLN B 639 -24.66 -38.48 -3.05
CA GLN B 639 -25.25 -39.20 -1.92
C GLN B 639 -24.21 -39.82 -0.98
N GLY B 640 -23.07 -40.24 -1.51
CA GLY B 640 -22.03 -40.89 -0.72
C GLY B 640 -20.86 -39.97 -0.37
N SER B 641 -21.00 -38.69 -0.67
CA SER B 641 -19.95 -37.68 -0.43
C SER B 641 -20.15 -37.03 0.94
N LYS B 642 -19.06 -36.69 1.60
CA LYS B 642 -19.16 -35.92 2.85
C LYS B 642 -19.73 -34.51 2.62
N PHE B 643 -19.79 -34.06 1.37
CA PHE B 643 -20.29 -32.73 1.07
C PHE B 643 -21.80 -32.71 0.77
N LEU B 644 -22.43 -33.88 0.88
CA LEU B 644 -23.89 -33.97 0.70
C LEU B 644 -24.67 -32.91 1.47
N PRO B 645 -24.36 -32.69 2.77
CA PRO B 645 -25.08 -31.64 3.51
C PRO B 645 -25.03 -30.24 2.87
N PHE B 646 -23.91 -29.86 2.26
CA PHE B 646 -23.86 -28.57 1.54
C PHE B 646 -24.76 -28.56 0.30
N TYR B 647 -24.66 -29.62 -0.49
CA TYR B 647 -25.45 -29.74 -1.70
C TYR B 647 -26.94 -29.78 -1.36
N ARG B 648 -27.30 -30.58 -0.36
CA ARG B 648 -28.70 -30.66 0.09
C ARG B 648 -29.22 -29.32 0.64
N PHE B 649 -28.37 -28.61 1.38
CA PHE B 649 -28.73 -27.31 1.94
C PHE B 649 -28.99 -26.31 0.82
N VAL B 650 -28.06 -26.22 -0.13
CA VAL B 650 -28.18 -25.26 -1.23
C VAL B 650 -29.36 -25.59 -2.17
N ARG B 651 -29.54 -26.86 -2.52
CA ARG B 651 -30.57 -27.23 -3.49
C ARG B 651 -31.97 -27.31 -2.86
N GLU B 652 -32.07 -28.08 -1.78
CA GLU B 652 -33.36 -28.38 -1.15
C GLU B 652 -33.78 -27.31 -0.15
N GLU B 653 -32.97 -27.08 0.88
CA GLU B 653 -33.36 -26.15 1.93
C GLU B 653 -33.48 -24.72 1.41
N LEU B 654 -32.54 -24.28 0.57
CA LEU B 654 -32.61 -22.93 -0.02
C LEU B 654 -33.45 -22.87 -1.31
N ASP B 655 -33.86 -24.03 -1.83
CA ASP B 655 -34.73 -24.12 -3.04
C ASP B 655 -34.08 -23.57 -4.33
N THR B 656 -33.03 -24.23 -4.79
CA THR B 656 -32.39 -23.86 -6.06
C THR B 656 -32.35 -25.07 -6.97
N GLY B 657 -31.75 -24.90 -8.15
CA GLY B 657 -31.56 -26.00 -9.07
C GLY B 657 -30.42 -25.72 -10.03
N VAL B 658 -30.08 -26.71 -10.84
CA VAL B 658 -29.05 -26.57 -11.86
C VAL B 658 -29.37 -25.35 -12.72
N MET B 659 -28.36 -24.51 -12.96
CA MET B 659 -28.54 -23.26 -13.65
C MET B 659 -28.51 -23.47 -15.16
N SER B 660 -29.43 -22.79 -15.84
CA SER B 660 -29.58 -22.94 -17.28
C SER B 660 -30.56 -21.88 -17.78
N ALA B 661 -30.68 -21.80 -19.09
CA ALA B 661 -31.58 -20.83 -19.74
C ALA B 661 -33.04 -21.14 -19.47
N ARG B 662 -33.35 -22.37 -19.08
CA ARG B 662 -34.71 -22.78 -18.79
C ARG B 662 -35.08 -22.50 -17.32
N ARG B 663 -34.08 -22.28 -16.46
CA ARG B 663 -34.32 -21.88 -15.06
C ARG B 663 -34.41 -20.35 -14.95
N GLU B 664 -35.60 -19.86 -14.69
CA GLU B 664 -35.92 -18.43 -14.66
C GLU B 664 -35.13 -17.57 -13.66
N GLN B 665 -34.70 -18.16 -12.55
CA GLN B 665 -34.03 -17.41 -11.49
C GLN B 665 -32.64 -16.91 -11.93
N THR B 666 -32.27 -15.70 -11.51
CA THR B 666 -31.00 -15.12 -11.94
C THR B 666 -29.87 -15.58 -11.02
N PRO B 667 -28.60 -15.46 -11.48
CA PRO B 667 -27.49 -15.77 -10.59
C PRO B 667 -27.57 -15.05 -9.25
N GLN B 668 -27.94 -13.76 -9.28
CA GLN B 668 -28.18 -12.98 -8.07
C GLN B 668 -29.12 -13.69 -7.11
N GLU B 669 -30.26 -14.14 -7.60
CA GLU B 669 -31.28 -14.73 -6.72
C GLU B 669 -30.74 -15.98 -6.00
N ASP B 670 -30.02 -16.81 -6.73
CA ASP B 670 -29.42 -18.01 -6.18
C ASP B 670 -28.29 -17.69 -5.18
N VAL B 671 -27.35 -16.82 -5.58
CA VAL B 671 -26.21 -16.50 -4.73
C VAL B 671 -26.65 -15.70 -3.49
N GLN B 672 -27.67 -14.85 -3.64
CA GLN B 672 -28.21 -14.12 -2.46
C GLN B 672 -28.62 -15.08 -1.36
N LYS B 673 -29.28 -16.18 -1.71
CA LYS B 673 -29.74 -17.16 -0.71
C LYS B 673 -28.56 -17.75 0.04
N VAL B 674 -27.51 -18.08 -0.69
CA VAL B 674 -26.34 -18.72 -0.10
C VAL B 674 -25.63 -17.72 0.80
N PHE B 675 -25.47 -16.49 0.30
CA PHE B 675 -24.84 -15.41 1.05
C PHE B 675 -25.58 -15.11 2.36
N ASP B 676 -26.91 -14.99 2.29
CA ASP B 676 -27.69 -14.75 3.49
C ASP B 676 -27.47 -15.83 4.57
N ALA B 677 -27.38 -17.08 4.14
CA ALA B 677 -27.15 -18.19 5.06
C ALA B 677 -25.76 -18.13 5.68
N ILE B 678 -24.77 -17.71 4.88
CA ILE B 678 -23.43 -17.50 5.42
C ILE B 678 -23.49 -16.35 6.45
N ALA B 679 -24.06 -15.21 6.08
CA ALA B 679 -24.14 -14.05 6.96
C ALA B 679 -24.89 -14.30 8.27
N ASP B 680 -26.03 -14.98 8.20
CA ASP B 680 -26.86 -15.16 9.41
C ASP B 680 -26.50 -16.42 10.19
N GLY B 681 -25.49 -17.16 9.73
CA GLY B 681 -24.97 -18.32 10.47
C GLY B 681 -25.61 -19.67 10.18
N ARG B 682 -26.69 -19.72 9.40
CA ARG B 682 -27.32 -20.99 9.04
C ARG B 682 -26.35 -21.97 8.36
N ILE B 683 -25.35 -21.43 7.67
CA ILE B 683 -24.36 -22.26 6.99
C ILE B 683 -23.61 -23.18 7.95
N THR B 684 -23.55 -22.84 9.25
CA THR B 684 -22.85 -23.72 10.20
C THR B 684 -23.53 -25.09 10.39
N VAL B 685 -24.82 -25.18 10.10
CA VAL B 685 -25.51 -26.47 10.29
C VAL B 685 -24.96 -27.49 9.28
N PRO B 686 -24.98 -27.17 7.97
CA PRO B 686 -24.37 -28.18 7.12
C PRO B 686 -22.85 -28.37 7.35
N LEU B 687 -22.14 -27.34 7.82
CA LEU B 687 -20.71 -27.47 8.08
C LEU B 687 -20.47 -28.49 9.19
N LEU B 688 -21.22 -28.36 10.29
CA LEU B 688 -21.07 -29.27 11.43
C LEU B 688 -21.50 -30.70 11.04
N HIS B 689 -22.56 -30.83 10.26
CA HIS B 689 -22.99 -32.13 9.73
C HIS B 689 -21.88 -32.79 8.89
N CYS B 690 -21.33 -32.02 7.96
CA CYS B 690 -20.23 -32.50 7.13
C CYS B 690 -19.04 -33.02 7.96
N LEU B 691 -18.73 -32.32 9.05
CA LEU B 691 -17.57 -32.63 9.88
C LEU B 691 -17.83 -33.64 11.04
N GLN B 692 -19.06 -34.15 11.15
CA GLN B 692 -19.40 -35.16 12.17
C GLN B 692 -18.46 -36.36 12.14
N GLY B 693 -17.88 -36.67 13.29
CA GLY B 693 -17.01 -37.82 13.44
C GLY B 693 -15.53 -37.51 13.27
N PHE B 694 -15.20 -36.33 12.76
CA PHE B 694 -13.80 -35.97 12.50
C PHE B 694 -13.03 -35.90 13.81
N LEU B 695 -11.93 -36.64 13.89
CA LEU B 695 -11.10 -36.72 15.11
C LEU B 695 -11.91 -37.04 16.38
N SER C 29 1.82 15.26 -31.62
CA SER C 29 1.84 13.92 -30.96
C SER C 29 3.02 13.75 -30.02
N HIS C 30 2.74 13.13 -28.87
CA HIS C 30 3.79 12.77 -27.92
C HIS C 30 4.90 11.93 -28.56
N VAL C 31 4.56 11.17 -29.60
CA VAL C 31 5.56 10.35 -30.29
C VAL C 31 6.68 11.21 -30.88
N LYS C 32 6.34 12.33 -31.50
CA LYS C 32 7.34 13.23 -32.07
C LYS C 32 8.14 13.91 -30.97
N ASP C 33 7.45 14.31 -29.89
CA ASP C 33 8.15 14.85 -28.72
C ASP C 33 9.19 13.88 -28.16
N ILE C 34 8.85 12.59 -28.07
CA ILE C 34 9.78 11.64 -27.48
C ILE C 34 10.96 11.38 -28.44
N LEU C 35 10.68 11.29 -29.73
CA LEU C 35 11.76 11.21 -30.71
C LEU C 35 12.71 12.41 -30.56
N GLY C 36 12.15 13.60 -30.33
CA GLY C 36 12.93 14.82 -30.07
C GLY C 36 13.84 14.73 -28.87
N LEU C 37 13.33 14.13 -27.78
CA LEU C 37 14.15 13.88 -26.59
C LEU C 37 15.31 12.97 -26.89
N ILE C 38 15.04 11.91 -27.64
CA ILE C 38 16.06 10.90 -27.92
C ILE C 38 17.16 11.53 -28.79
N ASN C 39 16.74 12.29 -29.80
CA ASN C 39 17.70 12.97 -30.68
C ASN C 39 18.56 13.99 -29.92
N ALA C 40 17.94 14.76 -29.02
CA ALA C 40 18.66 15.72 -28.19
C ALA C 40 19.67 15.00 -27.31
N PHE C 41 19.26 13.88 -26.70
CA PHE C 41 20.15 13.11 -25.83
C PHE C 41 21.39 12.67 -26.59
N ASN C 42 21.18 12.16 -27.81
CA ASN C 42 22.27 11.65 -28.64
C ASN C 42 23.16 12.75 -29.18
N GLU C 43 22.59 13.89 -29.51
CA GLU C 43 23.28 14.91 -30.29
C GLU C 43 23.93 16.03 -29.47
N VAL C 44 23.49 16.24 -28.22
CA VAL C 44 24.05 17.32 -27.43
C VAL C 44 25.54 17.09 -27.12
N LYS C 45 26.31 18.16 -27.18
CA LYS C 45 27.75 18.08 -26.88
C LYS C 45 28.18 19.00 -25.74
N LYS C 46 27.46 20.10 -25.55
CA LYS C 46 27.68 20.93 -24.38
C LYS C 46 26.36 21.43 -23.82
N ILE C 47 26.26 21.45 -22.50
CA ILE C 47 25.09 22.00 -21.85
C ILE C 47 25.33 23.45 -21.47
N THR C 48 24.60 24.33 -22.14
CA THR C 48 24.64 25.76 -21.88
C THR C 48 23.87 26.09 -20.60
N VAL C 49 24.58 26.68 -19.65
CA VAL C 49 24.01 27.07 -18.36
C VAL C 49 24.18 28.59 -18.22
N ASP C 50 23.07 29.32 -18.29
CA ASP C 50 23.11 30.79 -18.40
C ASP C 50 21.94 31.51 -17.73
N GLY C 51 21.04 30.77 -17.12
CA GLY C 51 19.88 31.38 -16.45
C GLY C 51 18.74 31.78 -17.36
N THR C 52 18.77 31.38 -18.63
CA THR C 52 17.64 31.65 -19.53
C THR C 52 17.35 30.48 -20.46
N THR C 53 18.38 29.79 -20.95
CA THR C 53 18.23 28.59 -21.77
C THR C 53 17.76 27.38 -20.94
N PRO C 54 16.61 26.78 -21.29
CA PRO C 54 16.11 25.64 -20.51
C PRO C 54 17.00 24.40 -20.58
N ILE C 55 17.18 23.74 -19.45
CA ILE C 55 17.76 22.40 -19.41
C ILE C 55 16.60 21.38 -19.41
N THR C 56 16.66 20.42 -20.33
CA THR C 56 15.65 19.37 -20.47
C THR C 56 16.17 18.10 -19.79
N VAL C 57 15.27 17.14 -19.58
CA VAL C 57 15.67 15.85 -18.98
C VAL C 57 16.65 15.07 -19.87
N ALA C 58 16.58 15.28 -21.18
CA ALA C 58 17.59 14.73 -22.12
C ALA C 58 18.97 15.32 -21.87
N HIS C 59 19.04 16.61 -21.59
CA HIS C 59 20.34 17.24 -21.24
C HIS C 59 20.92 16.65 -19.96
N VAL C 60 20.08 16.43 -18.95
CA VAL C 60 20.54 15.88 -17.69
C VAL C 60 21.03 14.44 -17.84
N ALA C 61 20.23 13.62 -18.51
CA ALA C 61 20.66 12.25 -18.79
C ALA C 61 21.96 12.22 -19.63
N ALA C 62 22.09 13.13 -20.60
CA ALA C 62 23.30 13.18 -21.44
C ALA C 62 24.54 13.45 -20.59
N LEU C 63 24.45 14.47 -19.74
CA LEU C 63 25.53 14.84 -18.83
C LEU C 63 25.91 13.65 -17.95
N ALA C 64 24.90 12.97 -17.41
CA ALA C 64 25.12 11.83 -16.53
C ALA C 64 25.76 10.62 -17.21
N ARG C 65 25.41 10.36 -18.47
CA ARG C 65 25.75 9.07 -19.10
C ARG C 65 26.80 9.16 -20.21
N ARG C 66 27.13 10.37 -20.64
CA ARG C 66 28.10 10.57 -21.71
C ARG C 66 29.14 11.60 -21.21
N HIS C 67 30.32 11.13 -20.84
CA HIS C 67 31.30 11.98 -20.19
C HIS C 67 31.98 12.99 -21.12
N ASP C 68 31.84 12.80 -22.43
CA ASP C 68 32.25 13.82 -23.43
C ASP C 68 31.35 15.06 -23.43
N VAL C 69 30.17 14.97 -22.81
CA VAL C 69 29.28 16.13 -22.66
C VAL C 69 29.80 17.05 -21.55
N LYS C 70 30.03 18.32 -21.90
CA LYS C 70 30.62 19.30 -20.99
C LYS C 70 29.62 20.40 -20.66
N VAL C 71 29.79 20.97 -19.48
CA VAL C 71 28.99 22.09 -19.04
C VAL C 71 29.73 23.33 -19.46
N ALA C 72 28.97 24.29 -20.00
CA ALA C 72 29.50 25.60 -20.37
C ALA C 72 28.69 26.65 -19.65
N LEU C 73 29.26 27.14 -18.56
CA LEU C 73 28.66 28.19 -17.78
C LEU C 73 28.97 29.48 -18.49
N GLU C 74 27.95 30.15 -19.01
CA GLU C 74 28.19 31.33 -19.84
C GLU C 74 27.91 32.61 -19.08
N ALA C 75 28.96 33.41 -18.87
CA ALA C 75 28.90 34.67 -18.11
C ALA C 75 28.09 35.79 -18.77
N CYS C 78 24.69 36.75 -17.07
CA CYS C 78 24.47 35.87 -15.92
C CYS C 78 25.45 36.19 -14.78
N ARG C 79 26.72 36.36 -15.11
CA ARG C 79 27.77 36.65 -14.10
C ARG C 79 27.48 37.94 -13.32
N ALA C 80 27.11 38.99 -14.05
CA ALA C 80 26.86 40.29 -13.41
C ALA C 80 25.71 40.21 -12.39
N ARG C 81 24.64 39.48 -12.74
CA ARG C 81 23.52 39.26 -11.81
C ARG C 81 23.99 38.54 -10.55
N VAL C 82 24.74 37.47 -10.74
CA VAL C 82 25.25 36.67 -9.63
C VAL C 82 26.10 37.53 -8.70
N GLU C 83 26.99 38.34 -9.28
CA GLU C 83 27.87 39.22 -8.50
C GLU C 83 27.12 40.28 -7.71
N THR C 84 26.13 40.91 -8.34
CA THR C 84 25.29 41.92 -7.71
C THR C 84 24.59 41.30 -6.51
N CYS C 85 24.07 40.09 -6.70
CA CYS C 85 23.41 39.35 -5.62
C CYS C 85 24.35 39.01 -4.45
N SER C 86 25.52 38.42 -4.72
CA SER C 86 26.46 38.10 -3.65
C SER C 86 26.93 39.34 -2.88
N SER C 87 27.19 40.43 -3.59
CA SER C 87 27.60 41.70 -2.96
C SER C 87 26.51 42.27 -2.06
N TRP C 88 25.26 42.20 -2.51
CA TRP C 88 24.13 42.67 -1.71
C TRP C 88 24.06 41.90 -0.40
N VAL C 89 24.09 40.58 -0.50
CA VAL C 89 23.97 39.70 0.66
C VAL C 89 25.08 39.95 1.69
N GLN C 90 26.32 39.98 1.23
CA GLN C 90 27.45 40.18 2.11
C GLN C 90 27.38 41.54 2.82
N ARG C 91 27.13 42.60 2.05
CA ARG C 91 26.96 43.96 2.56
C ARG C 91 25.84 44.08 3.62
N LYS C 92 24.66 43.55 3.31
CA LYS C 92 23.50 43.63 4.22
C LYS C 92 23.69 42.82 5.50
N ALA C 93 24.18 41.59 5.36
CA ALA C 93 24.52 40.76 6.51
C ALA C 93 25.44 41.52 7.45
N GLU C 94 26.52 42.07 6.90
CA GLU C 94 27.48 42.84 7.71
C GLU C 94 26.87 44.06 8.43
N ASP C 95 25.87 44.70 7.83
CA ASP C 95 25.21 45.86 8.47
C ASP C 95 24.02 45.47 9.38
N GLY C 96 23.90 44.18 9.72
CA GLY C 96 22.89 43.74 10.70
C GLY C 96 21.46 43.54 10.18
N ALA C 97 21.30 43.33 8.88
CA ALA C 97 19.98 43.00 8.35
C ALA C 97 19.50 41.65 8.90
N ASP C 98 18.19 41.52 9.12
CA ASP C 98 17.60 40.33 9.71
C ASP C 98 17.14 39.38 8.58
N ILE C 99 17.88 38.31 8.34
CA ILE C 99 17.67 37.41 7.19
C ILE C 99 17.85 35.94 7.62
N ALA C 100 16.81 35.14 7.47
CA ALA C 100 16.80 33.76 7.97
C ALA C 100 17.92 32.93 7.37
N GLY C 101 18.68 32.25 8.23
CA GLY C 101 19.78 31.37 7.81
C GLY C 101 21.05 32.11 7.40
N VAL C 102 21.06 33.42 7.63
CA VAL C 102 22.12 34.31 7.16
C VAL C 102 22.62 35.14 8.36
N THR C 103 21.70 35.82 9.05
CA THR C 103 21.97 36.44 10.35
C THR C 103 21.02 35.86 11.39
N THR C 104 20.56 34.63 11.12
CA THR C 104 19.54 33.97 11.93
C THR C 104 19.82 32.46 11.92
N GLY C 105 19.40 31.76 12.97
CA GLY C 105 19.53 30.30 13.01
C GLY C 105 18.66 29.60 11.98
N PHE C 106 18.83 28.28 11.89
CA PHE C 106 18.23 27.45 10.84
C PHE C 106 16.97 26.72 11.29
N GLY C 107 15.96 26.71 10.43
CA GLY C 107 14.77 25.90 10.64
C GLY C 107 14.02 26.33 11.87
N ALA C 108 13.76 25.40 12.78
CA ALA C 108 13.04 25.69 14.01
C ALA C 108 13.80 26.64 14.93
N CYS C 109 15.09 26.90 14.66
CA CYS C 109 15.92 27.80 15.47
C CYS C 109 16.12 29.21 14.84
N SER C 110 15.18 29.66 14.02
CA SER C 110 15.33 30.95 13.33
C SER C 110 15.13 32.16 14.24
N SER C 111 14.72 31.94 15.49
CA SER C 111 14.57 33.05 16.44
C SER C 111 15.92 33.51 16.99
N ARG C 112 16.94 32.65 16.92
CA ARG C 112 18.27 33.01 17.42
C ARG C 112 19.06 33.77 16.35
N ARG C 113 19.51 34.98 16.70
CA ARG C 113 20.25 35.85 15.77
C ARG C 113 21.75 35.79 16.04
N THR C 114 22.54 36.30 15.10
CA THR C 114 24.01 36.28 15.23
C THR C 114 24.69 37.14 14.16
N ASN C 115 25.86 37.67 14.51
CA ASN C 115 26.68 38.41 13.56
C ASN C 115 27.92 37.62 13.13
N ARG C 116 28.00 36.36 13.57
CA ARG C 116 29.13 35.47 13.21
C ARG C 116 28.86 34.80 11.85
N LEU C 117 29.00 35.58 10.79
CA LEU C 117 28.45 35.21 9.48
C LEU C 117 29.03 33.92 8.88
N SER C 118 30.35 33.79 8.91
CA SER C 118 31.01 32.63 8.31
C SER C 118 30.83 31.37 9.14
N GLU C 119 31.03 31.52 10.45
CA GLU C 119 30.94 30.39 11.37
C GLU C 119 29.51 29.82 11.42
N LEU C 120 28.51 30.68 11.26
CA LEU C 120 27.11 30.22 11.10
C LEU C 120 26.98 29.28 9.90
N GLN C 121 27.64 29.62 8.80
CA GLN C 121 27.59 28.80 7.59
C GLN C 121 28.40 27.50 7.72
N GLU C 122 29.61 27.56 8.28
CA GLU C 122 30.38 26.33 8.58
C GLU C 122 29.64 25.39 9.57
N SER C 123 28.94 25.96 10.55
CA SER C 123 28.22 25.16 11.55
C SER C 123 27.04 24.38 10.95
N LEU C 124 26.41 24.97 9.94
CA LEU C 124 25.38 24.29 9.18
C LEU C 124 25.92 23.05 8.47
N ILE C 125 27.06 23.18 7.79
CA ILE C 125 27.59 22.06 7.02
C ILE C 125 27.97 20.91 7.96
N ARG C 126 28.60 21.26 9.08
CA ARG C 126 28.99 20.25 10.06
C ARG C 126 27.78 19.47 10.56
N CYS C 127 26.71 20.22 10.84
CA CYS C 127 25.49 19.63 11.37
C CYS C 127 24.83 18.66 10.36
N LEU C 128 24.94 18.98 9.07
CA LEU C 128 24.25 18.21 8.02
C LEU C 128 25.06 17.05 7.43
N LEU C 129 26.36 17.00 7.75
CA LEU C 129 27.19 15.86 7.36
C LEU C 129 26.85 14.71 8.30
N ALA C 130 25.66 14.14 8.08
CA ALA C 130 25.01 13.28 9.07
C ALA C 130 24.46 11.96 8.50
N GLY C 131 24.90 11.61 7.29
CA GLY C 131 24.50 10.36 6.68
C GLY C 131 25.44 9.23 7.08
N VAL C 132 25.06 8.01 6.73
CA VAL C 132 25.82 6.81 7.07
C VAL C 132 25.94 5.95 5.81
N PHE C 133 27.13 5.39 5.58
CA PHE C 133 27.33 4.39 4.52
C PHE C 133 27.03 2.98 5.03
N THR C 134 26.08 2.30 4.38
CA THR C 134 25.60 0.97 4.78
C THR C 134 26.26 -0.13 3.96
N ASP C 142 26.71 0.98 -0.41
CA ASP C 142 25.46 1.72 -0.61
C ASP C 142 25.65 3.22 -0.57
N GLU C 143 25.29 3.89 -1.67
CA GLU C 143 25.40 5.33 -1.79
C GLU C 143 24.56 5.78 -2.99
N LEU C 144 24.33 7.08 -3.11
CA LEU C 144 23.81 7.62 -4.34
C LEU C 144 24.89 7.44 -5.41
N PRO C 145 24.51 7.00 -6.62
CA PRO C 145 25.53 6.83 -7.67
C PRO C 145 26.10 8.16 -8.16
N ALA C 146 27.32 8.11 -8.69
CA ALA C 146 27.96 9.29 -9.26
C ALA C 146 27.09 9.97 -10.31
N THR C 147 26.35 9.18 -11.10
CA THR C 147 25.43 9.72 -12.11
C THR C 147 24.41 10.71 -11.50
N ALA C 148 23.83 10.32 -10.37
CA ALA C 148 22.89 11.20 -9.65
C ALA C 148 23.56 12.40 -9.00
N THR C 149 24.74 12.17 -8.43
CA THR C 149 25.48 13.21 -7.73
C THR C 149 25.93 14.28 -8.72
N ARG C 150 26.52 13.88 -9.84
CA ARG C 150 26.89 14.84 -10.89
C ARG C 150 25.67 15.60 -11.45
N SER C 151 24.57 14.89 -11.69
CA SER C 151 23.31 15.53 -12.10
C SER C 151 22.85 16.56 -11.09
N ALA C 152 22.95 16.22 -9.82
CA ALA C 152 22.58 17.17 -8.74
C ALA C 152 23.48 18.40 -8.72
N MET C 153 24.78 18.19 -8.95
CA MET C 153 25.72 19.32 -9.05
C MET C 153 25.33 20.25 -10.21
N LEU C 154 24.93 19.68 -11.35
CA LEU C 154 24.44 20.49 -12.47
C LEU C 154 23.20 21.30 -12.11
N LEU C 155 22.23 20.64 -11.49
CA LEU C 155 20.98 21.29 -11.10
C LEU C 155 21.22 22.38 -10.06
N ARG C 156 22.15 22.16 -9.13
CA ARG C 156 22.45 23.21 -8.13
C ARG C 156 23.08 24.40 -8.82
N LEU C 157 24.08 24.14 -9.67
CA LEU C 157 24.69 25.19 -10.49
C LEU C 157 23.64 25.98 -11.28
N ASN C 158 22.72 25.28 -11.93
CA ASN C 158 21.67 25.93 -12.72
C ASN C 158 20.79 26.86 -11.89
N SER C 159 20.42 26.40 -10.70
CA SER C 159 19.63 27.22 -9.77
C SER C 159 20.30 28.53 -9.46
N PHE C 160 21.62 28.48 -9.31
CA PHE C 160 22.36 29.67 -8.96
C PHE C 160 22.35 30.74 -10.07
N THR C 161 22.17 30.31 -11.33
CA THR C 161 22.24 31.22 -12.47
C THR C 161 21.14 32.26 -12.52
N TYR C 162 20.04 32.03 -11.81
CA TYR C 162 18.93 32.99 -11.80
C TYR C 162 19.23 34.24 -10.95
N GLY C 163 20.33 34.25 -10.21
CA GLY C 163 20.79 35.42 -9.47
C GLY C 163 20.00 35.74 -8.20
N CYS C 164 19.45 34.71 -7.56
CA CYS C 164 18.59 34.84 -6.37
C CYS C 164 19.20 34.30 -5.08
N SER C 165 20.38 33.67 -5.17
CA SER C 165 20.88 32.83 -4.09
C SER C 165 21.95 33.46 -3.21
N GLY C 166 22.74 34.39 -3.76
CA GLY C 166 23.80 35.03 -2.99
C GLY C 166 25.16 34.33 -3.02
N ILE C 167 25.26 33.21 -3.73
CA ILE C 167 26.54 32.49 -3.82
C ILE C 167 27.51 33.27 -4.72
N ARG C 168 28.81 33.15 -4.46
CA ARG C 168 29.82 33.79 -5.30
C ARG C 168 29.96 33.11 -6.66
N TRP C 169 30.16 33.94 -7.69
CA TRP C 169 30.45 33.41 -9.02
C TRP C 169 31.62 32.41 -9.02
N GLU C 170 32.65 32.65 -8.19
CA GLU C 170 33.79 31.73 -8.14
C GLU C 170 33.39 30.31 -7.71
N VAL C 171 32.40 30.19 -6.82
CA VAL C 171 31.90 28.87 -6.42
C VAL C 171 31.20 28.16 -7.58
N MET C 172 30.42 28.90 -8.34
CA MET C 172 29.78 28.38 -9.54
C MET C 172 30.84 27.87 -10.56
N GLU C 173 31.85 28.69 -10.83
CA GLU C 173 32.97 28.25 -11.69
C GLU C 173 33.58 26.95 -11.19
N ALA C 174 33.77 26.84 -9.88
CA ALA C 174 34.28 25.60 -9.30
C ALA C 174 33.38 24.39 -9.60
N LEU C 175 32.05 24.56 -9.46
CA LEU C 175 31.12 23.48 -9.79
C LEU C 175 31.26 23.03 -11.24
N GLU C 176 31.39 23.99 -12.15
CA GLU C 176 31.61 23.73 -13.57
C GLU C 176 32.86 22.89 -13.78
N LYS C 177 33.95 23.32 -13.16
CA LYS C 177 35.24 22.63 -13.27
C LYS C 177 35.15 21.20 -12.72
N LEU C 178 34.58 21.05 -11.52
CA LEU C 178 34.39 19.70 -10.93
C LEU C 178 33.58 18.81 -11.85
N LEU C 179 32.48 19.35 -12.38
CA LEU C 179 31.62 18.60 -13.30
C LEU C 179 32.41 18.12 -14.53
N ASN C 180 33.12 19.04 -15.17
CA ASN C 180 33.93 18.71 -16.34
C ASN C 180 35.16 17.83 -16.07
N SER C 181 35.55 17.69 -14.81
CA SER C 181 36.70 16.84 -14.42
C SER C 181 36.30 15.53 -13.73
N ASN C 182 35.00 15.22 -13.72
CA ASN C 182 34.52 13.91 -13.25
C ASN C 182 34.75 13.69 -11.75
N VAL C 183 34.77 14.79 -10.99
CA VAL C 183 34.89 14.76 -9.53
C VAL C 183 33.51 14.92 -8.88
N SER C 184 33.22 14.09 -7.89
CA SER C 184 31.98 14.20 -7.11
C SER C 184 32.17 13.58 -5.74
N PRO C 185 31.49 14.12 -4.72
CA PRO C 185 31.57 13.52 -3.41
C PRO C 185 30.85 12.19 -3.39
N LYS C 186 31.31 11.26 -2.54
CA LYS C 186 30.56 10.02 -2.24
C LYS C 186 29.45 10.42 -1.29
N VAL C 187 28.20 10.16 -1.65
CA VAL C 187 27.07 10.59 -0.82
C VAL C 187 26.25 9.42 -0.29
N PRO C 188 25.88 9.45 1.00
CA PRO C 188 24.99 8.43 1.54
C PRO C 188 23.63 8.41 0.86
N LEU C 189 23.07 7.22 0.76
CA LEU C 189 21.81 7.01 0.10
C LEU C 189 20.63 7.75 0.75
N ARG C 190 20.54 7.68 2.08
CA ARG C 190 19.32 8.13 2.79
C ARG C 190 19.61 9.27 3.76
N GLY C 191 18.53 9.95 4.15
CA GLY C 191 18.58 11.04 5.10
C GLY C 191 17.82 12.28 4.68
N SER C 192 17.47 12.40 3.39
CA SER C 192 16.71 13.55 2.93
C SER C 192 15.20 13.30 2.93
N VAL C 193 14.42 14.29 3.38
CA VAL C 193 12.95 14.34 3.19
C VAL C 193 12.57 15.38 2.15
N SER C 194 13.61 15.89 1.45
CA SER C 194 13.45 16.78 0.33
C SER C 194 12.55 17.96 0.64
N ASP C 196 16.98 18.94 -0.08
CA ASP C 196 17.87 17.75 0.07
C ASP C 196 19.11 18.11 0.89
N LEU C 197 18.87 18.49 2.15
CA LEU C 197 19.90 19.08 3.02
C LEU C 197 21.15 18.21 3.20
N ILE C 198 20.93 16.97 3.65
CA ILE C 198 22.04 16.06 3.95
C ILE C 198 22.90 15.76 2.72
N PRO C 199 22.29 15.27 1.62
CA PRO C 199 23.16 14.93 0.48
C PRO C 199 23.85 16.18 -0.12
N LEU C 200 23.12 17.30 -0.21
CA LEU C 200 23.73 18.53 -0.68
C LEU C 200 24.91 19.00 0.17
N ALA C 201 24.86 18.72 1.47
CA ALA C 201 25.97 19.08 2.38
C ALA C 201 27.31 18.40 2.00
N TYR C 202 27.24 17.24 1.35
CA TYR C 202 28.46 16.56 0.83
C TYR C 202 29.06 17.29 -0.37
N ILE C 203 28.23 17.91 -1.20
CA ILE C 203 28.77 18.79 -2.26
C ILE C 203 29.43 20.00 -1.61
N ALA C 204 28.76 20.61 -0.63
CA ALA C 204 29.34 21.73 0.11
C ALA C 204 30.65 21.32 0.79
N GLY C 205 30.64 20.14 1.41
CA GLY C 205 31.81 19.59 2.09
C GLY C 205 33.02 19.43 1.17
N LEU C 206 32.76 19.01 -0.07
CA LEU C 206 33.82 18.92 -1.08
C LEU C 206 34.39 20.31 -1.42
N LEU C 207 33.50 21.28 -1.63
CA LEU C 207 33.92 22.64 -1.99
C LEU C 207 34.76 23.33 -0.91
N ILE C 208 34.44 23.08 0.36
CA ILE C 208 35.23 23.64 1.46
C ILE C 208 36.40 22.76 1.90
N GLY C 209 36.67 21.69 1.16
CA GLY C 209 37.76 20.77 1.47
C GLY C 209 37.71 20.12 2.84
N LYS C 210 36.54 19.67 3.29
CA LYS C 210 36.45 18.88 4.54
C LYS C 210 37.17 17.56 4.35
N PRO C 211 38.18 17.26 5.20
CA PRO C 211 38.93 16.00 5.01
C PRO C 211 38.09 14.74 5.14
N SER C 212 37.08 14.76 6.02
CA SER C 212 36.19 13.61 6.21
C SER C 212 35.27 13.30 5.00
N VAL C 213 35.16 14.23 4.06
CA VAL C 213 34.37 14.03 2.84
C VAL C 213 35.23 13.37 1.76
N ILE C 214 34.88 12.15 1.39
CA ILE C 214 35.60 11.42 0.34
C ILE C 214 35.01 11.74 -1.03
N ALA C 215 35.90 11.98 -2.00
CA ALA C 215 35.49 12.34 -3.34
C ALA C 215 35.97 11.32 -4.38
N ARG C 216 35.08 11.01 -5.32
CA ARG C 216 35.43 10.18 -6.48
C ARG C 216 36.01 11.03 -7.58
N ILE C 217 37.01 10.49 -8.27
CA ILE C 217 37.44 11.05 -9.55
C ILE C 217 37.44 9.90 -10.56
N GLY C 218 36.53 9.96 -11.53
CA GLY C 218 36.28 8.83 -12.42
C GLY C 218 35.74 7.64 -11.66
N ASP C 219 35.97 6.44 -12.20
CA ASP C 219 35.30 5.24 -11.70
C ASP C 219 35.95 4.52 -10.51
N ASP C 220 37.23 4.77 -10.25
CA ASP C 220 37.92 4.06 -9.17
C ASP C 220 38.59 4.93 -8.11
N VAL C 221 39.22 6.02 -8.55
CA VAL C 221 39.95 6.87 -7.62
C VAL C 221 38.99 7.43 -6.58
N GLU C 222 39.36 7.26 -5.31
CA GLU C 222 38.69 7.91 -4.20
C GLU C 222 39.73 8.58 -3.31
N VAL C 223 39.58 9.87 -3.08
CA VAL C 223 40.49 10.61 -2.20
C VAL C 223 39.73 11.61 -1.31
N PRO C 224 40.37 12.06 -0.22
CA PRO C 224 39.75 13.10 0.61
C PRO C 224 39.54 14.38 -0.19
N ALA C 225 38.53 15.16 0.19
CA ALA C 225 38.17 16.36 -0.55
C ALA C 225 39.34 17.30 -0.89
N PRO C 226 40.21 17.61 0.08
CA PRO C 226 41.30 18.56 -0.30
C PRO C 226 42.20 18.03 -1.42
N GLU C 227 42.51 16.73 -1.40
CA GLU C 227 43.35 16.12 -2.46
C GLU C 227 42.63 16.16 -3.81
N ALA C 228 41.33 15.84 -3.82
CA ALA C 228 40.53 15.97 -5.05
C ALA C 228 40.56 17.38 -5.64
N LEU C 229 40.42 18.39 -4.79
CA LEU C 229 40.45 19.76 -5.27
C LEU C 229 41.85 20.05 -5.88
N SER C 230 42.90 19.66 -5.17
CA SER C 230 44.26 19.88 -5.67
C SER C 230 44.47 19.23 -7.05
N ARG C 231 44.04 17.97 -7.20
CA ARG C 231 44.22 17.24 -8.46
C ARG C 231 43.57 17.89 -9.67
N VAL C 232 42.58 18.76 -9.46
CA VAL C 232 41.93 19.45 -10.58
C VAL C 232 42.15 20.96 -10.55
N GLY C 233 43.18 21.40 -9.81
CA GLY C 233 43.59 22.80 -9.84
C GLY C 233 42.75 23.78 -9.05
N LEU C 234 42.00 23.29 -8.06
CA LEU C 234 41.17 24.14 -7.20
C LEU C 234 41.70 24.21 -5.76
N ARG C 235 41.28 25.23 -5.04
CA ARG C 235 41.57 25.38 -3.62
C ARG C 235 40.27 25.42 -2.82
N PRO C 236 40.29 24.96 -1.55
CA PRO C 236 39.06 24.95 -0.75
C PRO C 236 38.50 26.34 -0.55
N PHE C 237 37.17 26.48 -0.52
CA PHE C 237 36.52 27.75 -0.24
C PHE C 237 36.29 27.97 1.24
N LYS C 238 36.30 29.24 1.64
CA LYS C 238 35.84 29.66 2.94
C LYS C 238 34.46 30.30 2.76
N LEU C 239 33.43 29.69 3.35
CA LEU C 239 32.05 30.13 3.14
C LEU C 239 31.77 31.53 3.71
N GLN C 240 31.14 32.37 2.90
CA GLN C 240 30.76 33.71 3.30
C GLN C 240 29.28 33.68 3.60
N ALA C 241 28.73 34.83 3.99
CA ALA C 241 27.31 34.97 4.33
C ALA C 241 26.40 34.23 3.36
N LYS C 242 25.45 33.46 3.90
CA LYS C 242 24.42 32.72 3.13
C LYS C 242 24.91 31.54 2.28
N GLU C 243 26.23 31.36 2.12
CA GLU C 243 26.74 30.41 1.11
C GLU C 243 26.53 28.94 1.49
N GLY C 244 26.70 28.59 2.75
CA GLY C 244 26.33 27.26 3.23
C GLY C 244 24.87 26.96 2.91
N LEU C 245 23.96 27.83 3.34
CA LEU C 245 22.53 27.66 3.08
C LEU C 245 22.22 27.53 1.59
N ALA C 246 22.84 28.39 0.78
CA ALA C 246 22.68 28.36 -0.67
C ALA C 246 23.04 26.99 -1.27
N LEU C 247 24.16 26.42 -0.84
CA LEU C 247 24.54 25.11 -1.32
C LEU C 247 23.55 24.00 -0.93
N VAL C 248 22.95 24.05 0.26
CA VAL C 248 22.17 22.89 0.78
C VAL C 248 20.64 23.00 0.69
N ASN C 249 20.15 24.21 0.43
CA ASN C 249 18.72 24.50 0.59
C ASN C 249 17.93 24.40 -0.72
N GLY C 250 18.06 23.28 -1.42
CA GLY C 250 17.42 23.09 -2.71
C GLY C 250 16.90 21.68 -2.91
N THR C 251 16.42 21.42 -4.12
CA THR C 251 15.80 20.14 -4.50
C THR C 251 16.62 19.36 -5.51
N SER C 252 17.92 19.64 -5.59
CA SER C 252 18.74 19.12 -6.67
C SER C 252 18.86 17.59 -6.74
N PHE C 253 18.87 16.91 -5.60
CA PHE C 253 19.04 15.46 -5.65
C PHE C 253 17.77 14.72 -6.11
N ALA C 254 16.63 15.02 -5.47
CA ALA C 254 15.34 14.46 -5.92
C ALA C 254 15.06 14.76 -7.39
N THR C 255 15.35 16.00 -7.82
CA THR C 255 15.10 16.43 -9.18
C THR C 255 16.12 15.82 -10.16
N ALA C 256 17.37 15.61 -9.74
CA ALA C 256 18.33 14.89 -10.60
C ALA C 256 17.89 13.45 -10.93
N VAL C 257 17.48 12.71 -9.90
CA VAL C 257 17.01 11.32 -10.06
C VAL C 257 15.72 11.32 -10.89
N ALA C 258 14.83 12.26 -10.57
CA ALA C 258 13.58 12.44 -11.32
C ALA C 258 13.83 12.73 -12.80
N SER C 259 14.92 13.44 -13.12
CA SER C 259 15.22 13.80 -14.51
C SER C 259 15.60 12.59 -15.35
N THR C 260 16.51 11.78 -14.85
CA THR C 260 16.89 10.56 -15.55
C THR C 260 15.72 9.56 -15.50
N VAL C 261 15.01 9.51 -14.37
CA VAL C 261 13.76 8.72 -14.33
C VAL C 261 12.84 9.13 -15.48
N MET C 262 12.56 10.41 -15.67
CA MET C 262 11.64 10.82 -16.74
C MET C 262 12.17 10.63 -18.18
N TYR C 263 13.48 10.85 -18.39
CA TYR C 263 14.04 10.55 -19.70
C TYR C 263 13.77 9.06 -20.04
N ASP C 264 14.07 8.16 -19.11
CA ASP C 264 13.91 6.74 -19.32
C ASP C 264 12.43 6.37 -19.48
N ALA C 265 11.55 7.02 -18.71
CA ALA C 265 10.12 6.70 -18.82
C ALA C 265 9.55 7.03 -20.18
N ASN C 266 10.05 8.13 -20.78
CA ASN C 266 9.62 8.53 -22.12
C ASN C 266 10.07 7.50 -23.17
N VAL C 267 11.35 7.12 -23.13
CA VAL C 267 11.89 6.18 -24.08
C VAL C 267 11.22 4.80 -23.93
N LEU C 268 11.06 4.36 -22.69
CA LEU C 268 10.49 3.03 -22.44
C LEU C 268 8.99 2.99 -22.80
N LEU C 269 8.27 4.08 -22.51
CA LEU C 269 6.89 4.25 -23.01
C LEU C 269 6.78 4.02 -24.52
N LEU C 270 7.55 4.78 -25.31
CA LEU C 270 7.49 4.66 -26.76
C LEU C 270 7.83 3.26 -27.22
N LEU C 271 8.82 2.65 -26.57
CA LEU C 271 9.22 1.29 -26.89
C LEU C 271 8.05 0.31 -26.68
N VAL C 272 7.38 0.44 -25.55
CA VAL C 272 6.21 -0.40 -25.23
C VAL C 272 5.06 -0.22 -26.23
N GLU C 273 4.71 1.02 -26.55
CA GLU C 273 3.67 1.30 -27.55
C GLU C 273 4.03 0.67 -28.89
N THR C 274 5.27 0.88 -29.32
CA THR C 274 5.72 0.35 -30.61
C THR C 274 5.65 -1.18 -30.64
N LEU C 275 6.15 -1.80 -29.59
CA LEU C 275 6.12 -3.24 -29.50
C LEU C 275 4.72 -3.84 -29.32
N CYS C 276 3.71 -3.05 -29.00
CA CYS C 276 2.31 -3.54 -29.13
C CYS C 276 1.99 -3.94 -30.58
N GLY C 277 2.59 -3.23 -31.55
CA GLY C 277 2.40 -3.59 -32.96
C GLY C 277 3.07 -4.91 -33.34
N MET C 278 4.28 -5.11 -32.81
CA MET C 278 5.00 -6.35 -33.03
C MET C 278 4.24 -7.52 -32.38
N PHE C 279 3.62 -7.28 -31.22
CA PHE C 279 2.78 -8.28 -30.57
C PHE C 279 1.61 -8.67 -31.47
N CYS C 280 0.92 -7.67 -32.03
CA CYS C 280 -0.16 -7.93 -32.98
C CYS C 280 0.30 -8.82 -34.15
N GLU C 281 1.48 -8.53 -34.70
CA GLU C 281 2.03 -9.32 -35.81
C GLU C 281 2.21 -10.79 -35.46
N VAL C 282 2.85 -11.09 -34.34
CA VAL C 282 3.17 -12.50 -33.99
C VAL C 282 1.99 -13.27 -33.38
N ILE C 283 1.04 -12.57 -32.78
CA ILE C 283 -0.09 -13.22 -32.12
C ILE C 283 -1.28 -13.48 -33.08
N PHE C 284 -1.17 -13.00 -34.31
CA PHE C 284 -2.28 -13.03 -35.30
C PHE C 284 -3.45 -12.19 -34.77
N GLY C 285 -3.14 -10.96 -34.38
CA GLY C 285 -4.17 -9.98 -34.03
C GLY C 285 -4.94 -9.43 -35.23
N ARG C 286 -6.01 -8.71 -34.90
CA ARG C 286 -6.81 -8.00 -35.88
C ARG C 286 -6.50 -6.52 -35.71
N GLU C 287 -5.87 -5.89 -36.71
CA GLU C 287 -5.37 -4.50 -36.57
C GLU C 287 -6.47 -3.45 -36.48
N GLU C 288 -7.71 -3.87 -36.68
CA GLU C 288 -8.85 -2.97 -36.61
C GLU C 288 -9.01 -2.29 -35.23
N PHE C 289 -8.44 -2.88 -34.17
CA PHE C 289 -8.49 -2.26 -32.83
C PHE C 289 -7.94 -0.83 -32.82
N ALA C 290 -7.03 -0.53 -33.75
CA ALA C 290 -6.37 0.78 -33.85
C ALA C 290 -7.02 1.74 -34.87
N HIS C 291 -8.15 1.33 -35.42
CA HIS C 291 -8.90 2.15 -36.39
C HIS C 291 -9.21 3.50 -35.79
N PRO C 292 -8.92 4.61 -36.53
CA PRO C 292 -9.04 5.95 -35.94
C PRO C 292 -10.44 6.37 -35.46
N LEU C 293 -11.51 5.92 -36.12
CA LEU C 293 -12.88 6.25 -35.66
C LEU C 293 -13.21 5.80 -34.22
N ILE C 294 -12.72 4.63 -33.83
CA ILE C 294 -12.92 4.11 -32.48
C ILE C 294 -12.40 5.14 -31.46
N HIS C 295 -11.24 5.69 -31.75
CA HIS C 295 -10.57 6.59 -30.81
C HIS C 295 -11.03 8.02 -30.98
N LYS C 296 -11.48 8.38 -32.17
CA LYS C 296 -12.10 9.70 -32.37
C LYS C 296 -13.31 9.87 -31.44
N VAL C 297 -14.08 8.80 -31.24
CA VAL C 297 -15.29 8.86 -30.41
C VAL C 297 -15.06 8.64 -28.90
N LYS C 298 -13.81 8.37 -28.51
CA LYS C 298 -13.39 8.38 -27.12
C LYS C 298 -12.00 9.05 -27.06
N PRO C 299 -11.98 10.38 -27.22
CA PRO C 299 -10.78 11.10 -27.64
C PRO C 299 -9.76 11.49 -26.53
N HIS C 300 -9.40 10.56 -25.66
CA HIS C 300 -8.26 10.78 -24.76
C HIS C 300 -7.02 10.95 -25.65
N PRO C 301 -6.28 12.05 -25.52
CA PRO C 301 -5.12 12.26 -26.41
C PRO C 301 -4.17 11.07 -26.54
N GLY C 302 -3.82 10.45 -25.42
CA GLY C 302 -2.93 9.31 -25.45
C GLY C 302 -3.55 8.08 -26.13
N GLN C 303 -4.89 8.01 -26.11
CA GLN C 303 -5.60 6.94 -26.79
C GLN C 303 -5.51 7.13 -28.31
N ILE C 304 -5.84 8.33 -28.79
CA ILE C 304 -5.72 8.68 -30.20
C ILE C 304 -4.28 8.51 -30.72
N GLU C 305 -3.31 9.02 -29.98
CA GLU C 305 -1.90 9.05 -30.44
C GLU C 305 -1.26 7.68 -30.51
N SER C 306 -1.54 6.83 -29.52
CA SER C 306 -1.03 5.44 -29.54
C SER C 306 -1.68 4.66 -30.69
N ALA C 307 -3.00 4.78 -30.85
CA ALA C 307 -3.68 4.08 -31.94
C ALA C 307 -3.17 4.53 -33.32
N GLU C 308 -2.91 5.83 -33.45
CA GLU C 308 -2.42 6.41 -34.69
C GLU C 308 -1.09 5.78 -35.07
N LEU C 309 -0.18 5.66 -34.11
CA LEU C 309 1.09 5.01 -34.33
C LEU C 309 0.90 3.54 -34.72
N LEU C 310 0.00 2.85 -34.03
CA LEU C 310 -0.18 1.41 -34.26
C LEU C 310 -0.80 1.11 -35.63
N GLU C 311 -1.77 1.92 -36.06
CA GLU C 311 -2.36 1.78 -37.39
C GLU C 311 -1.31 1.92 -38.47
N TRP C 312 -0.44 2.92 -38.31
CA TRP C 312 0.65 3.18 -39.27
C TRP C 312 1.64 2.03 -39.26
N LEU C 313 1.92 1.48 -38.09
CA LEU C 313 2.88 0.38 -37.98
C LEU C 313 2.36 -0.90 -38.64
N LEU C 314 1.04 -1.09 -38.59
CA LEU C 314 0.42 -2.32 -39.07
C LEU C 314 -0.15 -2.25 -40.49
N ARG C 315 -0.21 -1.05 -41.08
CA ARG C 315 -0.73 -0.85 -42.44
C ARG C 315 0.21 -1.56 -43.43
N SER C 316 -0.32 -2.43 -44.27
CA SER C 316 0.53 -3.18 -45.23
C SER C 316 1.49 -4.18 -44.57
N SER C 317 1.20 -4.58 -43.33
CA SER C 317 2.01 -5.62 -42.68
C SER C 317 1.84 -6.96 -43.41
N PRO C 318 2.96 -7.62 -43.74
CA PRO C 318 2.88 -8.97 -44.28
C PRO C 318 2.39 -9.99 -43.26
N PHE C 319 2.62 -9.74 -41.97
CA PHE C 319 2.10 -10.63 -40.93
C PHE C 319 0.58 -10.49 -40.79
N GLN C 320 0.05 -9.30 -40.96
CA GLN C 320 -1.40 -9.11 -40.95
C GLN C 320 -2.07 -9.81 -42.16
N GLU C 321 -1.32 -10.00 -43.26
CA GLU C 321 -1.79 -10.86 -44.36
C GLU C 321 -1.97 -12.28 -43.88
N LEU C 322 -0.95 -12.83 -43.23
CA LEU C 322 -1.03 -14.20 -42.67
C LEU C 322 -2.19 -14.34 -41.69
N SER C 323 -2.39 -13.31 -40.87
CA SER C 323 -3.49 -13.29 -39.92
C SER C 323 -4.84 -13.39 -40.62
N ARG C 324 -5.05 -12.55 -41.63
CA ARG C 324 -6.30 -12.58 -42.40
C ARG C 324 -6.53 -13.94 -43.05
N GLU C 325 -5.47 -14.54 -43.58
CA GLU C 325 -5.57 -15.88 -44.16
C GLU C 325 -5.94 -16.91 -43.09
N TYR C 326 -5.38 -16.73 -41.88
CA TYR C 326 -5.64 -17.63 -40.77
C TYR C 326 -7.11 -17.63 -40.35
N TYR C 327 -7.72 -16.46 -40.19
CA TYR C 327 -9.13 -16.39 -39.78
C TYR C 327 -10.13 -16.71 -40.90
N SER C 328 -9.67 -16.79 -42.15
CA SER C 328 -10.52 -17.21 -43.26
C SER C 328 -10.67 -18.74 -43.32
N ILE C 329 -9.87 -19.44 -42.53
CA ILE C 329 -9.91 -20.90 -42.46
C ILE C 329 -10.58 -21.32 -41.15
N ASP C 330 -11.70 -22.04 -41.25
CA ASP C 330 -12.54 -22.38 -40.09
C ASP C 330 -12.96 -21.11 -39.33
N LYS C 331 -13.30 -20.06 -40.08
CA LYS C 331 -13.66 -18.76 -39.51
C LYS C 331 -14.62 -18.84 -38.33
N LEU C 332 -15.65 -19.65 -38.46
CA LEU C 332 -16.72 -19.74 -37.45
C LEU C 332 -16.34 -20.57 -36.22
N LYS C 333 -15.14 -21.14 -36.23
CA LYS C 333 -14.62 -21.86 -35.09
C LYS C 333 -13.52 -21.05 -34.37
N LYS C 334 -13.20 -19.87 -34.89
CA LYS C 334 -12.15 -19.01 -34.33
C LYS C 334 -12.70 -17.70 -33.76
N PRO C 335 -12.01 -17.13 -32.76
CA PRO C 335 -12.51 -15.91 -32.14
C PRO C 335 -12.70 -14.77 -33.12
N LYS C 336 -13.75 -13.99 -32.88
CA LYS C 336 -14.06 -12.80 -33.68
C LYS C 336 -13.16 -11.60 -33.38
N GLN C 337 -12.72 -11.45 -32.13
CA GLN C 337 -11.82 -10.35 -31.76
C GLN C 337 -10.76 -10.82 -30.75
N ASP C 338 -9.72 -10.03 -30.58
CA ASP C 338 -8.57 -10.45 -29.78
C ASP C 338 -8.85 -10.21 -28.29
N ARG C 339 -8.04 -10.82 -27.44
CA ARG C 339 -8.10 -10.56 -25.99
C ARG C 339 -7.62 -9.15 -25.66
N TYR C 340 -7.85 -8.69 -24.43
CA TYR C 340 -7.68 -7.27 -24.09
C TYR C 340 -6.25 -6.76 -24.14
N ALA C 341 -5.27 -7.61 -23.83
CA ALA C 341 -3.87 -7.14 -23.78
C ALA C 341 -3.42 -6.53 -25.11
N LEU C 342 -4.02 -6.97 -26.23
CA LEU C 342 -3.87 -6.28 -27.51
C LEU C 342 -4.99 -5.28 -27.79
N ARG C 343 -6.23 -5.77 -27.82
CA ARG C 343 -7.35 -4.99 -28.36
C ARG C 343 -7.62 -3.71 -27.56
N SER C 344 -7.39 -3.78 -26.25
CA SER C 344 -7.54 -2.67 -25.35
C SER C 344 -6.24 -1.90 -25.07
N SER C 345 -5.20 -2.12 -25.88
CA SER C 345 -3.91 -1.45 -25.59
C SER C 345 -3.96 0.08 -25.72
N PRO C 346 -4.65 0.64 -26.75
CA PRO C 346 -4.69 2.10 -26.81
C PRO C 346 -5.43 2.75 -25.64
N GLN C 347 -6.50 2.10 -25.17
CA GLN C 347 -7.26 2.62 -24.03
C GLN C 347 -6.43 2.54 -22.75
N TRP C 348 -5.69 1.45 -22.60
CA TRP C 348 -4.84 1.23 -21.44
C TRP C 348 -3.69 2.24 -21.43
N LEU C 349 -3.06 2.39 -22.59
CA LEU C 349 -1.90 3.27 -22.72
C LEU C 349 -2.20 4.73 -22.48
N ALA C 350 -3.45 5.14 -22.72
CA ALA C 350 -3.82 6.57 -22.70
C ALA C 350 -3.41 7.33 -21.43
N PRO C 351 -3.83 6.88 -20.22
CA PRO C 351 -3.38 7.60 -19.02
C PRO C 351 -1.88 7.45 -18.76
N LEU C 352 -1.27 6.38 -19.27
CA LEU C 352 0.15 6.15 -19.01
C LEU C 352 0.96 7.19 -19.81
N VAL C 353 0.58 7.38 -21.06
CA VAL C 353 1.16 8.42 -21.92
C VAL C 353 1.02 9.80 -21.24
N GLN C 354 -0.20 10.12 -20.85
CA GLN C 354 -0.50 11.45 -20.35
C GLN C 354 0.22 11.76 -19.03
N THR C 355 0.35 10.74 -18.18
CA THR C 355 1.06 10.86 -16.91
C THR C 355 2.55 11.11 -17.15
N ILE C 356 3.13 10.34 -18.05
CA ILE C 356 4.57 10.46 -18.30
C ILE C 356 4.92 11.82 -18.95
N ARG C 357 4.11 12.26 -19.91
CA ARG C 357 4.34 13.55 -20.55
C ARG C 357 4.15 14.70 -19.57
N ASP C 358 3.05 14.71 -18.81
CA ASP C 358 2.83 15.78 -17.84
C ASP C 358 3.89 15.85 -16.76
N ALA C 359 4.28 14.68 -16.25
CA ALA C 359 5.35 14.60 -15.26
C ALA C 359 6.68 15.17 -15.78
N THR C 360 6.96 14.96 -17.07
CA THR C 360 8.18 15.49 -17.71
C THR C 360 8.23 17.02 -17.64
N THR C 361 7.09 17.65 -17.96
CA THR C 361 6.96 19.11 -17.88
C THR C 361 7.22 19.62 -16.47
N THR C 362 6.60 18.99 -15.48
CA THR C 362 6.77 19.37 -14.09
C THR C 362 8.22 19.22 -13.61
N VAL C 363 8.84 18.11 -13.97
CA VAL C 363 10.22 17.90 -13.54
C VAL C 363 11.12 18.98 -14.19
N GLU C 364 10.91 19.27 -15.46
CA GLU C 364 11.75 20.29 -16.14
C GLU C 364 11.52 21.68 -15.56
N THR C 365 10.29 21.98 -15.15
CA THR C 365 10.03 23.24 -14.45
C THR C 365 10.88 23.37 -13.19
N GLU C 366 10.99 22.28 -12.42
CA GLU C 366 11.85 22.24 -11.24
C GLU C 366 13.34 22.36 -11.59
N VAL C 367 13.77 21.69 -12.65
CA VAL C 367 15.16 21.76 -13.09
C VAL C 367 15.53 23.25 -13.34
N ASN C 368 14.59 23.96 -13.94
CA ASN C 368 14.80 25.35 -14.33
C ASN C 368 14.16 26.31 -13.37
N SER C 369 14.48 26.14 -12.08
CA SER C 369 13.93 26.97 -11.02
C SER C 369 15.01 27.39 -10.03
N ALA C 370 14.74 28.49 -9.35
CA ALA C 370 15.54 28.91 -8.22
C ALA C 370 14.94 28.26 -6.98
N ASN C 371 15.44 27.06 -6.66
CA ASN C 371 15.02 26.30 -5.50
C ASN C 371 16.03 26.57 -4.40
N ASP C 372 15.65 27.51 -3.54
CA ASP C 372 16.53 28.11 -2.57
C ASP C 372 15.71 29.06 -1.72
N ASN C 373 16.22 29.41 -0.55
CA ASN C 373 15.56 30.34 0.37
C ASN C 373 16.53 30.94 1.38
N PRO C 374 16.38 32.23 1.71
CA PRO C 374 15.53 33.27 1.13
C PRO C 374 15.86 33.57 -0.34
N ILE C 375 14.89 34.16 -1.02
CA ILE C 375 15.05 34.57 -2.39
C ILE C 375 15.50 36.03 -2.34
N ILE C 376 16.71 36.30 -2.83
CA ILE C 376 17.25 37.65 -2.77
C ILE C 376 16.72 38.48 -3.93
N ASP C 377 15.88 39.48 -3.61
CA ASP C 377 15.35 40.41 -4.59
C ASP C 377 16.20 41.69 -4.51
N HIS C 378 17.44 41.61 -4.95
CA HIS C 378 18.39 42.72 -4.80
C HIS C 378 17.92 43.98 -5.53
N ALA C 379 17.22 43.82 -6.66
CA ALA C 379 16.63 44.96 -7.37
C ALA C 379 15.75 45.82 -6.46
N ASN C 380 15.04 45.20 -5.51
CA ASN C 380 14.17 45.93 -4.59
C ASN C 380 14.68 45.97 -3.15
N ASP C 381 15.96 45.64 -2.96
CA ASP C 381 16.59 45.74 -1.64
C ASP C 381 15.91 44.89 -0.55
N ARG C 382 15.49 43.67 -0.93
CA ARG C 382 14.70 42.79 -0.04
C ARG C 382 15.12 41.32 -0.18
N ALA C 383 15.13 40.61 0.93
CA ALA C 383 15.25 39.14 0.93
C ALA C 383 13.85 38.59 1.21
N LEU C 384 13.35 37.71 0.35
CA LEU C 384 11.95 37.21 0.48
C LEU C 384 11.93 35.79 1.07
N HIS C 385 11.08 35.57 2.08
CA HIS C 385 11.11 34.35 2.88
C HIS C 385 9.97 33.45 2.48
N GLY C 386 10.32 32.33 1.86
CA GLY C 386 9.32 31.37 1.35
C GLY C 386 9.85 29.95 1.50
N ALA C 387 9.46 29.07 0.59
CA ALA C 387 9.83 27.66 0.73
C ALA C 387 10.11 26.96 -0.60
N ASN C 388 10.86 27.61 -1.50
CA ASN C 388 11.19 26.97 -2.79
C ASN C 388 12.03 25.69 -2.70
N PHE C 389 12.54 25.37 -1.51
CA PHE C 389 13.26 24.11 -1.28
C PHE C 389 12.31 22.89 -1.17
N GLN C 390 11.01 23.16 -1.11
CA GLN C 390 10.00 22.11 -0.92
C GLN C 390 9.76 21.36 -2.25
N GLY C 391 10.09 20.07 -2.27
CA GLY C 391 10.10 19.28 -3.52
C GLY C 391 8.81 18.55 -3.83
N SER C 392 7.67 19.12 -3.42
CA SER C 392 6.38 18.42 -3.53
C SER C 392 5.87 18.21 -4.96
N ALA C 393 6.14 19.15 -5.88
CA ALA C 393 5.77 18.94 -7.27
C ALA C 393 6.45 17.68 -7.81
N VAL C 394 7.75 17.54 -7.54
CA VAL C 394 8.46 16.35 -7.98
C VAL C 394 7.98 15.09 -7.26
N GLY C 395 7.76 15.18 -5.95
CA GLY C 395 7.41 14.01 -5.16
C GLY C 395 6.07 13.39 -5.53
N PHE C 396 5.03 14.21 -5.61
CA PHE C 396 3.72 13.71 -6.03
C PHE C 396 3.77 13.12 -7.44
N TYR C 397 4.45 13.77 -8.38
CA TYR C 397 4.52 13.24 -9.72
C TYR C 397 5.36 11.96 -9.81
N MET C 398 6.34 11.80 -8.93
CA MET C 398 7.07 10.53 -8.93
C MET C 398 6.13 9.38 -8.50
N ASP C 399 5.31 9.62 -7.49
CA ASP C 399 4.25 8.66 -7.12
C ASP C 399 3.39 8.27 -8.32
N TYR C 400 2.87 9.25 -9.07
CA TYR C 400 1.99 8.95 -10.22
C TYR C 400 2.70 8.17 -11.32
N VAL C 401 3.91 8.59 -11.66
CA VAL C 401 4.70 7.90 -12.67
C VAL C 401 4.98 6.44 -12.31
N ARG C 402 5.20 6.16 -11.02
CA ARG C 402 5.45 4.77 -10.58
C ARG C 402 4.22 3.89 -10.80
N ILE C 403 3.04 4.45 -10.55
CA ILE C 403 1.76 3.76 -10.85
C ILE C 403 1.60 3.52 -12.35
N ALA C 404 1.93 4.53 -13.15
CA ALA C 404 1.89 4.39 -14.60
C ALA C 404 2.87 3.31 -15.09
N VAL C 405 4.07 3.28 -14.50
CA VAL C 405 5.07 2.27 -14.86
C VAL C 405 4.59 0.88 -14.50
N ALA C 406 3.93 0.75 -13.36
CA ALA C 406 3.31 -0.52 -12.99
C ALA C 406 2.26 -0.92 -14.02
N GLY C 407 1.56 0.07 -14.57
CA GLY C 407 0.56 -0.15 -15.63
C GLY C 407 1.14 -0.64 -16.94
N LEU C 408 2.29 -0.08 -17.33
CA LEU C 408 3.04 -0.60 -18.46
C LEU C 408 3.52 -2.05 -18.24
N GLY C 409 4.03 -2.35 -17.06
CA GLY C 409 4.46 -3.70 -16.72
C GLY C 409 3.33 -4.73 -16.76
N LYS C 410 2.17 -4.34 -16.26
CA LYS C 410 0.98 -5.22 -16.32
C LYS C 410 0.60 -5.54 -17.78
N LEU C 411 0.67 -4.54 -18.67
CA LEU C 411 0.39 -4.73 -20.09
C LEU C 411 1.38 -5.73 -20.71
N LEU C 412 2.65 -5.59 -20.39
CA LEU C 412 3.67 -6.50 -20.88
C LEU C 412 3.43 -7.91 -20.36
N PHE C 413 3.13 -8.02 -19.07
CA PHE C 413 2.87 -9.30 -18.46
C PHE C 413 1.72 -10.02 -19.16
N ALA C 414 0.65 -9.29 -19.43
CA ALA C 414 -0.52 -9.90 -20.02
C ALA C 414 -0.23 -10.37 -21.46
N GLN C 415 0.45 -9.54 -22.25
CA GLN C 415 0.85 -9.94 -23.59
C GLN C 415 1.75 -11.18 -23.55
N PHE C 416 2.73 -11.18 -22.66
CA PHE C 416 3.69 -12.27 -22.56
C PHE C 416 2.99 -13.58 -22.20
N THR C 417 2.04 -13.49 -21.27
CA THR C 417 1.26 -14.66 -20.83
C THR C 417 0.50 -15.29 -22.00
N GLU C 418 -0.18 -14.48 -22.81
CA GLU C 418 -0.95 -14.99 -23.95
C GLU C 418 -0.02 -15.72 -24.92
N LEU C 419 1.14 -15.11 -25.16
CA LEU C 419 2.14 -15.65 -26.08
C LEU C 419 2.63 -17.06 -25.70
N MET C 420 2.70 -17.36 -24.40
CA MET C 420 3.23 -18.65 -23.90
C MET C 420 2.20 -19.78 -23.89
N ILE C 421 0.93 -19.45 -24.02
CA ILE C 421 -0.15 -20.43 -23.86
C ILE C 421 -0.78 -20.77 -25.23
N GLU C 422 -0.70 -22.04 -25.62
CA GLU C 422 -1.16 -22.46 -26.95
C GLU C 422 -2.66 -22.17 -27.18
N TYR C 423 -3.46 -22.18 -26.11
CA TYR C 423 -4.88 -21.88 -26.22
C TYR C 423 -5.17 -20.44 -26.62
N TYR C 424 -4.20 -19.55 -26.43
CA TYR C 424 -4.39 -18.12 -26.66
C TYR C 424 -3.46 -17.51 -27.73
N SER C 425 -2.63 -18.35 -28.35
CA SER C 425 -1.57 -17.84 -29.24
C SER C 425 -1.79 -18.16 -30.72
N ASN C 426 -2.96 -18.72 -31.03
CA ASN C 426 -3.38 -18.91 -32.41
C ASN C 426 -2.40 -19.69 -33.27
N GLY C 427 -1.98 -20.86 -32.76
CA GLY C 427 -1.10 -21.77 -33.51
C GLY C 427 0.35 -21.88 -33.05
N LEU C 428 0.82 -20.95 -32.23
CA LEU C 428 2.19 -21.05 -31.70
C LEU C 428 2.27 -22.17 -30.67
N PRO C 429 3.44 -22.80 -30.52
CA PRO C 429 3.58 -23.86 -29.53
C PRO C 429 3.63 -23.27 -28.12
N GLY C 430 3.20 -24.05 -27.13
CA GLY C 430 3.28 -23.63 -25.74
C GLY C 430 4.72 -23.27 -25.36
N ASN C 431 4.87 -22.19 -24.58
CA ASN C 431 6.20 -21.72 -24.16
C ASN C 431 7.12 -21.28 -25.31
N LEU C 432 6.55 -21.14 -26.51
CA LEU C 432 7.30 -20.91 -27.74
C LEU C 432 8.42 -21.93 -27.94
N SER C 433 8.14 -23.18 -27.52
CA SER C 433 9.09 -24.27 -27.63
C SER C 433 9.16 -24.75 -29.08
N LEU C 434 10.34 -24.72 -29.69
CA LEU C 434 10.52 -25.23 -31.05
C LEU C 434 10.44 -26.76 -31.10
N GLY C 435 11.07 -27.42 -30.13
CA GLY C 435 11.17 -28.85 -30.16
C GLY C 435 12.07 -29.26 -31.31
N PRO C 436 11.59 -30.17 -32.19
CA PRO C 436 10.29 -30.87 -32.22
C PRO C 436 9.98 -31.73 -30.99
N ASP C 437 11.02 -32.20 -30.31
CA ASP C 437 10.84 -33.01 -29.11
C ASP C 437 10.64 -32.10 -27.88
N LEU C 438 9.37 -31.90 -27.53
CA LEU C 438 8.97 -31.00 -26.45
C LEU C 438 9.26 -31.55 -25.06
N SER C 439 9.51 -32.86 -24.98
CA SER C 439 9.87 -33.50 -23.72
C SER C 439 11.20 -33.02 -23.15
N VAL C 440 12.07 -32.46 -23.98
CA VAL C 440 13.36 -31.93 -23.53
C VAL C 440 13.55 -30.48 -24.00
N ASP C 441 12.44 -29.78 -24.17
CA ASP C 441 12.47 -28.38 -24.59
C ASP C 441 11.28 -27.65 -23.97
N TYR C 442 11.53 -26.97 -22.85
CA TYR C 442 10.49 -26.19 -22.15
C TYR C 442 10.53 -24.72 -22.55
N GLY C 443 11.28 -24.41 -23.61
CA GLY C 443 11.23 -23.11 -24.26
C GLY C 443 11.51 -21.95 -23.33
N LEU C 444 10.61 -20.97 -23.34
CA LEU C 444 10.74 -19.76 -22.56
C LEU C 444 9.96 -19.81 -21.23
N LYS C 445 9.75 -21.00 -20.68
CA LYS C 445 9.02 -21.17 -19.41
C LYS C 445 9.73 -20.45 -18.25
N GLY C 446 11.07 -20.47 -18.25
CA GLY C 446 11.88 -19.76 -17.28
C GLY C 446 11.66 -18.26 -17.32
N LEU C 447 11.64 -17.70 -18.53
CA LEU C 447 11.33 -16.29 -18.70
C LEU C 447 9.90 -15.95 -18.26
N ASP C 448 8.96 -16.85 -18.52
CA ASP C 448 7.56 -16.68 -18.10
C ASP C 448 7.41 -16.55 -16.59
N ILE C 449 8.06 -17.46 -15.86
CA ILE C 449 8.07 -17.43 -14.41
C ILE C 449 8.64 -16.10 -13.88
N ALA C 450 9.80 -15.71 -14.42
CA ALA C 450 10.42 -14.44 -14.10
C ALA C 450 9.50 -13.22 -14.36
N MET C 451 8.78 -13.24 -15.48
CA MET C 451 7.87 -12.11 -15.80
C MET C 451 6.79 -11.90 -14.73
N ALA C 452 6.28 -12.99 -14.16
CA ALA C 452 5.38 -12.89 -13.02
C ALA C 452 6.07 -12.30 -11.79
N ALA C 453 7.31 -12.71 -11.54
CA ALA C 453 8.06 -12.15 -10.41
C ALA C 453 8.33 -10.66 -10.60
N TYR C 454 8.65 -10.27 -11.83
CA TYR C 454 8.90 -8.85 -12.14
C TYR C 454 7.60 -8.02 -11.95
N SER C 455 6.53 -8.49 -12.55
CA SER C 455 5.27 -7.75 -12.47
C SER C 455 4.81 -7.58 -11.00
N SER C 456 4.91 -8.65 -10.22
CA SER C 456 4.49 -8.64 -8.81
C SER C 456 5.27 -7.63 -7.97
N GLU C 457 6.59 -7.53 -8.17
CA GLU C 457 7.39 -6.60 -7.41
C GLU C 457 7.05 -5.18 -7.82
N LEU C 458 6.91 -5.00 -9.13
CA LEU C 458 6.54 -3.72 -9.69
C LEU C 458 5.21 -3.20 -9.12
N GLN C 459 4.20 -4.04 -9.01
CA GLN C 459 2.92 -3.58 -8.43
C GLN C 459 3.09 -3.15 -6.96
N TYR C 460 3.90 -3.89 -6.20
CA TYR C 460 4.23 -3.53 -4.81
C TYR C 460 4.93 -2.18 -4.74
N LEU C 461 5.89 -1.96 -5.62
CA LEU C 461 6.68 -0.71 -5.58
C LEU C 461 5.80 0.52 -5.80
N ALA C 462 4.69 0.34 -6.49
CA ALA C 462 3.84 1.46 -6.90
C ALA C 462 2.92 2.03 -5.83
N ASN C 463 2.93 1.47 -4.63
CA ASN C 463 2.32 2.19 -3.50
C ASN C 463 3.01 3.56 -3.31
N PRO C 464 2.26 4.56 -2.84
CA PRO C 464 2.80 5.92 -2.72
C PRO C 464 3.72 6.11 -1.55
N VAL C 465 4.72 6.98 -1.74
CA VAL C 465 5.59 7.45 -0.69
C VAL C 465 5.03 8.72 -0.04
N THR C 466 4.36 9.58 -0.81
CA THR C 466 3.93 10.88 -0.28
C THR C 466 2.86 10.78 0.81
N THR C 467 2.25 9.60 0.93
CA THR C 467 1.31 9.38 2.02
C THR C 467 1.96 9.15 3.39
N HIS C 468 3.30 9.10 3.46
CA HIS C 468 4.02 8.78 4.68
C HIS C 468 4.75 9.96 5.31
N VAL C 469 4.15 11.14 5.20
CA VAL C 469 4.75 12.38 5.72
C VAL C 469 4.72 12.38 7.24
N HIS C 470 5.91 12.48 7.84
CA HIS C 470 6.08 12.62 9.28
C HIS C 470 6.33 14.10 9.63
N SER C 471 5.92 14.53 10.82
CA SER C 471 6.18 15.88 11.30
C SER C 471 7.64 15.92 11.79
N ALA C 472 8.50 16.64 11.07
CA ALA C 472 9.94 16.47 11.19
C ALA C 472 10.64 17.77 11.63
N GLU C 473 11.90 17.63 12.05
CA GLU C 473 12.77 18.78 12.42
C GLU C 473 12.18 19.70 13.49
N GLN C 474 12.00 19.13 14.69
CA GLN C 474 11.40 19.86 15.82
C GLN C 474 10.05 20.43 15.44
N HIS C 475 9.32 19.68 14.61
CA HIS C 475 7.98 20.07 14.10
C HIS C 475 7.96 21.34 13.26
N ASN C 476 9.13 21.80 12.79
CA ASN C 476 9.16 22.89 11.80
C ASN C 476 8.72 22.41 10.41
N GLN C 477 9.18 21.22 10.03
CA GLN C 477 8.85 20.64 8.73
C GLN C 477 7.66 19.74 8.86
N ASP C 478 6.51 20.32 9.21
CA ASP C 478 5.31 19.52 9.44
C ASP C 478 4.61 19.04 8.17
N ILE C 479 5.01 19.58 7.01
CA ILE C 479 4.81 18.92 5.72
C ILE C 479 6.19 18.88 5.01
N ASN C 480 6.47 17.78 4.30
CA ASN C 480 7.74 17.56 3.61
C ASN C 480 7.50 16.57 2.46
N SER C 481 8.26 16.69 1.37
CA SER C 481 7.86 16.09 0.09
C SER C 481 8.24 14.62 -0.08
N LEU C 482 9.30 14.20 0.59
CA LEU C 482 9.87 12.85 0.42
C LEU C 482 10.20 12.54 -1.06
N ALA C 483 10.50 13.59 -1.82
CA ALA C 483 10.69 13.47 -3.26
C ALA C 483 11.85 12.57 -3.66
N LEU C 484 12.97 12.65 -2.96
CA LEU C 484 14.14 11.84 -3.32
C LEU C 484 13.84 10.35 -3.09
N ILE C 485 13.17 10.06 -1.97
CA ILE C 485 12.72 8.71 -1.69
C ILE C 485 11.79 8.23 -2.80
N SER C 486 10.78 9.02 -3.15
CA SER C 486 9.83 8.59 -4.20
C SER C 486 10.53 8.35 -5.55
N ALA C 487 11.36 9.32 -5.96
CA ALA C 487 12.14 9.22 -7.20
C ALA C 487 12.98 7.96 -7.24
N ARG C 488 13.62 7.62 -6.13
CA ARG C 488 14.40 6.38 -6.03
C ARG C 488 13.54 5.11 -6.26
N LYS C 489 12.31 5.12 -5.76
CA LYS C 489 11.42 3.96 -5.96
C LYS C 489 10.92 3.84 -7.40
N THR C 490 10.65 4.98 -8.03
CA THR C 490 10.26 5.00 -9.44
C THR C 490 11.43 4.53 -10.30
N GLU C 491 12.64 4.94 -9.92
CA GLU C 491 13.82 4.45 -10.60
C GLU C 491 13.90 2.90 -10.52
N GLU C 492 13.68 2.35 -9.31
CA GLU C 492 13.69 0.90 -9.12
C GLU C 492 12.61 0.22 -9.98
N ALA C 493 11.42 0.80 -10.04
CA ALA C 493 10.37 0.31 -10.94
C ALA C 493 10.79 0.25 -12.42
N LEU C 494 11.41 1.32 -12.89
CA LEU C 494 11.87 1.38 -14.26
C LEU C 494 12.95 0.34 -14.56
N ASP C 495 13.80 0.01 -13.59
CA ASP C 495 14.78 -1.08 -13.75
C ASP C 495 14.11 -2.43 -13.99
N ILE C 496 13.02 -2.67 -13.29
CA ILE C 496 12.23 -3.88 -13.51
C ILE C 496 11.52 -3.82 -14.86
N LEU C 497 10.95 -2.67 -15.21
CA LEU C 497 10.34 -2.52 -16.52
C LEU C 497 11.31 -2.85 -17.67
N LYS C 498 12.55 -2.38 -17.55
CA LYS C 498 13.56 -2.70 -18.57
C LYS C 498 13.73 -4.21 -18.72
N LEU C 499 13.73 -4.91 -17.60
CA LEU C 499 13.86 -6.36 -17.60
C LEU C 499 12.68 -7.01 -18.33
N MET C 500 11.48 -6.48 -18.11
CA MET C 500 10.28 -7.03 -18.73
C MET C 500 10.26 -6.76 -20.24
N ILE C 501 10.68 -5.56 -20.64
CA ILE C 501 10.79 -5.22 -22.05
C ILE C 501 11.80 -6.13 -22.76
N ALA C 502 12.98 -6.30 -22.17
CA ALA C 502 14.00 -7.19 -22.73
C ALA C 502 13.45 -8.60 -22.96
N SER C 503 12.77 -9.13 -21.96
CA SER C 503 12.15 -10.45 -22.07
C SER C 503 11.08 -10.52 -23.17
N HIS C 504 10.21 -9.51 -23.21
CA HIS C 504 9.10 -9.48 -24.18
C HIS C 504 9.63 -9.39 -25.62
N LEU C 505 10.59 -8.50 -25.85
CA LEU C 505 11.20 -8.40 -27.17
C LEU C 505 11.90 -9.72 -27.58
N THR C 506 12.61 -10.34 -26.66
CA THR C 506 13.25 -11.63 -26.90
C THR C 506 12.19 -12.70 -27.31
N ALA C 507 11.05 -12.74 -26.61
CA ALA C 507 9.97 -13.69 -26.95
C ALA C 507 9.35 -13.41 -28.30
N MET C 508 9.15 -12.14 -28.64
CA MET C 508 8.60 -11.82 -29.95
C MET C 508 9.52 -12.13 -31.12
N CYS C 509 10.83 -11.95 -30.96
CA CYS C 509 11.76 -12.44 -31.98
C CYS C 509 11.68 -13.97 -32.16
N GLN C 510 11.55 -14.71 -31.06
CA GLN C 510 11.30 -16.14 -31.12
C GLN C 510 10.03 -16.41 -31.92
N ALA C 511 8.96 -15.67 -31.62
CA ALA C 511 7.67 -15.88 -32.29
C ALA C 511 7.72 -15.54 -33.77
N VAL C 512 8.53 -14.55 -34.15
CA VAL C 512 8.70 -14.23 -35.57
C VAL C 512 9.25 -15.45 -36.30
N ASP C 513 10.31 -16.03 -35.73
CA ASP C 513 10.92 -17.25 -36.28
C ASP C 513 9.93 -18.40 -36.33
N LEU C 514 9.18 -18.60 -35.26
CA LEU C 514 8.19 -19.67 -35.26
C LEU C 514 7.12 -19.44 -36.33
N ARG C 515 6.74 -18.19 -36.57
CA ARG C 515 5.72 -17.92 -37.59
C ARG C 515 6.26 -18.13 -39.02
N GLN C 516 7.52 -17.78 -39.23
CA GLN C 516 8.15 -17.98 -40.53
C GLN C 516 8.37 -19.46 -40.83
N LEU C 517 8.83 -20.22 -39.83
CA LEU C 517 8.94 -21.67 -39.96
C LEU C 517 7.55 -22.33 -40.12
N GLU C 518 6.53 -21.79 -39.47
CA GLU C 518 5.17 -22.35 -39.61
C GLU C 518 4.70 -22.28 -41.07
N GLU C 519 4.88 -21.12 -41.70
CA GLU C 519 4.46 -20.92 -43.09
C GLU C 519 5.19 -21.88 -44.04
N ALA C 520 6.50 -22.01 -43.86
CA ALA C 520 7.30 -22.92 -44.69
C ALA C 520 6.93 -24.39 -44.45
N LEU C 521 6.62 -24.75 -43.21
CA LEU C 521 6.29 -26.14 -42.89
C LEU C 521 4.95 -26.55 -43.50
N VAL C 522 3.96 -25.66 -43.46
CA VAL C 522 2.65 -25.96 -44.04
C VAL C 522 2.75 -26.14 -45.57
N LYS C 523 3.55 -25.30 -46.22
CA LYS C 523 3.73 -25.43 -47.66
C LYS C 523 4.35 -26.79 -48.02
N VAL C 524 5.34 -27.22 -47.24
CA VAL C 524 5.91 -28.55 -47.41
C VAL C 524 4.85 -29.64 -47.23
N VAL C 525 4.07 -29.57 -46.14
CA VAL C 525 3.02 -30.56 -45.91
C VAL C 525 2.05 -30.58 -47.09
N GLU C 526 1.64 -29.39 -47.56
CA GLU C 526 0.74 -29.28 -48.71
C GLU C 526 1.28 -29.93 -49.97
N ASN C 527 2.54 -29.63 -50.28
CA ASN C 527 3.18 -30.16 -51.48
C ASN C 527 3.33 -31.69 -51.44
N VAL C 528 3.73 -32.22 -50.28
CA VAL C 528 3.82 -33.66 -50.11
C VAL C 528 2.44 -34.32 -50.27
N VAL C 529 1.43 -33.80 -49.59
CA VAL C 529 0.07 -34.35 -49.74
C VAL C 529 -0.47 -34.25 -51.17
N SER C 530 -0.23 -33.12 -51.83
CA SER C 530 -0.62 -32.92 -53.22
C SER C 530 0.09 -33.89 -54.17
N THR C 531 1.39 -34.03 -53.97
CA THR C 531 2.24 -34.90 -54.78
C THR C 531 1.89 -36.37 -54.61
N LEU C 532 1.66 -36.81 -53.38
CA LEU C 532 1.35 -38.22 -53.11
C LEU C 532 -0.07 -38.58 -53.55
N ALA C 533 -0.99 -37.63 -53.45
CA ALA C 533 -2.33 -37.82 -53.98
C ALA C 533 -2.29 -38.16 -55.48
N ASP C 534 -1.46 -37.42 -56.23
CA ASP C 534 -1.26 -37.66 -57.65
C ASP C 534 -0.65 -39.03 -57.89
N GLU C 535 0.50 -39.28 -57.27
CA GLU C 535 1.22 -40.54 -57.42
C GLU C 535 0.34 -41.76 -57.17
N CYS C 536 -0.53 -41.67 -56.17
CA CYS C 536 -1.36 -42.80 -55.77
C CYS C 536 -2.68 -42.84 -56.53
N GLY C 537 -2.90 -41.89 -57.44
CA GLY C 537 -4.08 -41.86 -58.28
C GLY C 537 -5.36 -41.69 -57.49
N LEU C 538 -5.36 -40.73 -56.56
CA LEU C 538 -6.54 -40.46 -55.76
C LEU C 538 -7.48 -39.57 -56.57
N PRO C 539 -8.79 -39.79 -56.46
CA PRO C 539 -9.78 -38.87 -57.04
C PRO C 539 -9.64 -37.43 -56.54
N ASN C 540 -10.30 -36.50 -57.21
CA ASN C 540 -10.19 -35.08 -56.86
C ASN C 540 -10.98 -34.71 -55.61
N ASP C 541 -12.11 -35.37 -55.39
CA ASP C 541 -12.86 -35.22 -54.15
C ASP C 541 -11.93 -35.55 -52.98
N THR C 542 -11.20 -36.66 -53.08
CA THR C 542 -10.25 -37.04 -52.06
C THR C 542 -9.13 -36.01 -51.95
N LYS C 543 -8.49 -35.68 -53.08
CA LYS C 543 -7.35 -34.76 -53.08
C LYS C 543 -7.69 -33.40 -52.46
N ALA C 544 -8.89 -32.88 -52.76
CA ALA C 544 -9.36 -31.62 -52.19
C ALA C 544 -9.52 -31.68 -50.66
N ARG C 545 -10.08 -32.79 -50.16
CA ARG C 545 -10.27 -32.97 -48.71
C ARG C 545 -8.94 -33.05 -47.97
N LEU C 546 -7.98 -33.80 -48.52
CA LEU C 546 -6.69 -33.99 -47.84
C LEU C 546 -5.85 -32.70 -47.82
N LEU C 547 -5.95 -31.91 -48.88
CA LEU C 547 -5.25 -30.63 -48.91
C LEU C 547 -5.87 -29.59 -47.98
N TYR C 548 -7.18 -29.66 -47.80
CA TYR C 548 -7.84 -28.78 -46.85
C TYR C 548 -7.30 -29.02 -45.44
N VAL C 549 -7.20 -30.30 -45.07
CA VAL C 549 -6.66 -30.71 -43.77
C VAL C 549 -5.23 -30.20 -43.58
N ALA C 550 -4.39 -30.43 -44.60
CA ALA C 550 -3.01 -29.96 -44.61
C ALA C 550 -2.86 -28.45 -44.39
N LYS C 551 -3.82 -27.70 -44.90
CA LYS C 551 -3.84 -26.26 -44.74
C LYS C 551 -4.43 -25.83 -43.39
N ALA C 552 -5.38 -26.61 -42.86
CA ALA C 552 -6.22 -26.18 -41.72
C ALA C 552 -5.66 -26.52 -40.33
N VAL C 553 -4.91 -27.62 -40.24
CA VAL C 553 -4.44 -28.14 -38.95
C VAL C 553 -3.18 -27.37 -38.55
N PRO C 554 -3.15 -26.84 -37.30
CA PRO C 554 -1.94 -26.11 -36.88
C PRO C 554 -0.72 -27.04 -36.81
N VAL C 555 0.34 -26.69 -37.54
CA VAL C 555 1.51 -27.58 -37.67
C VAL C 555 2.18 -27.90 -36.34
N TYR C 556 2.24 -26.92 -35.44
CA TYR C 556 2.88 -27.14 -34.15
C TYR C 556 2.17 -28.18 -33.28
N THR C 557 0.92 -28.54 -33.59
CA THR C 557 0.27 -29.61 -32.84
C THR C 557 0.73 -31.01 -33.23
N TYR C 558 1.40 -31.16 -34.37
CA TYR C 558 1.87 -32.50 -34.76
C TYR C 558 3.34 -32.55 -35.19
N LEU C 559 4.03 -31.40 -35.16
CA LEU C 559 5.45 -31.33 -35.53
C LEU C 559 6.32 -32.36 -34.82
N GLU C 560 6.00 -32.65 -33.56
CA GLU C 560 6.76 -33.62 -32.77
C GLU C 560 6.81 -35.03 -33.38
N SER C 561 5.75 -35.46 -34.05
CA SER C 561 5.71 -36.76 -34.72
C SER C 561 4.63 -36.73 -35.81
N PRO C 562 4.97 -36.19 -36.99
CA PRO C 562 3.94 -35.87 -37.98
C PRO C 562 3.05 -37.03 -38.43
N CYS C 563 3.60 -38.25 -38.44
CA CYS C 563 2.83 -39.43 -38.83
C CYS C 563 2.30 -40.26 -37.66
N ASP C 564 2.25 -39.66 -36.47
CA ASP C 564 1.63 -40.32 -35.32
C ASP C 564 0.10 -40.35 -35.57
N PRO C 565 -0.50 -41.56 -35.59
CA PRO C 565 -1.95 -41.65 -35.88
C PRO C 565 -2.86 -41.02 -34.83
N THR C 566 -2.32 -40.71 -33.65
CA THR C 566 -3.10 -40.08 -32.58
C THR C 566 -3.00 -38.55 -32.58
N LEU C 567 -2.12 -37.98 -33.41
CA LEU C 567 -1.94 -36.54 -33.48
C LEU C 567 -2.78 -35.92 -34.60
N PRO C 568 -2.97 -34.60 -34.58
CA PRO C 568 -4.02 -34.02 -35.42
C PRO C 568 -3.94 -34.12 -36.95
N LEU C 569 -2.75 -34.25 -37.54
CA LEU C 569 -2.67 -34.33 -39.01
C LEU C 569 -3.31 -35.63 -39.47
N LEU C 570 -2.83 -36.74 -38.94
CA LEU C 570 -3.38 -38.03 -39.35
C LEU C 570 -4.83 -38.18 -38.95
N LEU C 571 -5.21 -37.73 -37.76
CA LEU C 571 -6.62 -37.78 -37.36
C LEU C 571 -7.48 -37.09 -38.42
N GLY C 572 -7.05 -35.91 -38.86
CA GLY C 572 -7.73 -35.17 -39.91
C GLY C 572 -7.77 -35.93 -41.23
N LEU C 573 -6.63 -36.49 -41.63
CA LEU C 573 -6.57 -37.22 -42.90
C LEU C 573 -7.46 -38.47 -42.85
N LYS C 574 -7.40 -39.21 -41.75
CA LYS C 574 -8.23 -40.42 -41.57
C LYS C 574 -9.72 -40.11 -41.61
N GLN C 575 -10.11 -38.97 -41.04
CA GLN C 575 -11.51 -38.52 -41.05
C GLN C 575 -11.97 -38.22 -42.48
N SER C 576 -11.13 -37.50 -43.21
CA SER C 576 -11.42 -37.16 -44.61
C SER C 576 -11.49 -38.40 -45.52
N CYS C 577 -10.66 -39.41 -45.24
CA CYS C 577 -10.67 -40.67 -45.99
C CYS C 577 -11.97 -41.47 -45.79
N PHE C 578 -12.48 -41.50 -44.58
CA PHE C 578 -13.78 -42.14 -44.34
C PHE C 578 -14.85 -41.42 -45.15
N ASP C 579 -14.84 -40.09 -45.09
CA ASP C 579 -15.80 -39.28 -45.82
C ASP C 579 -15.74 -39.49 -47.35
N THR C 580 -14.53 -39.66 -47.89
CA THR C 580 -14.37 -39.79 -49.34
C THR C 580 -14.84 -41.15 -49.82
N ILE C 581 -14.62 -42.17 -49.00
CA ILE C 581 -15.11 -43.51 -49.27
C ILE C 581 -16.63 -43.53 -49.30
N LEU C 582 -17.27 -42.81 -48.38
CA LEU C 582 -18.73 -42.74 -48.34
C LEU C 582 -19.30 -41.90 -49.49
N ALA C 583 -18.64 -40.78 -49.80
CA ALA C 583 -19.08 -39.93 -50.90
C ALA C 583 -19.01 -40.66 -52.26
N LEU C 584 -17.96 -41.46 -52.45
CA LEU C 584 -17.70 -42.11 -53.74
C LEU C 584 -18.24 -43.55 -53.85
N HIS C 585 -18.92 -44.03 -52.82
CA HIS C 585 -19.35 -45.43 -52.75
C HIS C 585 -20.34 -45.78 -53.87
N THR C 592 -14.68 -49.64 -54.77
CA THR C 592 -14.30 -49.35 -53.40
C THR C 592 -12.93 -49.93 -53.03
N ASP C 593 -12.69 -51.20 -53.37
CA ASP C 593 -11.47 -51.90 -52.96
C ASP C 593 -10.21 -51.30 -53.59
N THR C 594 -10.36 -50.67 -54.74
CA THR C 594 -9.25 -50.00 -55.41
C THR C 594 -8.96 -48.68 -54.72
N LEU C 595 -10.02 -47.93 -54.41
CA LEU C 595 -9.88 -46.67 -53.65
C LEU C 595 -9.15 -46.91 -52.32
N VAL C 596 -9.59 -47.94 -51.60
CA VAL C 596 -8.97 -48.30 -50.33
C VAL C 596 -7.49 -48.67 -50.50
N ASP C 597 -7.19 -49.49 -51.51
CA ASP C 597 -5.80 -49.85 -51.87
C ASP C 597 -4.91 -48.62 -51.99
N ARG C 598 -5.40 -47.64 -52.72
CA ARG C 598 -4.67 -46.41 -52.98
C ARG C 598 -4.52 -45.55 -51.73
N LEU C 599 -5.57 -45.48 -50.92
CA LEU C 599 -5.53 -44.73 -49.66
C LEU C 599 -4.52 -45.34 -48.69
N ALA C 600 -4.48 -46.67 -48.61
CA ALA C 600 -3.47 -47.36 -47.81
C ALA C 600 -2.06 -47.07 -48.32
N GLU C 601 -1.92 -47.03 -49.64
CA GLU C 601 -0.63 -46.69 -50.25
C GLU C 601 -0.27 -45.24 -49.95
N PHE C 602 -1.25 -44.35 -49.98
CA PHE C 602 -1.05 -42.94 -49.58
C PHE C 602 -0.47 -42.85 -48.15
N GLU C 603 -1.14 -43.50 -47.20
CA GLU C 603 -0.66 -43.55 -45.80
C GLU C 603 0.77 -44.09 -45.65
N LYS C 604 1.15 -45.04 -46.51
CA LYS C 604 2.49 -45.63 -46.45
C LYS C 604 3.55 -44.67 -46.99
N ARG C 605 3.27 -44.06 -48.13
CA ARG C 605 4.21 -43.13 -48.75
C ARG C 605 4.41 -41.91 -47.86
N LEU C 606 3.32 -41.43 -47.26
CA LEU C 606 3.38 -40.29 -46.35
C LEU C 606 4.30 -40.62 -45.17
N SER C 607 4.17 -41.85 -44.69
CA SER C 607 4.94 -42.32 -43.56
C SER C 607 6.44 -42.48 -43.88
N ASP C 608 6.81 -42.61 -45.16
CA ASP C 608 8.23 -42.70 -45.55
C ASP C 608 8.88 -41.37 -45.95
N ARG C 609 8.08 -40.37 -46.32
CA ARG C 609 8.63 -39.10 -46.81
C ARG C 609 8.33 -37.84 -45.99
N LEU C 610 7.14 -37.76 -45.39
CA LEU C 610 6.70 -36.50 -44.76
C LEU C 610 7.69 -35.95 -43.72
N GLU C 611 7.98 -36.75 -42.70
CA GLU C 611 8.92 -36.38 -41.63
C GLU C 611 10.23 -35.81 -42.18
N ASN C 612 10.81 -36.51 -43.14
CA ASN C 612 12.10 -36.10 -43.69
C ASN C 612 12.06 -34.75 -44.40
N GLU C 613 10.97 -34.47 -45.10
CA GLU C 613 10.83 -33.17 -45.75
C GLU C 613 10.59 -32.05 -44.72
N MET C 614 9.82 -32.33 -43.67
CA MET C 614 9.56 -31.36 -42.61
C MET C 614 10.84 -31.10 -41.81
N THR C 615 11.60 -32.14 -41.53
CA THR C 615 12.89 -32.02 -40.86
C THR C 615 13.88 -31.16 -41.65
N ALA C 616 13.99 -31.42 -42.95
CA ALA C 616 14.96 -30.72 -43.80
C ALA C 616 14.69 -29.23 -43.88
N VAL C 617 13.41 -28.84 -44.02
CA VAL C 617 13.08 -27.41 -44.08
C VAL C 617 13.45 -26.70 -42.75
N ARG C 618 13.18 -27.38 -41.62
CA ARG C 618 13.49 -26.82 -40.30
C ARG C 618 14.99 -26.74 -40.05
N VAL C 619 15.72 -27.79 -40.39
CA VAL C 619 17.18 -27.79 -40.26
C VAL C 619 17.79 -26.67 -41.12
N LEU C 620 17.20 -26.46 -42.29
CA LEU C 620 17.65 -25.40 -43.18
C LEU C 620 17.35 -24.01 -42.58
N TYR C 621 16.14 -23.83 -42.04
CA TYR C 621 15.78 -22.58 -41.36
C TYR C 621 16.75 -22.26 -40.21
N GLU C 622 17.08 -23.28 -39.41
CA GLU C 622 17.99 -23.12 -38.27
C GLU C 622 19.42 -22.71 -38.68
N LYS C 623 19.83 -23.05 -39.89
CA LYS C 623 21.15 -22.67 -40.40
C LYS C 623 21.12 -21.31 -41.10
N VAL C 636 10.88 -13.51 -47.26
CA VAL C 636 10.63 -13.79 -45.85
C VAL C 636 9.79 -12.65 -45.19
N ARG C 637 8.73 -13.06 -44.48
CA ARG C 637 7.75 -12.16 -43.83
C ARG C 637 8.28 -10.90 -43.10
N ILE C 638 9.29 -11.10 -42.26
CA ILE C 638 9.81 -10.00 -41.45
C ILE C 638 10.45 -8.91 -42.33
N GLN C 639 10.87 -9.28 -43.54
CA GLN C 639 11.53 -8.30 -44.41
C GLN C 639 10.58 -7.22 -44.91
N GLY C 640 9.27 -7.50 -44.91
CA GLY C 640 8.28 -6.50 -45.26
C GLY C 640 7.66 -5.77 -44.07
N SER C 641 8.10 -6.09 -42.87
CA SER C 641 7.50 -5.58 -41.63
C SER C 641 8.21 -4.36 -41.10
N LYS C 642 7.48 -3.43 -40.52
CA LYS C 642 8.10 -2.26 -39.89
C LYS C 642 8.99 -2.62 -38.70
N PHE C 643 8.86 -3.84 -38.18
CA PHE C 643 9.68 -4.27 -37.04
C PHE C 643 10.95 -5.00 -37.42
N LEU C 644 11.21 -5.08 -38.73
CA LEU C 644 12.47 -5.64 -39.23
C LEU C 644 13.70 -5.11 -38.49
N PRO C 645 13.77 -3.78 -38.25
CA PRO C 645 14.95 -3.28 -37.52
C PRO C 645 15.14 -3.88 -36.13
N PHE C 646 14.06 -4.17 -35.41
CA PHE C 646 14.18 -4.86 -34.13
C PHE C 646 14.68 -6.30 -34.27
N TYR C 647 14.05 -7.05 -35.17
CA TYR C 647 14.43 -8.43 -35.41
C TYR C 647 15.88 -8.51 -35.89
N ARG C 648 16.25 -7.67 -36.86
CA ARG C 648 17.65 -7.60 -37.35
C ARG C 648 18.61 -7.29 -36.22
N PHE C 649 18.25 -6.27 -35.43
CA PHE C 649 19.08 -5.85 -34.31
C PHE C 649 19.34 -6.99 -33.34
N VAL C 650 18.27 -7.62 -32.87
CA VAL C 650 18.40 -8.71 -31.92
C VAL C 650 19.12 -9.91 -32.51
N ARG C 651 18.77 -10.30 -33.74
CA ARG C 651 19.32 -11.51 -34.35
C ARG C 651 20.75 -11.29 -34.89
N GLU C 652 20.92 -10.26 -35.71
CA GLU C 652 22.22 -10.06 -36.39
C GLU C 652 23.21 -9.28 -35.55
N GLU C 653 22.79 -8.10 -35.11
CA GLU C 653 23.68 -7.20 -34.39
C GLU C 653 24.06 -7.72 -33.01
N LEU C 654 23.10 -8.31 -32.27
CA LEU C 654 23.43 -8.92 -30.97
C LEU C 654 23.82 -10.40 -31.09
N ASP C 655 23.73 -10.95 -32.30
CA ASP C 655 24.15 -12.33 -32.61
C ASP C 655 23.38 -13.40 -31.81
N THR C 656 22.08 -13.53 -32.12
CA THR C 656 21.24 -14.55 -31.47
C THR C 656 20.57 -15.41 -32.54
N GLY C 657 19.78 -16.38 -32.09
CA GLY C 657 19.11 -17.30 -33.00
C GLY C 657 17.83 -17.86 -32.39
N VAL C 658 17.06 -18.54 -33.21
CA VAL C 658 15.86 -19.23 -32.71
C VAL C 658 16.30 -20.13 -31.53
N MET C 659 15.55 -20.05 -30.44
CA MET C 659 15.88 -20.80 -29.23
C MET C 659 15.38 -22.24 -29.36
N SER C 660 16.23 -23.18 -28.97
CA SER C 660 15.92 -24.60 -29.02
C SER C 660 16.92 -25.39 -28.16
N ALA C 661 16.71 -26.70 -28.08
CA ALA C 661 17.66 -27.57 -27.39
C ALA C 661 18.99 -27.71 -28.17
N ARG C 662 19.04 -27.29 -29.44
CA ARG C 662 20.26 -27.37 -30.24
C ARG C 662 21.09 -26.09 -30.18
N ARG C 663 20.52 -25.03 -29.61
CA ARG C 663 21.25 -23.79 -29.40
C ARG C 663 21.79 -23.75 -27.96
N GLU C 664 23.11 -23.70 -27.86
CA GLU C 664 23.85 -23.83 -26.59
C GLU C 664 23.67 -22.66 -25.62
N GLN C 665 23.24 -21.52 -26.12
CA GLN C 665 23.14 -20.30 -25.32
C GLN C 665 21.93 -20.38 -24.39
N THR C 666 22.08 -19.92 -23.14
CA THR C 666 20.97 -19.93 -22.18
C THR C 666 20.02 -18.76 -22.41
N PRO C 667 18.81 -18.85 -21.84
CA PRO C 667 17.90 -17.71 -21.89
C PRO C 667 18.56 -16.47 -21.30
N GLN C 668 19.31 -16.64 -20.22
CA GLN C 668 20.07 -15.54 -19.60
C GLN C 668 20.95 -14.84 -20.64
N GLU C 669 21.75 -15.64 -21.36
CA GLU C 669 22.73 -15.08 -22.26
C GLU C 669 22.06 -14.24 -23.34
N ASP C 670 20.92 -14.73 -23.85
CA ASP C 670 20.18 -14.00 -24.89
C ASP C 670 19.50 -12.74 -24.37
N VAL C 671 18.77 -12.85 -23.27
CA VAL C 671 18.06 -11.69 -22.72
C VAL C 671 19.03 -10.62 -22.18
N GLN C 672 20.16 -11.06 -21.62
CA GLN C 672 21.20 -10.13 -21.17
C GLN C 672 21.63 -9.15 -22.27
N LYS C 673 21.83 -9.67 -23.47
CA LYS C 673 22.26 -8.83 -24.59
C LYS C 673 21.22 -7.75 -24.92
N VAL C 674 19.95 -8.15 -24.93
CA VAL C 674 18.85 -7.22 -25.18
C VAL C 674 18.73 -6.21 -24.02
N PHE C 675 18.79 -6.69 -22.78
CA PHE C 675 18.70 -5.80 -21.62
C PHE C 675 19.82 -4.75 -21.66
N ASP C 676 21.04 -5.18 -21.94
CA ASP C 676 22.20 -4.27 -21.99
C ASP C 676 21.99 -3.17 -23.03
N ALA C 677 21.40 -3.54 -24.17
CA ALA C 677 21.12 -2.60 -25.25
C ALA C 677 20.02 -1.62 -24.89
N ILE C 678 19.04 -2.07 -24.09
CA ILE C 678 18.02 -1.16 -23.56
C ILE C 678 18.65 -0.21 -22.53
N ALA C 679 19.46 -0.75 -21.64
CA ALA C 679 20.06 0.01 -20.55
C ALA C 679 21.07 1.07 -21.01
N ASP C 680 21.85 0.76 -22.04
CA ASP C 680 22.86 1.70 -22.53
C ASP C 680 22.42 2.58 -23.71
N GLY C 681 21.16 2.42 -24.14
CA GLY C 681 20.59 3.27 -25.20
C GLY C 681 20.71 2.80 -26.65
N ARG C 682 21.45 1.73 -26.92
CA ARG C 682 21.57 1.24 -28.29
C ARG C 682 20.21 0.84 -28.90
N ILE C 683 19.24 0.51 -28.04
CA ILE C 683 17.90 0.12 -28.48
C ILE C 683 17.18 1.24 -29.25
N THR C 684 17.57 2.50 -29.05
CA THR C 684 16.91 3.60 -29.74
C THR C 684 17.23 3.66 -31.25
N VAL C 685 18.32 3.02 -31.67
CA VAL C 685 18.67 2.97 -33.10
C VAL C 685 17.62 2.19 -33.92
N PRO C 686 17.35 0.92 -33.56
CA PRO C 686 16.25 0.26 -34.28
C PRO C 686 14.86 0.90 -34.07
N LEU C 687 14.63 1.53 -32.93
CA LEU C 687 13.37 2.22 -32.67
C LEU C 687 13.16 3.40 -33.62
N LEU C 688 14.18 4.23 -33.75
CA LEU C 688 14.10 5.38 -34.65
C LEU C 688 14.02 4.89 -36.10
N HIS C 689 14.67 3.78 -36.42
CA HIS C 689 14.62 3.23 -37.77
C HIS C 689 13.20 2.75 -38.06
N CYS C 690 12.64 2.00 -37.12
CA CYS C 690 11.27 1.54 -37.20
C CYS C 690 10.28 2.68 -37.47
N LEU C 691 10.44 3.80 -36.77
CA LEU C 691 9.50 4.92 -36.85
C LEU C 691 9.78 5.94 -37.97
N GLN C 692 10.85 5.73 -38.74
CA GLN C 692 11.19 6.63 -39.86
C GLN C 692 10.00 6.88 -40.78
N GLY C 693 9.66 8.15 -40.99
CA GLY C 693 8.57 8.52 -41.89
C GLY C 693 7.22 8.69 -41.21
N PHE C 694 7.12 8.32 -39.93
CA PHE C 694 5.85 8.48 -39.22
C PHE C 694 5.56 9.96 -39.01
N LEU C 695 4.38 10.39 -39.46
CA LEU C 695 3.97 11.80 -39.40
C LEU C 695 4.96 12.78 -40.07
N GLY C 696 5.66 12.32 -41.10
CA GLY C 696 6.56 13.17 -41.89
C GLY C 696 7.63 13.87 -41.07
N SER D 29 -6.58 31.54 -14.63
CA SER D 29 -6.29 30.81 -13.37
C SER D 29 -7.28 29.66 -13.17
N HIS D 30 -6.82 28.58 -12.54
CA HIS D 30 -7.70 27.49 -12.14
C HIS D 30 -8.80 27.99 -11.21
N VAL D 31 -8.53 29.04 -10.44
CA VAL D 31 -9.52 29.62 -9.52
C VAL D 31 -10.78 30.07 -10.27
N LYS D 32 -10.57 30.78 -11.38
CA LYS D 32 -11.68 31.19 -12.25
C LYS D 32 -12.46 29.99 -12.78
N ASP D 33 -11.73 28.95 -13.16
CA ASP D 33 -12.35 27.74 -13.73
C ASP D 33 -13.25 27.04 -12.74
N ILE D 34 -12.79 26.96 -11.49
CA ILE D 34 -13.56 26.33 -10.43
C ILE D 34 -14.80 27.19 -10.08
N LEU D 35 -14.60 28.50 -9.97
CA LEU D 35 -15.76 29.40 -9.81
C LEU D 35 -16.77 29.19 -10.93
N GLY D 36 -16.28 29.03 -12.16
CA GLY D 36 -17.11 28.65 -13.31
C GLY D 36 -17.94 27.39 -13.10
N LEU D 37 -17.31 26.34 -12.55
CA LEU D 37 -18.01 25.08 -12.27
C LEU D 37 -19.11 25.27 -11.25
N ILE D 38 -18.80 25.98 -10.16
CA ILE D 38 -19.76 26.21 -9.10
C ILE D 38 -20.99 26.96 -9.64
N ASN D 39 -20.75 28.04 -10.36
CA ASN D 39 -21.86 28.83 -10.92
C ASN D 39 -22.71 27.99 -11.89
N ALA D 40 -22.07 27.19 -12.73
CA ALA D 40 -22.79 26.27 -13.60
C ALA D 40 -23.62 25.26 -12.82
N PHE D 41 -23.05 24.70 -11.76
CA PHE D 41 -23.77 23.75 -10.91
C PHE D 41 -25.04 24.40 -10.35
N ASN D 42 -24.89 25.61 -9.83
CA ASN D 42 -26.01 26.37 -9.27
C ASN D 42 -27.06 26.77 -10.30
N GLU D 43 -26.62 27.16 -11.48
CA GLU D 43 -27.49 27.85 -12.46
C GLU D 43 -28.22 26.93 -13.46
N VAL D 44 -27.68 25.74 -13.71
CA VAL D 44 -28.26 24.87 -14.73
C VAL D 44 -29.69 24.43 -14.37
N LYS D 45 -30.57 24.44 -15.36
CA LYS D 45 -31.96 23.97 -15.18
C LYS D 45 -32.26 22.76 -16.07
N LYS D 46 -31.65 22.73 -17.26
CA LYS D 46 -31.83 21.61 -18.19
C LYS D 46 -30.50 21.15 -18.74
N ILE D 47 -30.28 19.84 -18.73
CA ILE D 47 -29.08 19.29 -19.34
C ILE D 47 -29.38 18.83 -20.74
N THR D 48 -28.78 19.52 -21.71
CA THR D 48 -28.91 19.20 -23.12
C THR D 48 -28.07 17.98 -23.48
N VAL D 49 -28.74 16.99 -24.05
CA VAL D 49 -28.12 15.75 -24.48
C VAL D 49 -28.42 15.59 -25.97
N ASP D 50 -27.42 15.84 -26.80
CA ASP D 50 -27.60 15.92 -28.25
C ASP D 50 -26.45 15.36 -29.11
N GLY D 51 -25.44 14.75 -28.50
CA GLY D 51 -24.29 14.24 -29.23
C GLY D 51 -23.25 15.26 -29.68
N THR D 52 -23.39 16.52 -29.28
CA THR D 52 -22.39 17.54 -29.61
C THR D 52 -22.08 18.52 -28.47
N THR D 53 -23.12 18.94 -27.75
CA THR D 53 -22.97 19.80 -26.59
C THR D 53 -22.34 19.01 -25.43
N PRO D 54 -21.20 19.49 -24.89
CA PRO D 54 -20.54 18.75 -23.80
C PRO D 54 -21.30 18.75 -22.47
N ILE D 55 -21.25 17.63 -21.76
CA ILE D 55 -21.71 17.53 -20.38
C ILE D 55 -20.46 17.70 -19.50
N THR D 56 -20.52 18.61 -18.52
CA THR D 56 -19.43 18.82 -17.59
C THR D 56 -19.72 18.08 -16.27
N VAL D 57 -18.71 18.01 -15.42
CA VAL D 57 -18.90 17.39 -14.10
C VAL D 57 -19.90 18.15 -13.22
N ALA D 58 -19.97 19.47 -13.43
CA ALA D 58 -20.97 20.27 -12.72
C ALA D 58 -22.39 19.87 -13.15
N HIS D 59 -22.58 19.59 -14.43
CA HIS D 59 -23.88 19.12 -14.93
C HIS D 59 -24.25 17.77 -14.34
N VAL D 60 -23.31 16.85 -14.30
CA VAL D 60 -23.58 15.54 -13.72
C VAL D 60 -23.97 15.70 -12.24
N ALA D 61 -23.17 16.44 -11.48
CA ALA D 61 -23.47 16.67 -10.07
C ALA D 61 -24.82 17.36 -9.85
N ALA D 62 -25.16 18.33 -10.71
CA ALA D 62 -26.45 19.04 -10.59
C ALA D 62 -27.62 18.09 -10.79
N LEU D 63 -27.51 17.23 -11.79
CA LEU D 63 -28.55 16.22 -12.06
C LEU D 63 -28.73 15.34 -10.84
N ALA D 64 -27.60 14.89 -10.28
CA ALA D 64 -27.61 13.96 -9.17
C ALA D 64 -28.18 14.58 -7.90
N ARG D 65 -27.95 15.86 -7.71
CA ARG D 65 -28.18 16.47 -6.40
C ARG D 65 -29.36 17.44 -6.33
N ARG D 66 -29.84 17.88 -7.49
CA ARG D 66 -30.94 18.85 -7.59
C ARG D 66 -32.00 18.23 -8.50
N HIS D 67 -33.07 17.72 -7.93
CA HIS D 67 -34.08 17.02 -8.72
C HIS D 67 -34.93 17.94 -9.62
N ASP D 68 -34.90 19.25 -9.37
CA ASP D 68 -35.46 20.21 -10.33
C ASP D 68 -34.76 20.18 -11.70
N VAL D 69 -33.50 19.72 -11.73
CA VAL D 69 -32.74 19.65 -12.97
C VAL D 69 -33.24 18.51 -13.88
N LYS D 70 -33.58 18.86 -15.13
CA LYS D 70 -34.15 17.92 -16.08
C LYS D 70 -33.23 17.68 -17.25
N VAL D 71 -33.38 16.49 -17.83
CA VAL D 71 -32.65 16.11 -19.01
C VAL D 71 -33.48 16.48 -20.23
N ALA D 72 -32.83 17.10 -21.21
CA ALA D 72 -33.46 17.40 -22.47
C ALA D 72 -32.74 16.68 -23.61
N LEU D 73 -33.30 15.55 -24.01
CA LEU D 73 -32.78 14.79 -25.15
C LEU D 73 -33.29 15.44 -26.42
N GLU D 74 -32.38 15.92 -27.27
CA GLU D 74 -32.81 16.71 -28.44
C GLU D 74 -32.86 15.88 -29.72
N ALA D 75 -34.07 15.67 -30.24
CA ALA D 75 -34.30 14.81 -31.41
C ALA D 75 -33.72 15.39 -32.70
N GLU D 76 -33.97 16.68 -32.96
CA GLU D 76 -33.46 17.33 -34.16
C GLU D 76 -31.95 17.16 -34.33
N GLN D 77 -31.23 17.12 -33.20
CA GLN D 77 -29.78 17.05 -33.24
C GLN D 77 -29.25 15.65 -33.56
N CYS D 78 -29.92 14.60 -33.06
CA CYS D 78 -29.32 13.26 -33.04
C CYS D 78 -30.23 12.03 -33.26
N ARG D 79 -31.54 12.23 -33.35
CA ARG D 79 -32.47 11.12 -33.59
C ARG D 79 -32.18 10.39 -34.91
N ALA D 80 -31.93 11.17 -35.98
CA ALA D 80 -31.67 10.61 -37.32
C ALA D 80 -30.44 9.70 -37.32
N ARG D 81 -29.35 10.19 -36.74
CA ARG D 81 -28.11 9.43 -36.52
C ARG D 81 -28.35 8.10 -35.77
N VAL D 82 -29.09 8.16 -34.68
CA VAL D 82 -29.44 6.98 -33.89
C VAL D 82 -30.27 5.97 -34.68
N GLU D 83 -31.24 6.46 -35.45
CA GLU D 83 -32.13 5.57 -36.22
C GLU D 83 -31.44 4.88 -37.40
N THR D 84 -30.59 5.62 -38.09
CA THR D 84 -29.73 5.05 -39.12
C THR D 84 -28.87 3.91 -38.56
N CYS D 85 -28.28 4.12 -37.40
CA CYS D 85 -27.39 3.11 -36.82
C CYS D 85 -28.17 1.88 -36.36
N SER D 86 -29.32 2.14 -35.73
CA SER D 86 -30.26 1.12 -35.27
C SER D 86 -30.73 0.18 -36.38
N SER D 87 -31.20 0.76 -37.47
CA SER D 87 -31.67 -0.04 -38.59
C SER D 87 -30.52 -0.75 -39.34
N TRP D 88 -29.33 -0.13 -39.39
CA TRP D 88 -28.15 -0.79 -39.97
C TRP D 88 -27.81 -2.09 -39.23
N VAL D 89 -27.76 -2.01 -37.91
CA VAL D 89 -27.42 -3.16 -37.08
C VAL D 89 -28.47 -4.28 -37.19
N GLN D 90 -29.75 -3.94 -37.15
CA GLN D 90 -30.80 -4.95 -37.21
C GLN D 90 -30.80 -5.64 -38.59
N ARG D 91 -30.69 -4.84 -39.64
CA ARG D 91 -30.62 -5.38 -41.01
C ARG D 91 -29.39 -6.28 -41.21
N LYS D 92 -28.21 -5.78 -40.83
CA LYS D 92 -26.98 -6.54 -40.98
C LYS D 92 -26.97 -7.84 -40.18
N ALA D 93 -27.47 -7.80 -38.95
CA ALA D 93 -27.55 -9.00 -38.11
C ALA D 93 -28.49 -10.04 -38.72
N GLU D 94 -29.67 -9.61 -39.15
CA GLU D 94 -30.65 -10.54 -39.76
C GLU D 94 -30.15 -11.19 -41.05
N ASP D 95 -29.30 -10.49 -41.80
CA ASP D 95 -28.69 -11.05 -43.01
C ASP D 95 -27.41 -11.85 -42.71
N GLY D 96 -27.05 -12.02 -41.44
CA GLY D 96 -25.98 -12.93 -41.06
C GLY D 96 -24.57 -12.35 -41.06
N ALA D 97 -24.45 -11.04 -40.94
CA ALA D 97 -23.13 -10.41 -40.79
C ALA D 97 -22.46 -10.89 -39.49
N ASP D 98 -21.13 -11.00 -39.53
CA ASP D 98 -20.37 -11.50 -38.41
C ASP D 98 -19.91 -10.32 -37.54
N ILE D 99 -20.60 -10.12 -36.41
CA ILE D 99 -20.36 -8.98 -35.48
C ILE D 99 -20.37 -9.46 -34.03
N ALA D 100 -19.30 -9.12 -33.29
CA ALA D 100 -19.05 -9.66 -31.96
C ALA D 100 -20.13 -9.20 -30.99
N GLY D 101 -20.75 -10.14 -30.29
CA GLY D 101 -21.76 -9.82 -29.29
C GLY D 101 -23.12 -9.47 -29.88
N VAL D 102 -23.23 -9.69 -31.19
CA VAL D 102 -24.46 -9.41 -31.94
C VAL D 102 -24.89 -10.67 -32.72
N THR D 103 -23.96 -11.26 -33.46
CA THR D 103 -24.18 -12.59 -34.06
C THR D 103 -23.16 -13.59 -33.53
N THR D 104 -22.55 -13.21 -32.40
CA THR D 104 -21.41 -13.87 -31.83
C THR D 104 -21.58 -13.89 -30.30
N GLY D 105 -20.94 -14.86 -29.64
CA GLY D 105 -20.90 -14.90 -28.18
C GLY D 105 -20.07 -13.78 -27.56
N PHE D 106 -20.13 -13.70 -26.24
CA PHE D 106 -19.54 -12.60 -25.47
C PHE D 106 -18.18 -12.93 -24.87
N GLY D 107 -17.27 -11.96 -24.94
CA GLY D 107 -15.97 -12.08 -24.29
C GLY D 107 -15.18 -13.27 -24.79
N ALA D 108 -14.77 -14.13 -23.86
CA ALA D 108 -14.03 -15.33 -24.21
C ALA D 108 -14.79 -16.27 -25.15
N CYS D 109 -16.11 -16.09 -25.29
CA CYS D 109 -16.94 -16.98 -26.11
C CYS D 109 -17.29 -16.40 -27.51
N SER D 110 -16.49 -15.48 -28.02
CA SER D 110 -16.78 -14.84 -29.32
C SER D 110 -16.62 -15.79 -30.53
N SER D 111 -16.03 -16.96 -30.32
CA SER D 111 -15.97 -18.00 -31.36
C SER D 111 -17.36 -18.55 -31.72
N ARG D 112 -18.30 -18.50 -30.78
CA ARG D 112 -19.64 -19.06 -30.99
C ARG D 112 -20.49 -18.14 -31.84
N ARG D 113 -21.02 -18.64 -32.95
CA ARG D 113 -21.98 -17.87 -33.75
C ARG D 113 -23.41 -18.30 -33.48
N THR D 114 -24.35 -17.39 -33.73
CA THR D 114 -25.78 -17.70 -33.60
C THR D 114 -26.66 -16.70 -34.38
N ASN D 115 -27.83 -17.17 -34.81
CA ASN D 115 -28.84 -16.32 -35.43
C ASN D 115 -30.02 -16.04 -34.50
N ARG D 116 -29.92 -16.48 -33.24
CA ARG D 116 -30.94 -16.23 -32.23
C ARG D 116 -30.71 -14.84 -31.60
N LEU D 117 -31.03 -13.80 -32.37
CA LEU D 117 -30.57 -12.44 -32.08
C LEU D 117 -31.09 -11.87 -30.77
N SER D 118 -32.40 -11.96 -30.54
CA SER D 118 -33.00 -11.45 -29.32
C SER D 118 -32.61 -12.25 -28.10
N GLU D 119 -32.65 -13.57 -28.22
CA GLU D 119 -32.34 -14.42 -27.08
C GLU D 119 -30.86 -14.36 -26.70
N LEU D 120 -29.97 -14.06 -27.66
CA LEU D 120 -28.56 -13.77 -27.34
C LEU D 120 -28.48 -12.59 -26.35
N GLN D 121 -29.27 -11.54 -26.61
CA GLN D 121 -29.24 -10.32 -25.81
C GLN D 121 -29.90 -10.52 -24.44
N GLU D 122 -31.02 -11.25 -24.43
CA GLU D 122 -31.68 -11.67 -23.20
C GLU D 122 -30.75 -12.48 -22.29
N SER D 123 -30.05 -13.44 -22.89
CA SER D 123 -29.13 -14.32 -22.16
C SER D 123 -27.98 -13.54 -21.53
N LEU D 124 -27.55 -12.46 -22.17
CA LEU D 124 -26.49 -11.62 -21.60
C LEU D 124 -26.94 -10.97 -20.29
N ILE D 125 -28.12 -10.35 -20.32
CA ILE D 125 -28.62 -9.66 -19.16
C ILE D 125 -28.84 -10.64 -18.02
N ARG D 126 -29.41 -11.81 -18.31
CA ARG D 126 -29.64 -12.82 -17.26
C ARG D 126 -28.31 -13.17 -16.59
N CYS D 127 -27.32 -13.43 -17.42
CA CYS D 127 -26.00 -13.79 -16.96
C CYS D 127 -25.36 -12.73 -16.05
N LEU D 128 -25.65 -11.45 -16.31
CA LEU D 128 -25.03 -10.35 -15.60
C LEU D 128 -25.78 -9.83 -14.38
N LEU D 129 -27.03 -10.28 -14.18
CA LEU D 129 -27.79 -9.94 -12.97
C LEU D 129 -27.27 -10.88 -11.89
N ALA D 130 -26.11 -10.50 -11.38
CA ALA D 130 -25.29 -11.39 -10.59
C ALA D 130 -24.63 -10.71 -9.39
N GLY D 131 -25.10 -9.50 -9.06
CA GLY D 131 -24.68 -8.83 -7.85
C GLY D 131 -25.48 -9.33 -6.65
N VAL D 132 -25.04 -8.95 -5.46
CA VAL D 132 -25.62 -9.45 -4.22
C VAL D 132 -25.80 -8.26 -3.28
N PHE D 133 -26.93 -8.20 -2.60
CA PHE D 133 -27.18 -7.15 -1.62
C PHE D 133 -26.72 -7.65 -0.25
N THR D 134 -25.67 -7.01 0.27
CA THR D 134 -25.16 -7.31 1.61
C THR D 134 -25.91 -6.45 2.61
N LYS D 135 -26.40 -7.08 3.69
CA LYS D 135 -27.28 -6.46 4.68
C LYS D 135 -28.62 -6.06 4.08
N GLU D 143 -25.41 -1.08 -1.38
CA GLU D 143 -25.88 -0.72 -2.72
C GLU D 143 -25.31 0.61 -3.21
N LEU D 144 -25.24 0.80 -4.52
CA LEU D 144 -24.93 2.12 -5.07
C LEU D 144 -26.08 3.08 -4.73
N PRO D 145 -25.76 4.31 -4.28
CA PRO D 145 -26.86 5.26 -4.09
C PRO D 145 -27.57 5.66 -5.40
N ALA D 146 -28.80 6.13 -5.26
CA ALA D 146 -29.58 6.63 -6.38
C ALA D 146 -28.86 7.77 -7.13
N THR D 147 -28.12 8.61 -6.40
CA THR D 147 -27.37 9.68 -7.06
C THR D 147 -26.41 9.11 -8.12
N ALA D 148 -25.70 8.05 -7.79
CA ALA D 148 -24.74 7.47 -8.72
C ALA D 148 -25.47 6.72 -9.83
N THR D 149 -26.56 6.05 -9.50
CA THR D 149 -27.32 5.28 -10.47
C THR D 149 -27.97 6.23 -11.48
N ARG D 150 -28.58 7.31 -11.01
CA ARG D 150 -29.15 8.31 -11.96
C ARG D 150 -28.06 8.97 -12.81
N SER D 151 -26.92 9.29 -12.22
CA SER D 151 -25.79 9.81 -12.99
C SER D 151 -25.34 8.83 -14.08
N ALA D 152 -25.29 7.54 -13.75
CA ALA D 152 -24.92 6.52 -14.72
C ALA D 152 -25.92 6.42 -15.88
N MET D 153 -27.21 6.46 -15.55
CA MET D 153 -28.26 6.45 -16.57
C MET D 153 -28.09 7.63 -17.54
N LEU D 154 -27.78 8.81 -17.00
CA LEU D 154 -27.47 9.99 -17.80
C LEU D 154 -26.30 9.77 -18.75
N LEU D 155 -25.21 9.22 -18.20
CA LEU D 155 -24.01 8.97 -19.00
C LEU D 155 -24.25 7.90 -20.08
N ARG D 156 -25.01 6.86 -19.77
CA ARG D 156 -25.31 5.85 -20.78
C ARG D 156 -26.14 6.46 -21.90
N LEU D 157 -27.15 7.24 -21.53
CA LEU D 157 -27.96 7.95 -22.52
C LEU D 157 -27.06 8.80 -23.40
N ASN D 158 -26.17 9.58 -22.79
CA ASN D 158 -25.29 10.46 -23.56
C ASN D 158 -24.44 9.68 -24.58
N SER D 159 -23.88 8.56 -24.13
CA SER D 159 -23.04 7.69 -24.97
C SER D 159 -23.79 7.30 -26.25
N PHE D 160 -25.09 7.02 -26.11
CA PHE D 160 -25.91 6.63 -27.25
C PHE D 160 -26.13 7.72 -28.29
N THR D 161 -26.01 8.99 -27.91
CA THR D 161 -26.30 10.09 -28.82
C THR D 161 -25.29 10.21 -29.95
N TYR D 162 -24.12 9.60 -29.80
CA TYR D 162 -23.10 9.68 -30.84
C TYR D 162 -23.42 8.77 -32.02
N GLY D 163 -24.47 7.96 -31.92
CA GLY D 163 -24.92 7.13 -33.03
C GLY D 163 -24.01 5.99 -33.42
N CYS D 164 -23.26 5.46 -32.45
CA CYS D 164 -22.33 4.35 -32.69
C CYS D 164 -22.78 3.04 -32.04
N SER D 165 -23.89 3.06 -31.31
CA SER D 165 -24.25 1.95 -30.45
C SER D 165 -25.28 1.00 -31.05
N GLY D 166 -26.22 1.51 -31.84
CA GLY D 166 -27.23 0.67 -32.48
C GLY D 166 -28.50 0.47 -31.66
N ILE D 167 -28.57 1.15 -30.51
CA ILE D 167 -29.75 1.10 -29.66
C ILE D 167 -30.89 1.88 -30.34
N ARG D 168 -32.13 1.43 -30.14
CA ARG D 168 -33.30 2.16 -30.67
C ARG D 168 -33.52 3.51 -29.98
N TRP D 169 -33.93 4.52 -30.75
CA TRP D 169 -34.32 5.81 -30.19
C TRP D 169 -35.36 5.67 -29.05
N GLU D 170 -36.35 4.79 -29.21
CA GLU D 170 -37.40 4.64 -28.18
C GLU D 170 -36.85 4.27 -26.79
N VAL D 171 -35.77 3.48 -26.75
CA VAL D 171 -35.11 3.12 -25.49
C VAL D 171 -34.47 4.35 -24.84
N MET D 172 -33.82 5.16 -25.66
CA MET D 172 -33.27 6.43 -25.22
C MET D 172 -34.38 7.37 -24.67
N GLU D 173 -35.53 7.41 -25.33
CA GLU D 173 -36.67 8.19 -24.79
C GLU D 173 -37.12 7.66 -23.43
N ALA D 174 -37.15 6.33 -23.28
CA ALA D 174 -37.46 5.71 -21.99
C ALA D 174 -36.45 6.13 -20.91
N LEU D 175 -35.16 6.10 -21.24
CA LEU D 175 -34.15 6.53 -20.28
C LEU D 175 -34.36 7.98 -19.87
N GLU D 176 -34.68 8.85 -20.82
CA GLU D 176 -34.96 10.25 -20.49
C GLU D 176 -36.15 10.36 -19.54
N LYS D 177 -37.21 9.60 -19.82
CA LYS D 177 -38.41 9.70 -18.99
C LYS D 177 -38.17 9.16 -17.59
N LEU D 178 -37.47 8.03 -17.49
CA LEU D 178 -37.11 7.48 -16.19
C LEU D 178 -36.29 8.49 -15.38
N LEU D 179 -35.30 9.12 -16.02
CA LEU D 179 -34.49 10.15 -15.35
C LEU D 179 -35.33 11.31 -14.84
N ASN D 180 -36.17 11.86 -15.70
CA ASN D 180 -36.99 13.01 -15.32
C ASN D 180 -38.14 12.65 -14.37
N SER D 181 -38.46 11.37 -14.23
CA SER D 181 -39.50 10.90 -13.28
C SER D 181 -38.94 10.30 -11.98
N ASN D 182 -37.62 10.40 -11.78
CA ASN D 182 -36.99 9.91 -10.57
C ASN D 182 -37.11 8.39 -10.35
N VAL D 183 -37.10 7.62 -11.43
CA VAL D 183 -37.12 6.16 -11.34
C VAL D 183 -35.71 5.62 -11.61
N SER D 184 -35.27 4.70 -10.76
CA SER D 184 -33.95 4.07 -10.92
C SER D 184 -33.90 2.73 -10.22
N PRO D 185 -33.14 1.77 -10.77
CA PRO D 185 -33.07 0.46 -10.15
C PRO D 185 -32.19 0.47 -8.90
N LYS D 186 -32.49 -0.44 -7.97
CA LYS D 186 -31.63 -0.70 -6.82
C LYS D 186 -30.46 -1.50 -7.33
N VAL D 187 -29.24 -1.00 -7.17
CA VAL D 187 -28.05 -1.66 -7.74
C VAL D 187 -27.07 -2.13 -6.66
N PRO D 188 -26.63 -3.40 -6.70
CA PRO D 188 -25.55 -3.88 -5.83
C PRO D 188 -24.24 -3.09 -5.95
N LEU D 189 -23.54 -2.95 -4.85
CA LEU D 189 -22.30 -2.14 -4.78
C LEU D 189 -21.20 -2.68 -5.69
N ARG D 190 -20.94 -3.97 -5.56
CA ARG D 190 -19.74 -4.58 -6.11
C ARG D 190 -20.03 -5.52 -7.27
N GLY D 191 -18.99 -5.78 -8.05
CA GLY D 191 -19.08 -6.73 -9.14
C GLY D 191 -18.40 -6.28 -10.41
N SER D 192 -18.17 -4.98 -10.55
CA SER D 192 -17.52 -4.45 -11.72
C SER D 192 -16.00 -4.37 -11.61
N VAL D 193 -15.31 -4.74 -12.69
CA VAL D 193 -13.88 -4.46 -12.92
C VAL D 193 -13.72 -3.36 -13.99
N SER D 194 -14.85 -2.75 -14.36
CA SER D 194 -14.89 -1.59 -15.26
C SER D 194 -14.15 -1.78 -16.60
N ASP D 196 -18.57 -1.63 -16.98
CA ASP D 196 -19.38 -1.76 -15.75
C ASP D 196 -20.57 -2.70 -15.99
N LEU D 197 -20.26 -3.92 -16.41
CA LEU D 197 -21.26 -4.87 -16.94
C LEU D 197 -22.38 -5.21 -15.95
N ILE D 198 -21.99 -5.58 -14.73
CA ILE D 198 -22.97 -6.00 -13.72
C ILE D 198 -23.89 -4.86 -13.27
N PRO D 199 -23.32 -3.72 -12.84
CA PRO D 199 -24.23 -2.66 -12.43
C PRO D 199 -25.12 -2.13 -13.56
N LEU D 200 -24.58 -2.00 -14.77
CA LEU D 200 -25.40 -1.55 -15.89
C LEU D 200 -26.52 -2.52 -16.26
N ALA D 201 -26.32 -3.81 -16.00
CA ALA D 201 -27.37 -4.81 -16.30
C ALA D 201 -28.66 -4.57 -15.49
N TYR D 202 -28.53 -3.93 -14.33
CA TYR D 202 -29.69 -3.53 -13.52
C TYR D 202 -30.52 -2.42 -14.17
N ILE D 203 -29.84 -1.51 -14.88
CA ILE D 203 -30.52 -0.54 -15.73
C ILE D 203 -31.23 -1.25 -16.90
N ALA D 204 -30.50 -2.14 -17.58
CA ALA D 204 -31.11 -2.95 -18.62
C ALA D 204 -32.31 -3.73 -18.07
N GLY D 205 -32.15 -4.30 -16.88
CA GLY D 205 -33.20 -5.12 -16.25
C GLY D 205 -34.47 -4.35 -15.98
N LEU D 206 -34.33 -3.10 -15.54
CA LEU D 206 -35.48 -2.20 -15.39
C LEU D 206 -36.14 -1.98 -16.74
N LEU D 207 -35.37 -1.60 -17.76
CA LEU D 207 -35.93 -1.34 -19.09
C LEU D 207 -36.70 -2.54 -19.69
N ILE D 208 -36.29 -3.78 -19.40
CA ILE D 208 -36.99 -4.96 -19.94
C ILE D 208 -38.00 -5.56 -18.96
N GLY D 209 -38.26 -4.87 -17.85
CA GLY D 209 -39.24 -5.29 -16.88
C GLY D 209 -38.95 -6.59 -16.17
N LYS D 210 -37.69 -6.84 -15.80
CA LYS D 210 -37.35 -8.06 -15.03
C LYS D 210 -37.97 -7.98 -13.63
N PRO D 211 -38.83 -8.96 -13.27
CA PRO D 211 -39.49 -8.83 -11.96
C PRO D 211 -38.54 -8.88 -10.73
N SER D 212 -37.35 -9.47 -10.87
CA SER D 212 -36.40 -9.53 -9.74
C SER D 212 -35.68 -8.19 -9.47
N VAL D 213 -35.68 -7.30 -10.45
CA VAL D 213 -35.08 -5.96 -10.29
C VAL D 213 -36.07 -5.05 -9.58
N ILE D 214 -35.61 -4.43 -8.49
CA ILE D 214 -36.42 -3.50 -7.71
C ILE D 214 -36.06 -2.08 -8.13
N ALA D 215 -37.06 -1.24 -8.31
CA ALA D 215 -36.83 0.15 -8.68
C ALA D 215 -37.34 1.10 -7.64
N ARG D 216 -36.59 2.17 -7.41
CA ARG D 216 -37.05 3.30 -6.61
C ARG D 216 -37.90 4.24 -7.48
N ILE D 217 -38.93 4.81 -6.88
CA ILE D 217 -39.66 5.93 -7.45
C ILE D 217 -39.63 7.01 -6.39
N GLY D 218 -38.78 8.01 -6.58
CA GLY D 218 -38.55 9.02 -5.56
C GLY D 218 -37.82 8.44 -4.37
N ASP D 219 -38.04 9.02 -3.20
CA ASP D 219 -37.35 8.62 -1.97
C ASP D 219 -38.07 7.54 -1.15
N ASP D 220 -39.39 7.42 -1.34
CA ASP D 220 -40.24 6.63 -0.45
C ASP D 220 -40.71 5.30 -1.02
N VAL D 221 -40.90 5.24 -2.32
CA VAL D 221 -41.53 4.09 -2.96
C VAL D 221 -40.47 3.18 -3.55
N GLU D 222 -40.64 1.87 -3.41
CA GLU D 222 -39.94 0.93 -4.28
C GLU D 222 -40.79 -0.28 -4.60
N VAL D 223 -40.67 -0.73 -5.85
CA VAL D 223 -41.58 -1.67 -6.46
C VAL D 223 -40.82 -2.44 -7.53
N PRO D 224 -41.32 -3.63 -7.90
CA PRO D 224 -40.69 -4.39 -9.01
C PRO D 224 -40.65 -3.57 -10.28
N ALA D 225 -39.62 -3.80 -11.11
CA ALA D 225 -39.44 -3.10 -12.39
C ALA D 225 -40.69 -2.96 -13.28
N PRO D 226 -41.45 -4.05 -13.52
CA PRO D 226 -42.64 -3.90 -14.38
C PRO D 226 -43.65 -2.90 -13.82
N GLU D 227 -43.83 -2.88 -12.51
CA GLU D 227 -44.78 -1.94 -11.91
C GLU D 227 -44.25 -0.51 -11.99
N ALA D 228 -42.94 -0.34 -11.88
CA ALA D 228 -42.31 0.97 -12.06
C ALA D 228 -42.53 1.53 -13.47
N LEU D 229 -42.29 0.69 -14.47
CA LEU D 229 -42.55 1.10 -15.86
C LEU D 229 -44.02 1.52 -16.05
N SER D 230 -44.97 0.70 -15.58
CA SER D 230 -46.39 1.04 -15.78
C SER D 230 -46.77 2.35 -15.08
N ARG D 231 -46.17 2.63 -13.93
CA ARG D 231 -46.47 3.88 -13.21
C ARG D 231 -45.99 5.15 -13.91
N VAL D 232 -45.04 5.04 -14.84
CA VAL D 232 -44.63 6.20 -15.62
C VAL D 232 -45.03 6.05 -17.09
N GLY D 233 -46.01 5.18 -17.34
CA GLY D 233 -46.54 4.98 -18.68
C GLY D 233 -45.61 4.37 -19.71
N LEU D 234 -44.73 3.47 -19.27
CA LEU D 234 -43.84 2.75 -20.18
C LEU D 234 -44.19 1.27 -20.19
N ARG D 235 -43.79 0.59 -21.26
CA ARG D 235 -43.94 -0.86 -21.38
C ARG D 235 -42.55 -1.49 -21.43
N PRO D 236 -42.43 -2.75 -20.98
CA PRO D 236 -41.13 -3.40 -21.05
C PRO D 236 -40.67 -3.55 -22.50
N PHE D 237 -39.41 -3.21 -22.78
CA PHE D 237 -38.82 -3.46 -24.09
C PHE D 237 -38.43 -4.93 -24.29
N LYS D 238 -38.60 -5.42 -25.52
CA LYS D 238 -38.03 -6.68 -25.95
C LYS D 238 -36.74 -6.33 -26.70
N LEU D 239 -35.59 -6.81 -26.21
CA LEU D 239 -34.30 -6.42 -26.80
C LEU D 239 -34.12 -6.94 -28.23
N GLN D 240 -33.67 -6.05 -29.12
CA GLN D 240 -33.32 -6.43 -30.47
C GLN D 240 -31.79 -6.52 -30.56
N ALA D 241 -31.28 -6.73 -31.78
CA ALA D 241 -29.86 -7.01 -32.01
C ALA D 241 -28.95 -5.95 -31.38
N LYS D 242 -27.93 -6.42 -30.65
CA LYS D 242 -26.95 -5.54 -30.00
C LYS D 242 -27.47 -4.73 -28.80
N GLU D 243 -28.77 -4.70 -28.55
CA GLU D 243 -29.29 -3.77 -27.55
C GLU D 243 -28.89 -4.13 -26.11
N GLY D 244 -28.81 -5.40 -25.79
CA GLY D 244 -28.42 -5.82 -24.44
C GLY D 244 -26.98 -5.39 -24.19
N LEU D 245 -26.13 -5.68 -25.16
CA LEU D 245 -24.71 -5.33 -25.11
C LEU D 245 -24.50 -3.83 -25.04
N ALA D 246 -25.29 -3.09 -25.84
CA ALA D 246 -25.20 -1.64 -25.87
C ALA D 246 -25.47 -1.04 -24.49
N LEU D 247 -26.46 -1.59 -23.79
CA LEU D 247 -26.82 -1.11 -22.47
C LEU D 247 -25.72 -1.36 -21.43
N VAL D 248 -25.02 -2.49 -21.51
CA VAL D 248 -24.12 -2.90 -20.42
C VAL D 248 -22.61 -2.68 -20.69
N ASN D 249 -22.24 -2.47 -21.95
CA ASN D 249 -20.83 -2.48 -22.38
C ASN D 249 -20.20 -1.09 -22.33
N GLY D 250 -20.33 -0.42 -21.20
CA GLY D 250 -19.77 0.94 -21.06
C GLY D 250 -19.16 1.22 -19.70
N THR D 251 -18.72 2.47 -19.51
CA THR D 251 -18.02 2.92 -18.31
C THR D 251 -18.88 3.85 -17.45
N SER D 252 -20.20 3.73 -17.59
CA SER D 252 -21.12 4.71 -17.01
C SER D 252 -21.09 4.88 -15.50
N PHE D 253 -20.93 3.79 -14.74
CA PHE D 253 -20.93 3.87 -13.27
C PHE D 253 -19.63 4.44 -12.71
N ALA D 254 -18.49 3.96 -13.20
CA ALA D 254 -17.21 4.51 -12.77
C ALA D 254 -17.13 5.98 -13.08
N THR D 255 -17.57 6.34 -14.28
CA THR D 255 -17.46 7.71 -14.78
C THR D 255 -18.49 8.61 -14.07
N ALA D 256 -19.66 8.06 -13.77
CA ALA D 256 -20.64 8.75 -12.91
C ALA D 256 -20.09 9.13 -11.52
N VAL D 257 -19.60 8.14 -10.78
CA VAL D 257 -18.99 8.37 -9.48
C VAL D 257 -17.79 9.31 -9.64
N ALA D 258 -16.97 9.08 -10.67
CA ALA D 258 -15.80 9.95 -10.90
C ALA D 258 -16.20 11.41 -11.17
N SER D 259 -17.40 11.61 -11.72
CA SER D 259 -17.83 12.96 -12.08
C SER D 259 -18.16 13.76 -10.84
N THR D 260 -18.92 13.17 -9.92
CA THR D 260 -19.26 13.84 -8.69
C THR D 260 -18.02 13.93 -7.79
N VAL D 261 -17.18 12.91 -7.82
CA VAL D 261 -15.88 13.00 -7.14
C VAL D 261 -15.12 14.23 -7.63
N MET D 262 -15.00 14.41 -8.93
CA MET D 262 -14.19 15.52 -9.46
C MET D 262 -14.85 16.89 -9.23
N TYR D 263 -16.18 16.97 -9.26
CA TYR D 263 -16.83 18.24 -8.95
C TYR D 263 -16.47 18.63 -7.52
N ASP D 264 -16.66 17.70 -6.58
CA ASP D 264 -16.34 17.90 -5.17
C ASP D 264 -14.85 18.21 -4.97
N ALA D 265 -13.97 17.51 -5.67
CA ALA D 265 -12.54 17.74 -5.51
C ALA D 265 -12.13 19.17 -5.88
N ASN D 266 -12.71 19.69 -6.96
CA ASN D 266 -12.52 21.10 -7.34
C ASN D 266 -12.98 22.09 -6.25
N VAL D 267 -14.21 21.93 -5.76
CA VAL D 267 -14.75 22.84 -4.76
C VAL D 267 -13.91 22.78 -3.48
N LEU D 268 -13.63 21.58 -2.99
CA LEU D 268 -12.88 21.44 -1.75
C LEU D 268 -11.43 21.90 -1.91
N LEU D 269 -10.85 21.70 -3.09
CA LEU D 269 -9.51 22.24 -3.36
C LEU D 269 -9.51 23.76 -3.17
N LEU D 270 -10.43 24.46 -3.83
CA LEU D 270 -10.47 25.92 -3.74
C LEU D 270 -10.71 26.36 -2.29
N LEU D 271 -11.58 25.66 -1.59
CA LEU D 271 -11.86 25.94 -0.19
C LEU D 271 -10.60 25.81 0.67
N VAL D 272 -9.83 24.74 0.47
CA VAL D 272 -8.58 24.55 1.22
C VAL D 272 -7.58 25.66 0.95
N GLU D 273 -7.39 25.98 -0.33
CA GLU D 273 -6.49 27.08 -0.72
C GLU D 273 -6.88 28.37 -0.02
N THR D 274 -8.17 28.67 -0.06
CA THR D 274 -8.70 29.91 0.49
C THR D 274 -8.47 29.95 1.99
N LEU D 275 -8.76 28.84 2.65
CA LEU D 275 -8.61 28.76 4.09
C LEU D 275 -7.15 28.79 4.58
N CYS D 276 -6.17 28.56 3.71
CA CYS D 276 -4.77 28.82 4.07
C CYS D 276 -4.56 30.29 4.41
N GLY D 277 -5.31 31.16 3.73
CA GLY D 277 -5.26 32.58 4.05
C GLY D 277 -5.83 32.88 5.44
N MET D 278 -6.94 32.24 5.78
CA MET D 278 -7.54 32.44 7.08
C MET D 278 -6.60 31.91 8.16
N PHE D 279 -5.93 30.79 7.88
CA PHE D 279 -4.94 30.24 8.79
C PHE D 279 -3.81 31.24 9.05
N CYS D 280 -3.29 31.86 7.99
CA CYS D 280 -2.27 32.91 8.17
C CYS D 280 -2.75 33.98 9.14
N GLU D 281 -3.97 34.45 8.92
CA GLU D 281 -4.54 35.52 9.75
C GLU D 281 -4.58 35.18 11.23
N VAL D 282 -5.13 34.00 11.58
CA VAL D 282 -5.25 33.60 12.98
C VAL D 282 -3.96 33.10 13.64
N ILE D 283 -3.03 32.55 12.87
CA ILE D 283 -1.79 32.02 13.44
C ILE D 283 -0.71 33.09 13.60
N PHE D 284 -0.96 34.28 13.07
CA PHE D 284 0.05 35.35 13.01
C PHE D 284 1.19 34.95 12.07
N GLY D 285 0.83 34.71 10.82
CA GLY D 285 1.81 34.37 9.78
C GLY D 285 2.42 35.62 9.19
N ARG D 286 3.49 35.42 8.40
CA ARG D 286 4.09 36.45 7.56
C ARG D 286 3.65 36.22 6.11
N GLU D 287 2.87 37.16 5.57
CA GLU D 287 2.27 37.00 4.25
C GLU D 287 3.27 37.01 3.08
N GLU D 288 4.52 37.37 3.35
CA GLU D 288 5.58 37.38 2.35
C GLU D 288 5.79 36.02 1.67
N PHE D 289 5.31 34.94 2.28
CA PHE D 289 5.44 33.59 1.68
C PHE D 289 4.76 33.52 0.33
N ALA D 290 3.71 34.33 0.14
CA ALA D 290 2.93 34.38 -1.10
C ALA D 290 3.41 35.43 -2.12
N HIS D 291 4.54 36.08 -1.84
CA HIS D 291 5.07 37.13 -2.75
C HIS D 291 5.30 36.60 -4.17
N PRO D 292 4.83 37.34 -5.20
CA PRO D 292 4.88 36.79 -6.55
C PRO D 292 6.29 36.47 -7.09
N LEU D 293 7.33 37.18 -6.66
CA LEU D 293 8.68 36.86 -7.15
C LEU D 293 9.17 35.46 -6.75
N ILE D 294 8.77 34.99 -5.57
CA ILE D 294 9.20 33.66 -5.07
C ILE D 294 8.74 32.60 -6.09
N HIS D 295 7.50 32.74 -6.53
CA HIS D 295 6.84 31.74 -7.36
C HIS D 295 7.12 31.93 -8.83
N LYS D 296 7.46 33.17 -9.21
CA LYS D 296 7.92 33.43 -10.58
C LYS D 296 9.19 32.65 -10.89
N VAL D 297 10.11 32.57 -9.93
CA VAL D 297 11.35 31.82 -10.15
C VAL D 297 11.25 30.29 -9.91
N LYS D 298 10.05 29.81 -9.57
CA LYS D 298 9.79 28.37 -9.52
C LYS D 298 8.38 28.15 -10.06
N PRO D 299 8.22 28.27 -11.39
CA PRO D 299 6.90 28.59 -11.95
C PRO D 299 5.96 27.41 -12.25
N HIS D 300 5.79 26.52 -11.30
CA HIS D 300 4.70 25.54 -11.38
C HIS D 300 3.39 26.30 -11.39
N PRO D 301 2.50 26.05 -12.38
CA PRO D 301 1.26 26.83 -12.52
C PRO D 301 0.40 26.87 -11.26
N GLY D 302 0.27 25.72 -10.59
CA GLY D 302 -0.47 25.67 -9.33
C GLY D 302 0.18 26.41 -8.18
N GLN D 303 1.52 26.50 -8.21
CA GLN D 303 2.25 27.29 -7.24
C GLN D 303 2.00 28.79 -7.46
N ILE D 304 2.18 29.26 -8.70
CA ILE D 304 1.90 30.66 -9.03
C ILE D 304 0.44 31.04 -8.70
N GLU D 305 -0.50 30.23 -9.16
CA GLU D 305 -1.92 30.54 -9.00
C GLU D 305 -2.44 30.48 -7.55
N SER D 306 -1.98 29.52 -6.74
CA SER D 306 -2.38 29.49 -5.31
C SER D 306 -1.75 30.68 -4.57
N ALA D 307 -0.51 31.01 -4.89
CA ALA D 307 0.15 32.14 -4.25
C ALA D 307 -0.52 33.46 -4.63
N GLU D 308 -0.92 33.59 -5.89
CA GLU D 308 -1.62 34.79 -6.38
C GLU D 308 -2.90 35.01 -5.58
N LEU D 309 -3.65 33.93 -5.39
CA LEU D 309 -4.87 34.00 -4.59
C LEU D 309 -4.58 34.41 -3.15
N LEU D 310 -3.58 33.79 -2.53
CA LEU D 310 -3.25 34.09 -1.14
C LEU D 310 -2.78 35.55 -0.92
N GLU D 311 -1.97 36.07 -1.83
CA GLU D 311 -1.51 37.46 -1.75
C GLU D 311 -2.68 38.44 -1.72
N TRP D 312 -3.67 38.19 -2.57
CA TRP D 312 -4.83 39.06 -2.72
C TRP D 312 -5.69 38.98 -1.46
N LEU D 313 -5.89 37.75 -0.96
CA LEU D 313 -6.67 37.54 0.26
C LEU D 313 -6.08 38.23 1.48
N LEU D 314 -4.75 38.28 1.55
CA LEU D 314 -4.03 38.83 2.70
C LEU D 314 -3.58 40.30 2.57
N ARG D 315 -3.65 40.87 1.37
CA ARG D 315 -3.17 42.25 1.16
C ARG D 315 -3.93 43.22 2.07
N SER D 316 -3.19 44.05 2.81
CA SER D 316 -3.82 44.99 3.79
C SER D 316 -4.81 44.33 4.75
N SER D 317 -4.54 43.09 5.16
CA SER D 317 -5.35 42.42 6.17
C SER D 317 -5.19 43.12 7.50
N PRO D 318 -6.30 43.32 8.21
CA PRO D 318 -6.20 43.88 9.57
C PRO D 318 -5.55 42.91 10.58
N PHE D 319 -5.69 41.60 10.34
CA PHE D 319 -5.01 40.61 11.17
C PHE D 319 -3.50 40.60 10.93
N GLN D 320 -3.07 40.79 9.69
CA GLN D 320 -1.64 40.87 9.40
C GLN D 320 -0.99 42.08 10.06
N GLU D 321 -1.78 43.13 10.34
CA GLU D 321 -1.30 44.28 11.14
C GLU D 321 -1.04 43.88 12.56
N LEU D 322 -1.94 43.10 13.16
CA LEU D 322 -1.70 42.54 14.48
C LEU D 322 -0.44 41.66 14.50
N SER D 323 -0.27 40.84 13.46
CA SER D 323 0.91 39.99 13.35
C SER D 323 2.19 40.85 13.33
N ARG D 324 2.17 41.92 12.54
CA ARG D 324 3.34 42.77 12.44
C ARG D 324 3.72 43.37 13.79
N GLU D 325 2.71 43.78 14.56
CA GLU D 325 2.94 44.37 15.89
C GLU D 325 3.50 43.31 16.83
N TYR D 326 2.93 42.09 16.80
CA TYR D 326 3.44 40.97 17.61
C TYR D 326 4.94 40.70 17.37
N TYR D 327 5.37 40.63 16.11
CA TYR D 327 6.78 40.35 15.84
C TYR D 327 7.69 41.55 16.11
N SER D 328 7.13 42.75 16.25
CA SER D 328 7.94 43.93 16.62
C SER D 328 8.22 43.98 18.13
N ILE D 329 7.43 43.26 18.94
CA ILE D 329 7.64 43.19 20.37
C ILE D 329 8.55 42.00 20.72
N ASP D 330 9.73 42.31 21.25
CA ASP D 330 10.73 41.29 21.58
C ASP D 330 11.15 40.52 20.32
N LYS D 331 11.36 41.29 19.25
CA LYS D 331 11.60 40.79 17.88
C LYS D 331 12.63 39.67 17.79
N LEU D 332 13.75 39.86 18.48
CA LEU D 332 14.90 38.96 18.35
C LEU D 332 14.76 37.68 19.17
N LYS D 333 13.63 37.51 19.86
CA LYS D 333 13.35 36.25 20.56
C LYS D 333 12.19 35.46 19.93
N LYS D 334 11.71 35.91 18.76
CA LYS D 334 10.62 35.22 18.07
C LYS D 334 11.08 34.75 16.68
N PRO D 335 10.40 33.71 16.11
CA PRO D 335 10.77 33.18 14.78
C PRO D 335 10.75 34.20 13.66
N LYS D 336 11.78 34.14 12.82
CA LYS D 336 11.88 35.01 11.65
C LYS D 336 10.98 34.53 10.52
N GLN D 337 10.73 33.22 10.43
CA GLN D 337 9.80 32.66 9.42
C GLN D 337 8.78 31.71 10.06
N ASP D 338 7.67 31.52 9.36
CA ASP D 338 6.63 30.58 9.77
C ASP D 338 7.01 29.13 9.53
N ARG D 339 6.30 28.24 10.18
CA ARG D 339 6.49 26.81 9.94
C ARG D 339 5.89 26.42 8.57
N TYR D 340 6.21 25.22 8.12
CA TYR D 340 5.96 24.82 6.74
C TYR D 340 4.48 24.72 6.36
N ALA D 341 3.63 24.31 7.30
CA ALA D 341 2.20 24.17 7.00
C ALA D 341 1.58 25.46 6.42
N LEU D 342 2.13 26.61 6.78
CA LEU D 342 1.77 27.87 6.13
C LEU D 342 2.77 28.26 5.04
N ARG D 343 4.03 28.44 5.42
CA ARG D 343 5.02 29.05 4.50
C ARG D 343 5.20 28.25 3.21
N SER D 344 5.09 26.92 3.33
CA SER D 344 5.28 26.02 2.22
C SER D 344 3.98 25.68 1.48
N SER D 345 2.87 26.33 1.82
CA SER D 345 1.57 25.95 1.25
C SER D 345 1.43 26.08 -0.28
N PRO D 346 1.95 27.17 -0.90
CA PRO D 346 1.83 27.21 -2.36
C PRO D 346 2.59 26.08 -3.08
N GLN D 347 3.78 25.77 -2.58
CA GLN D 347 4.59 24.70 -3.15
C GLN D 347 3.91 23.35 -3.00
N TRP D 348 3.27 23.14 -1.85
CA TRP D 348 2.54 21.90 -1.54
C TRP D 348 1.32 21.75 -2.40
N LEU D 349 0.58 22.85 -2.54
CA LEU D 349 -0.66 22.86 -3.33
C LEU D 349 -0.47 22.65 -4.83
N ALA D 350 0.70 23.03 -5.35
CA ALA D 350 0.94 23.00 -6.78
C ALA D 350 0.57 21.69 -7.47
N PRO D 351 1.14 20.55 -7.05
CA PRO D 351 0.82 19.31 -7.74
C PRO D 351 -0.64 18.92 -7.50
N LEU D 352 -1.18 19.33 -6.36
CA LEU D 352 -2.53 18.95 -5.98
C LEU D 352 -3.55 19.65 -6.86
N VAL D 353 -3.33 20.95 -7.11
CA VAL D 353 -4.12 21.72 -8.06
C VAL D 353 -4.03 21.09 -9.43
N GLN D 354 -2.80 20.84 -9.87
CA GLN D 354 -2.59 20.33 -11.22
C GLN D 354 -3.23 18.97 -11.42
N THR D 355 -3.13 18.10 -10.40
CA THR D 355 -3.74 16.77 -10.48
C THR D 355 -5.26 16.82 -10.62
N ILE D 356 -5.90 17.64 -9.80
CA ILE D 356 -7.37 17.77 -9.79
C ILE D 356 -7.90 18.37 -11.09
N ARG D 357 -7.25 19.43 -11.57
CA ARG D 357 -7.64 20.02 -12.85
C ARG D 357 -7.43 19.08 -14.05
N ASP D 358 -6.27 18.43 -14.14
CA ASP D 358 -6.02 17.46 -15.23
C ASP D 358 -6.99 16.28 -15.17
N ALA D 359 -7.30 15.79 -13.96
CA ALA D 359 -8.23 14.68 -13.83
C ALA D 359 -9.66 15.06 -14.28
N THR D 360 -10.03 16.33 -14.07
CA THR D 360 -11.36 16.83 -14.48
C THR D 360 -11.54 16.75 -15.99
N THR D 361 -10.54 17.22 -16.74
CA THR D 361 -10.51 17.09 -18.20
C THR D 361 -10.68 15.63 -18.66
N THR D 362 -9.90 14.73 -18.05
CA THR D 362 -9.95 13.31 -18.44
C THR D 362 -11.31 12.71 -18.17
N VAL D 363 -11.86 12.96 -17.00
CA VAL D 363 -13.18 12.46 -16.67
C VAL D 363 -14.25 13.02 -17.62
N GLU D 364 -14.23 14.33 -17.88
CA GLU D 364 -15.20 14.91 -18.84
C GLU D 364 -15.03 14.34 -20.26
N THR D 365 -13.80 14.02 -20.69
CA THR D 365 -13.64 13.35 -21.98
C THR D 365 -14.39 12.01 -21.99
N GLU D 366 -14.33 11.28 -20.88
CA GLU D 366 -15.02 9.99 -20.76
C GLU D 366 -16.53 10.16 -20.75
N VAL D 367 -17.01 11.17 -20.05
CA VAL D 367 -18.44 11.48 -20.04
C VAL D 367 -18.95 11.68 -21.47
N ASN D 368 -18.14 12.36 -22.29
CA ASN D 368 -18.53 12.71 -23.64
C ASN D 368 -17.88 11.79 -24.66
N SER D 369 -18.08 10.49 -24.48
CA SER D 369 -17.49 9.50 -25.36
C SER D 369 -18.50 8.42 -25.73
N ALA D 370 -18.26 7.78 -26.85
CA ALA D 370 -18.97 6.56 -27.18
C ALA D 370 -18.20 5.37 -26.57
N ASN D 371 -18.55 5.04 -25.33
CA ASN D 371 -17.93 3.94 -24.60
C ASN D 371 -18.84 2.74 -24.75
N ASP D 372 -18.51 1.95 -25.76
CA ASP D 372 -19.34 0.87 -26.26
C ASP D 372 -18.51 0.09 -27.26
N ASN D 373 -18.91 -1.14 -27.53
CA ASN D 373 -18.26 -2.00 -28.53
C ASN D 373 -19.20 -3.11 -29.03
N PRO D 374 -19.15 -3.44 -30.32
CA PRO D 374 -18.46 -2.77 -31.43
C PRO D 374 -18.97 -1.36 -31.70
N ILE D 375 -18.11 -0.55 -32.32
CA ILE D 375 -18.44 0.80 -32.76
C ILE D 375 -18.98 0.67 -34.19
N ILE D 376 -20.24 1.08 -34.38
CA ILE D 376 -20.88 0.98 -35.69
C ILE D 376 -20.61 2.22 -36.55
N ASP D 377 -19.74 2.03 -37.56
CA ASP D 377 -19.49 3.01 -38.62
C ASP D 377 -20.45 2.72 -39.79
N HIS D 378 -21.72 3.05 -39.58
CA HIS D 378 -22.78 2.79 -40.57
C HIS D 378 -22.50 3.45 -41.91
N ALA D 379 -21.95 4.66 -41.89
CA ALA D 379 -21.59 5.37 -43.11
C ALA D 379 -20.70 4.55 -44.04
N ASN D 380 -19.77 3.76 -43.48
CA ASN D 380 -18.87 2.91 -44.27
C ASN D 380 -19.16 1.40 -44.15
N ASP D 381 -20.33 1.05 -43.63
CA ASP D 381 -20.76 -0.35 -43.51
C ASP D 381 -19.74 -1.23 -42.77
N ARG D 382 -19.27 -0.76 -41.62
CA ARG D 382 -18.36 -1.56 -40.82
C ARG D 382 -18.72 -1.50 -39.35
N ALA D 383 -18.66 -2.68 -38.72
CA ALA D 383 -18.68 -2.81 -37.28
C ALA D 383 -17.24 -2.91 -36.82
N LEU D 384 -16.80 -1.90 -36.07
CA LEU D 384 -15.40 -1.79 -35.67
C LEU D 384 -15.16 -2.40 -34.28
N HIS D 385 -14.19 -3.33 -34.20
CA HIS D 385 -13.96 -4.12 -32.98
C HIS D 385 -12.78 -3.56 -32.19
N GLY D 386 -13.11 -2.93 -31.07
CA GLY D 386 -12.11 -2.30 -30.18
C GLY D 386 -12.47 -2.51 -28.73
N ALA D 387 -12.11 -1.55 -27.87
CA ALA D 387 -12.33 -1.69 -26.43
C ALA D 387 -12.67 -0.38 -25.72
N ASN D 388 -13.59 0.40 -26.26
CA ASN D 388 -13.97 1.67 -25.60
C ASN D 388 -14.70 1.50 -24.26
N PHE D 389 -15.08 0.26 -23.95
CA PHE D 389 -15.59 -0.09 -22.61
C PHE D 389 -14.50 -0.09 -21.51
N GLN D 390 -13.22 0.03 -21.88
CA GLN D 390 -12.12 -0.05 -20.91
C GLN D 390 -11.97 1.26 -20.13
N GLY D 391 -12.25 1.22 -18.82
CA GLY D 391 -12.28 2.44 -17.99
C GLY D 391 -10.95 2.96 -17.45
N SER D 392 -9.87 2.68 -18.16
CA SER D 392 -8.51 2.92 -17.65
C SER D 392 -8.15 4.37 -17.45
N ALA D 393 -8.62 5.26 -18.33
CA ALA D 393 -8.31 6.69 -18.14
C ALA D 393 -8.89 7.18 -16.80
N VAL D 394 -10.12 6.81 -16.51
CA VAL D 394 -10.74 7.16 -15.22
C VAL D 394 -10.04 6.48 -14.03
N GLY D 395 -9.75 5.20 -14.18
CA GLY D 395 -9.18 4.38 -13.12
C GLY D 395 -7.86 4.93 -12.61
N PHE D 396 -6.91 5.13 -13.51
CA PHE D 396 -5.62 5.70 -13.13
C PHE D 396 -5.74 7.09 -12.49
N TYR D 397 -6.57 7.94 -13.07
CA TYR D 397 -6.73 9.28 -12.55
C TYR D 397 -7.48 9.29 -11.20
N MET D 398 -8.34 8.31 -10.94
CA MET D 398 -8.91 8.20 -9.61
C MET D 398 -7.82 7.86 -8.59
N ASP D 399 -6.87 7.02 -8.97
CA ASP D 399 -5.74 6.70 -8.08
C ASP D 399 -4.92 7.97 -7.77
N TYR D 400 -4.64 8.76 -8.80
CA TYR D 400 -3.87 10.00 -8.63
C TYR D 400 -4.60 11.01 -7.76
N VAL D 401 -5.88 11.21 -8.01
CA VAL D 401 -6.66 12.17 -7.23
C VAL D 401 -6.72 11.78 -5.75
N ARG D 402 -6.78 10.49 -5.46
CA ARG D 402 -6.87 10.04 -4.08
C ARG D 402 -5.59 10.38 -3.33
N ILE D 403 -4.46 10.21 -3.99
CA ILE D 403 -3.16 10.66 -3.46
C ILE D 403 -3.15 12.17 -3.24
N ALA D 404 -3.71 12.94 -4.17
CA ALA D 404 -3.77 14.39 -4.01
C ALA D 404 -4.66 14.82 -2.86
N VAL D 405 -5.78 14.12 -2.66
CA VAL D 405 -6.69 14.40 -1.55
C VAL D 405 -6.04 14.11 -0.20
N ALA D 406 -5.27 13.01 -0.14
CA ALA D 406 -4.49 12.73 1.03
C ALA D 406 -3.47 13.85 1.32
N GLY D 407 -2.86 14.39 0.28
CA GLY D 407 -2.01 15.57 0.38
C GLY D 407 -2.71 16.80 0.96
N LEU D 408 -3.96 17.02 0.58
CA LEU D 408 -4.75 18.14 1.08
C LEU D 408 -5.06 17.92 2.54
N GLY D 409 -5.45 16.69 2.88
CA GLY D 409 -5.67 16.31 4.27
C GLY D 409 -4.46 16.51 5.17
N LYS D 410 -3.27 16.11 4.71
CA LYS D 410 -2.05 16.27 5.49
C LYS D 410 -1.77 17.76 5.76
N LEU D 411 -1.93 18.60 4.76
CA LEU D 411 -1.82 20.06 4.94
C LEU D 411 -2.74 20.55 6.04
N LEU D 412 -4.03 20.19 5.97
CA LEU D 412 -5.00 20.57 7.00
C LEU D 412 -4.60 20.08 8.38
N PHE D 413 -4.15 18.82 8.45
CA PHE D 413 -3.74 18.23 9.73
C PHE D 413 -2.59 19.01 10.36
N ALA D 414 -1.57 19.31 9.57
CA ALA D 414 -0.42 20.05 10.08
C ALA D 414 -0.82 21.45 10.56
N GLN D 415 -1.67 22.14 9.80
CA GLN D 415 -2.13 23.48 10.20
C GLN D 415 -2.91 23.40 11.53
N PHE D 416 -3.85 22.45 11.59
CA PHE D 416 -4.66 22.26 12.79
C PHE D 416 -3.79 21.96 14.02
N THR D 417 -2.78 21.10 13.83
CA THR D 417 -1.86 20.75 14.91
C THR D 417 -1.15 21.99 15.50
N GLU D 418 -0.61 22.84 14.64
CA GLU D 418 0.07 24.06 15.06
C GLU D 418 -0.85 24.94 15.91
N LEU D 419 -2.09 25.03 15.45
CA LEU D 419 -3.10 25.87 16.07
C LEU D 419 -3.44 25.45 17.50
N MET D 420 -3.32 24.14 17.78
CA MET D 420 -3.70 23.60 19.08
C MET D 420 -2.60 23.71 20.13
N ILE D 421 -1.36 23.97 19.70
CA ILE D 421 -0.22 23.89 20.59
C ILE D 421 0.32 25.29 20.84
N GLU D 422 0.36 25.67 22.11
CA GLU D 422 0.72 27.04 22.46
C GLU D 422 2.14 27.41 22.05
N TYR D 423 3.04 26.44 22.00
CA TYR D 423 4.41 26.73 21.58
C TYR D 423 4.50 27.13 20.12
N TYR D 424 3.50 26.77 19.32
CA TYR D 424 3.50 27.01 17.88
C TYR D 424 2.42 27.98 17.41
N SER D 425 1.62 28.49 18.32
CA SER D 425 0.45 29.29 17.91
C SER D 425 0.60 30.80 18.19
N ASN D 426 1.77 31.23 18.65
CA ASN D 426 2.08 32.67 18.72
C ASN D 426 1.10 33.50 19.60
N GLY D 427 0.79 32.95 20.77
CA GLY D 427 -0.03 33.61 21.79
C GLY D 427 -1.37 32.97 22.09
N LEU D 428 -1.84 32.09 21.22
CA LEU D 428 -3.13 31.44 21.45
C LEU D 428 -3.03 30.39 22.57
N PRO D 429 -4.14 30.15 23.27
CA PRO D 429 -4.14 29.14 24.32
C PRO D 429 -4.10 27.70 23.77
N GLY D 430 -3.53 26.77 24.52
CA GLY D 430 -3.54 25.36 24.12
C GLY D 430 -4.97 24.88 23.88
N ASN D 431 -5.17 24.11 22.79
CA ASN D 431 -6.49 23.57 22.42
C ASN D 431 -7.55 24.63 22.10
N LEU D 432 -7.09 25.86 21.88
CA LEU D 432 -7.95 27.03 21.74
C LEU D 432 -9.00 27.11 22.86
N SER D 433 -8.57 26.74 24.08
CA SER D 433 -9.41 26.77 25.28
C SER D 433 -9.53 28.20 25.77
N LEU D 434 -10.75 28.73 25.81
CA LEU D 434 -10.99 30.05 26.37
C LEU D 434 -10.81 30.09 27.89
N GLY D 435 -11.25 29.06 28.60
CA GLY D 435 -11.19 29.09 30.06
C GLY D 435 -12.15 30.16 30.58
N PRO D 436 -11.69 31.05 31.47
CA PRO D 436 -10.33 31.19 32.04
C PRO D 436 -9.83 30.00 32.83
N ASP D 437 -10.74 29.25 33.43
CA ASP D 437 -10.36 28.06 34.21
C ASP D 437 -10.14 26.88 33.25
N LEU D 438 -8.88 26.66 32.92
CA LEU D 438 -8.48 25.66 31.94
C LEU D 438 -8.63 24.23 32.47
N SER D 439 -8.73 24.09 33.78
CA SER D 439 -8.88 22.75 34.37
C SER D 439 -10.24 22.13 34.13
N VAL D 440 -11.23 22.93 33.72
CA VAL D 440 -12.52 22.39 33.27
C VAL D 440 -12.87 22.82 31.84
N ASP D 441 -11.84 23.10 31.04
CA ASP D 441 -12.04 23.44 29.64
C ASP D 441 -10.89 22.94 28.77
N TYR D 442 -11.08 21.79 28.11
CA TYR D 442 -10.06 21.20 27.24
C TYR D 442 -10.26 21.59 25.77
N GLY D 443 -11.14 22.58 25.55
CA GLY D 443 -11.27 23.25 24.29
C GLY D 443 -11.56 22.29 23.15
N LEU D 444 -10.77 22.38 22.09
CA LEU D 444 -10.96 21.57 20.89
C LEU D 444 -10.14 20.27 20.88
N LYS D 445 -9.71 19.79 22.05
CA LYS D 445 -8.86 18.58 22.13
C LYS D 445 -9.51 17.35 21.47
N GLY D 446 -10.82 17.20 21.62
CA GLY D 446 -11.52 16.08 20.98
C GLY D 446 -11.47 16.15 19.47
N LEU D 447 -11.64 17.35 18.91
CA LEU D 447 -11.49 17.57 17.47
C LEU D 447 -10.03 17.29 17.00
N ASP D 448 -9.06 17.66 17.82
CA ASP D 448 -7.65 17.43 17.49
C ASP D 448 -7.37 15.92 17.35
N ILE D 449 -7.87 15.16 18.31
CA ILE D 449 -7.72 13.71 18.26
C ILE D 449 -8.36 13.17 16.99
N ALA D 450 -9.58 13.62 16.71
CA ALA D 450 -10.30 13.20 15.53
C ALA D 450 -9.54 13.53 14.22
N MET D 451 -8.88 14.69 14.17
CA MET D 451 -8.12 15.07 12.99
C MET D 451 -6.97 14.10 12.70
N ALA D 452 -6.30 13.63 13.74
CA ALA D 452 -5.29 12.56 13.57
C ALA D 452 -5.91 11.27 12.98
N ALA D 453 -7.06 10.87 13.50
CA ALA D 453 -7.77 9.70 13.01
C ALA D 453 -8.22 9.85 11.56
N TYR D 454 -8.70 11.05 11.20
CA TYR D 454 -9.08 11.35 9.85
C TYR D 454 -7.87 11.28 8.90
N SER D 455 -6.77 11.94 9.26
CA SER D 455 -5.59 11.94 8.37
C SER D 455 -5.07 10.54 8.18
N SER D 456 -4.98 9.78 9.27
CA SER D 456 -4.43 8.42 9.20
C SER D 456 -5.20 7.55 8.22
N GLU D 457 -6.52 7.51 8.35
CA GLU D 457 -7.36 6.71 7.47
C GLU D 457 -7.25 7.19 6.02
N LEU D 458 -7.21 8.51 5.83
CA LEU D 458 -7.06 9.07 4.52
C LEU D 458 -5.76 8.63 3.82
N GLN D 459 -4.66 8.65 4.55
CA GLN D 459 -3.37 8.23 3.99
C GLN D 459 -3.42 6.75 3.58
N TYR D 460 -4.08 5.92 4.40
CA TYR D 460 -4.27 4.50 4.06
C TYR D 460 -5.08 4.34 2.77
N LEU D 461 -6.15 5.13 2.63
CA LEU D 461 -7.06 4.98 1.52
C LEU D 461 -6.34 5.29 0.21
N ALA D 462 -5.28 6.09 0.28
CA ALA D 462 -4.60 6.58 -0.92
C ALA D 462 -3.65 5.62 -1.62
N ASN D 463 -3.48 4.41 -1.10
CA ASN D 463 -2.82 3.36 -1.88
C ASN D 463 -3.61 3.10 -3.18
N PRO D 464 -2.93 2.64 -4.24
CA PRO D 464 -3.62 2.51 -5.51
C PRO D 464 -4.48 1.27 -5.64
N VAL D 465 -5.53 1.38 -6.44
CA VAL D 465 -6.37 0.24 -6.81
C VAL D 465 -5.87 -0.37 -8.13
N THR D 466 -5.31 0.42 -9.03
CA THR D 466 -4.96 -0.06 -10.37
C THR D 466 -3.80 -1.07 -10.40
N THR D 467 -3.08 -1.16 -9.29
CA THR D 467 -1.98 -2.11 -9.17
C THR D 467 -2.44 -3.54 -8.84
N HIS D 468 -3.75 -3.71 -8.64
CA HIS D 468 -4.34 -5.01 -8.30
C HIS D 468 -5.13 -5.67 -9.42
N VAL D 469 -4.67 -5.47 -10.66
CA VAL D 469 -5.35 -6.08 -11.81
C VAL D 469 -5.18 -7.61 -11.81
N HIS D 470 -6.32 -8.32 -11.80
CA HIS D 470 -6.35 -9.78 -11.94
C HIS D 470 -6.69 -10.10 -13.40
N SER D 471 -6.21 -11.23 -13.91
CA SER D 471 -6.59 -11.72 -15.23
C SER D 471 -7.99 -12.37 -15.11
N ALA D 472 -9.00 -11.77 -15.74
CA ALA D 472 -10.39 -12.03 -15.45
C ALA D 472 -11.17 -12.58 -16.65
N GLU D 473 -12.33 -13.19 -16.37
CA GLU D 473 -13.26 -13.63 -17.41
C GLU D 473 -12.65 -14.60 -18.44
N GLN D 474 -12.36 -15.81 -17.96
CA GLN D 474 -11.71 -16.86 -18.74
C GLN D 474 -10.45 -16.35 -19.45
N HIS D 475 -9.71 -15.51 -18.74
CA HIS D 475 -8.49 -14.83 -19.21
C HIS D 475 -8.65 -13.95 -20.44
N ASN D 476 -9.89 -13.56 -20.75
CA ASN D 476 -10.16 -12.61 -21.82
C ASN D 476 -9.79 -11.18 -21.40
N GLN D 477 -10.18 -10.84 -20.17
CA GLN D 477 -9.96 -9.49 -19.63
C GLN D 477 -8.66 -9.51 -18.83
N ASP D 478 -7.56 -9.75 -19.53
CA ASP D 478 -6.26 -9.92 -18.88
C ASP D 478 -5.62 -8.59 -18.48
N ILE D 479 -6.20 -7.49 -18.94
CA ILE D 479 -6.00 -6.20 -18.30
C ILE D 479 -7.39 -5.62 -18.08
N ASN D 480 -7.61 -4.94 -16.97
CA ASN D 480 -8.89 -4.30 -16.67
C ASN D 480 -8.71 -3.15 -15.68
N SER D 481 -9.59 -2.16 -15.74
CA SER D 481 -9.29 -0.85 -15.16
C SER D 481 -9.56 -0.71 -13.68
N LEU D 482 -10.49 -1.50 -13.16
CA LEU D 482 -10.98 -1.39 -11.78
C LEU D 482 -11.46 0.04 -11.44
N ALA D 483 -11.95 0.75 -12.45
CA ALA D 483 -12.24 2.19 -12.30
C ALA D 483 -13.31 2.54 -11.28
N LEU D 484 -14.39 1.75 -11.25
CA LEU D 484 -15.48 2.01 -10.29
C LEU D 484 -15.00 1.81 -8.85
N ILE D 485 -14.21 0.77 -8.63
CA ILE D 485 -13.65 0.53 -7.31
C ILE D 485 -12.80 1.73 -6.90
N SER D 486 -11.92 2.17 -7.80
CA SER D 486 -11.00 3.25 -7.46
C SER D 486 -11.78 4.54 -7.18
N ALA D 487 -12.77 4.82 -8.03
CA ALA D 487 -13.62 6.00 -7.88
C ALA D 487 -14.30 6.02 -6.52
N ARG D 488 -14.83 4.85 -6.11
CA ARG D 488 -15.48 4.70 -4.82
C ARG D 488 -14.53 4.97 -3.64
N LYS D 489 -13.27 4.54 -3.75
CA LYS D 489 -12.29 4.84 -2.72
C LYS D 489 -11.94 6.34 -2.67
N THR D 490 -11.82 6.97 -3.83
CA THR D 490 -11.57 8.42 -3.88
C THR D 490 -12.78 9.19 -3.29
N GLU D 491 -13.98 8.70 -3.56
CA GLU D 491 -15.19 9.25 -2.94
C GLU D 491 -15.12 9.16 -1.40
N GLU D 492 -14.72 8.01 -0.86
CA GLU D 492 -14.54 7.83 0.58
C GLU D 492 -13.47 8.80 1.14
N ALA D 493 -12.35 8.94 0.43
CA ALA D 493 -11.33 9.90 0.83
C ALA D 493 -11.90 11.34 0.92
N LEU D 494 -12.72 11.73 -0.05
CA LEU D 494 -13.33 13.07 -0.04
C LEU D 494 -14.31 13.27 1.10
N ASP D 495 -15.01 12.21 1.51
CA ASP D 495 -15.87 12.27 2.72
C ASP D 495 -15.07 12.68 3.95
N ILE D 496 -13.90 12.07 4.09
CA ILE D 496 -13.02 12.37 5.19
C ILE D 496 -12.44 13.80 5.11
N LEU D 497 -12.02 14.21 3.91
CA LEU D 497 -11.54 15.58 3.70
C LEU D 497 -12.62 16.61 4.08
N LYS D 498 -13.87 16.35 3.71
CA LYS D 498 -14.99 17.20 4.17
C LYS D 498 -15.03 17.36 5.68
N LEU D 499 -14.88 16.25 6.41
CA LEU D 499 -14.83 16.25 7.88
C LEU D 499 -13.67 17.11 8.40
N MET D 500 -12.52 17.00 7.73
CA MET D 500 -11.33 17.71 8.15
C MET D 500 -11.49 19.21 7.92
N ILE D 501 -12.09 19.58 6.79
CA ILE D 501 -12.33 21.00 6.48
C ILE D 501 -13.33 21.61 7.46
N ALA D 502 -14.42 20.90 7.73
CA ALA D 502 -15.42 21.35 8.72
C ALA D 502 -14.77 21.66 10.08
N SER D 503 -13.89 20.78 10.55
CA SER D 503 -13.20 20.99 11.83
C SER D 503 -12.22 22.16 11.83
N HIS D 504 -11.43 22.24 10.76
CA HIS D 504 -10.46 23.32 10.57
C HIS D 504 -11.15 24.69 10.52
N LEU D 505 -12.23 24.81 9.74
CA LEU D 505 -12.99 26.07 9.69
C LEU D 505 -13.58 26.41 11.07
N THR D 506 -14.11 25.41 11.76
CA THR D 506 -14.65 25.63 13.11
C THR D 506 -13.55 26.13 14.06
N ALA D 507 -12.38 25.51 13.99
CA ALA D 507 -11.26 25.92 14.85
C ALA D 507 -10.77 27.32 14.50
N MET D 508 -10.74 27.68 13.22
CA MET D 508 -10.29 29.03 12.85
C MET D 508 -11.27 30.15 13.25
N CYS D 509 -12.56 29.83 13.26
CA CYS D 509 -13.55 30.78 13.78
C CYS D 509 -13.33 30.98 15.28
N GLN D 510 -13.11 29.89 16.03
CA GLN D 510 -12.70 29.98 17.44
C GLN D 510 -11.47 30.87 17.60
N ALA D 511 -10.46 30.68 16.76
CA ALA D 511 -9.23 31.48 16.86
C ALA D 511 -9.46 32.96 16.54
N VAL D 512 -10.35 33.26 15.59
CA VAL D 512 -10.74 34.67 15.33
C VAL D 512 -11.22 35.29 16.63
N ASP D 513 -12.15 34.61 17.31
CA ASP D 513 -12.71 35.11 18.56
C ASP D 513 -11.64 35.32 19.63
N LEU D 514 -10.73 34.36 19.76
CA LEU D 514 -9.67 34.46 20.75
C LEU D 514 -8.68 35.59 20.43
N ARG D 515 -8.46 35.88 19.15
CA ARG D 515 -7.56 36.97 18.77
C ARG D 515 -8.20 38.34 19.04
N GLN D 516 -9.52 38.41 18.82
CA GLN D 516 -10.26 39.65 19.04
C GLN D 516 -10.40 39.92 20.54
N LEU D 517 -10.62 38.85 21.31
CA LEU D 517 -10.68 38.98 22.75
C LEU D 517 -9.31 39.33 23.31
N GLU D 518 -8.27 38.72 22.74
CA GLU D 518 -6.89 39.03 23.12
C GLU D 518 -6.61 40.53 22.98
N GLU D 519 -6.90 41.09 21.81
CA GLU D 519 -6.64 42.52 21.57
C GLU D 519 -7.36 43.39 22.63
N ALA D 520 -8.61 43.05 22.93
CA ALA D 520 -9.42 43.78 23.91
C ALA D 520 -8.90 43.63 25.34
N LEU D 521 -8.46 42.42 25.70
CA LEU D 521 -7.90 42.19 27.03
C LEU D 521 -6.60 42.95 27.29
N VAL D 522 -5.68 42.95 26.33
CA VAL D 522 -4.40 43.64 26.52
C VAL D 522 -4.63 45.15 26.72
N LYS D 523 -5.60 45.71 26.01
CA LYS D 523 -5.98 47.12 26.20
C LYS D 523 -6.50 47.42 27.61
N VAL D 524 -7.24 46.47 28.18
CA VAL D 524 -7.72 46.62 29.56
C VAL D 524 -6.55 46.58 30.53
N VAL D 525 -5.64 45.63 30.34
CA VAL D 525 -4.50 45.48 31.23
C VAL D 525 -3.64 46.74 31.17
N GLU D 526 -3.34 47.22 29.97
CA GLU D 526 -2.57 48.45 29.82
C GLU D 526 -3.24 49.64 30.55
N ASN D 527 -4.56 49.76 30.42
CA ASN D 527 -5.32 50.86 31.04
C ASN D 527 -5.28 50.80 32.55
N VAL D 528 -5.55 49.62 33.10
CA VAL D 528 -5.45 49.42 34.53
C VAL D 528 -4.03 49.73 35.04
N VAL D 529 -3.00 49.21 34.36
CA VAL D 529 -1.62 49.47 34.76
C VAL D 529 -1.27 50.96 34.66
N SER D 530 -1.62 51.62 33.56
CA SER D 530 -1.36 53.05 33.40
C SER D 530 -2.04 53.89 34.49
N THR D 531 -3.33 53.63 34.70
CA THR D 531 -4.15 54.37 35.65
C THR D 531 -3.64 54.20 37.07
N LEU D 532 -3.32 52.96 37.44
CA LEU D 532 -2.81 52.68 38.78
C LEU D 532 -1.41 53.23 39.01
N ALA D 533 -0.60 53.31 37.96
CA ALA D 533 0.71 53.94 38.06
C ALA D 533 0.56 55.42 38.48
N ASP D 534 -0.43 56.08 37.89
CA ASP D 534 -0.80 57.45 38.24
C ASP D 534 -1.37 57.55 39.67
N GLU D 535 -2.37 56.74 39.99
CA GLU D 535 -3.03 56.73 41.31
C GLU D 535 -2.05 56.51 42.47
N CYS D 536 -1.09 55.60 42.26
CA CYS D 536 -0.09 55.31 43.28
C CYS D 536 1.08 56.26 43.18
N GLY D 537 1.10 57.08 42.12
CA GLY D 537 2.13 58.08 41.93
C GLY D 537 3.50 57.45 41.79
N LEU D 538 3.70 56.71 40.71
CA LEU D 538 4.99 56.11 40.39
C LEU D 538 5.71 57.01 39.40
N PRO D 539 7.05 57.00 39.40
CA PRO D 539 7.80 57.77 38.40
C PRO D 539 7.49 57.34 36.95
N ASN D 540 7.89 58.18 35.99
CA ASN D 540 7.71 57.85 34.57
C ASN D 540 8.45 56.57 34.19
N ASP D 541 9.74 56.54 34.52
CA ASP D 541 10.59 55.37 34.33
C ASP D 541 9.84 54.10 34.70
N THR D 542 9.36 54.05 35.93
CA THR D 542 8.61 52.91 36.42
C THR D 542 7.38 52.65 35.54
N LYS D 543 6.56 53.69 35.36
CA LYS D 543 5.31 53.56 34.63
C LYS D 543 5.49 52.93 33.24
N ALA D 544 6.45 53.46 32.47
CA ALA D 544 6.71 52.98 31.11
C ALA D 544 7.24 51.55 31.07
N ARG D 545 8.04 51.20 32.08
CA ARG D 545 8.58 49.86 32.24
C ARG D 545 7.45 48.84 32.45
N LEU D 546 6.51 49.19 33.32
CA LEU D 546 5.34 48.38 33.62
C LEU D 546 4.39 48.26 32.44
N LEU D 547 4.23 49.33 31.67
CA LEU D 547 3.35 49.30 30.50
C LEU D 547 3.90 48.41 29.38
N TYR D 548 5.23 48.35 29.26
CA TYR D 548 5.87 47.47 28.28
C TYR D 548 5.55 46.00 28.60
N VAL D 549 5.65 45.64 29.88
CA VAL D 549 5.32 44.29 30.32
C VAL D 549 3.86 43.95 29.98
N ALA D 550 2.94 44.85 30.31
CA ALA D 550 1.51 44.68 29.99
C ALA D 550 1.27 44.42 28.51
N LYS D 551 2.10 45.05 27.68
CA LYS D 551 1.99 44.95 26.24
C LYS D 551 2.65 43.66 25.72
N ALA D 552 3.76 43.27 26.35
CA ALA D 552 4.62 42.21 25.81
C ALA D 552 4.24 40.79 26.27
N VAL D 553 3.63 40.66 27.43
CA VAL D 553 3.35 39.34 27.99
C VAL D 553 2.09 38.78 27.33
N PRO D 554 2.15 37.55 26.79
CA PRO D 554 0.93 37.01 26.16
C PRO D 554 -0.20 36.80 27.18
N VAL D 555 -1.34 37.43 26.93
CA VAL D 555 -2.42 37.48 27.91
C VAL D 555 -3.01 36.11 28.25
N TYR D 556 -3.00 35.19 27.30
CA TYR D 556 -3.53 33.84 27.57
C TYR D 556 -2.62 33.04 28.51
N THR D 557 -1.39 33.50 28.75
CA THR D 557 -0.54 32.82 29.75
C THR D 557 -0.94 33.15 31.19
N TYR D 558 -1.76 34.17 31.42
CA TYR D 558 -2.17 34.52 32.79
C TYR D 558 -3.66 34.80 32.99
N LEU D 559 -4.46 34.64 31.94
CA LEU D 559 -5.90 34.91 32.01
C LEU D 559 -6.59 34.13 33.11
N GLU D 560 -6.09 32.93 33.40
CA GLU D 560 -6.69 32.06 34.41
C GLU D 560 -6.69 32.66 35.82
N SER D 561 -5.66 33.43 36.16
CA SER D 561 -5.55 34.08 37.47
C SER D 561 -4.57 35.25 37.35
N PRO D 562 -5.05 36.40 36.86
CA PRO D 562 -4.12 37.43 36.40
C PRO D 562 -3.14 37.95 37.44
N CYS D 563 -3.55 37.92 38.72
CA CYS D 563 -2.72 38.42 39.81
C CYS D 563 -1.94 37.33 40.55
N ASP D 564 -2.00 36.09 40.06
CA ASP D 564 -1.20 35.00 40.59
C ASP D 564 0.28 35.40 40.44
N PRO D 565 1.04 35.41 41.55
CA PRO D 565 2.42 35.89 41.50
C PRO D 565 3.39 34.96 40.77
N THR D 566 3.01 33.69 40.58
CA THR D 566 3.83 32.76 39.81
C THR D 566 3.56 32.81 38.31
N LEU D 567 2.52 33.52 37.87
CA LEU D 567 2.20 33.59 36.44
C LEU D 567 2.87 34.79 35.77
N PRO D 568 2.96 34.75 34.42
CA PRO D 568 3.87 35.67 33.71
C PRO D 568 3.64 37.20 33.83
N LEU D 569 2.43 37.64 34.16
CA LEU D 569 2.21 39.09 34.30
C LEU D 569 2.95 39.62 35.52
N LEU D 570 2.60 39.10 36.70
CA LEU D 570 3.29 39.48 37.93
C LEU D 570 4.78 39.20 37.88
N LEU D 571 5.19 38.07 37.29
CA LEU D 571 6.63 37.79 37.17
C LEU D 571 7.35 38.91 36.43
N GLY D 572 6.74 39.42 35.37
CA GLY D 572 7.31 40.53 34.60
C GLY D 572 7.26 41.85 35.36
N LEU D 573 6.15 42.13 36.03
CA LEU D 573 6.01 43.37 36.80
C LEU D 573 7.00 43.40 37.95
N LYS D 574 7.18 42.27 38.63
CA LYS D 574 8.12 42.16 39.74
C LYS D 574 9.56 42.45 39.34
N GLN D 575 10.02 41.85 38.24
CA GLN D 575 11.39 42.08 37.79
C GLN D 575 11.58 43.53 37.33
N SER D 576 10.55 44.12 36.74
CA SER D 576 10.56 45.54 36.38
C SER D 576 10.62 46.43 37.62
N CYS D 577 9.92 46.03 38.68
CA CYS D 577 9.92 46.77 39.95
C CYS D 577 11.30 46.70 40.64
N PHE D 578 11.96 45.56 40.56
CA PHE D 578 13.30 45.44 41.13
C PHE D 578 14.29 46.32 40.36
N ASP D 579 14.18 46.36 39.04
CA ASP D 579 15.12 47.13 38.21
C ASP D 579 14.93 48.63 38.46
N THR D 580 13.68 49.06 38.60
CA THR D 580 13.37 50.48 38.81
C THR D 580 13.85 50.94 40.20
N ILE D 581 13.79 50.05 41.19
CA ILE D 581 14.38 50.34 42.52
C ILE D 581 15.91 50.46 42.43
N LEU D 582 16.54 49.65 41.60
CA LEU D 582 17.99 49.74 41.39
C LEU D 582 18.38 50.99 40.64
N ALA D 583 17.60 51.36 39.62
CA ALA D 583 17.94 52.50 38.78
C ALA D 583 17.72 53.86 39.49
N LEU D 584 16.85 53.90 40.50
CA LEU D 584 16.51 55.15 41.19
C LEU D 584 17.27 55.31 42.51
N HIS D 585 17.53 54.19 43.17
CA HIS D 585 18.36 54.13 44.38
C HIS D 585 19.38 55.26 44.51
N THR D 592 13.39 55.99 48.58
CA THR D 592 13.52 54.55 48.46
C THR D 592 12.43 53.84 49.24
N ASP D 593 12.39 54.09 50.55
CA ASP D 593 11.30 53.55 51.38
C ASP D 593 9.93 54.01 50.89
N THR D 594 9.88 55.20 50.28
CA THR D 594 8.65 55.73 49.70
C THR D 594 8.33 55.04 48.38
N LEU D 595 9.35 54.90 47.53
CA LEU D 595 9.22 54.13 46.29
C LEU D 595 8.63 52.75 46.58
N VAL D 596 9.19 52.06 47.57
CA VAL D 596 8.74 50.72 47.94
C VAL D 596 7.30 50.71 48.48
N ASP D 597 6.95 51.71 49.28
CA ASP D 597 5.58 51.87 49.77
C ASP D 597 4.60 51.92 48.61
N ARG D 598 4.97 52.69 47.59
CA ARG D 598 4.11 52.94 46.44
C ARG D 598 4.02 51.73 45.50
N LEU D 599 5.12 51.00 45.32
CA LEU D 599 5.13 49.77 44.53
C LEU D 599 4.31 48.70 45.23
N ALA D 600 4.34 48.69 46.56
CA ALA D 600 3.54 47.76 47.34
C ALA D 600 2.06 48.11 47.23
N GLU D 601 1.76 49.40 47.18
CA GLU D 601 0.40 49.87 46.99
C GLU D 601 -0.10 49.54 45.58
N PHE D 602 0.78 49.66 44.59
CA PHE D 602 0.47 49.26 43.23
C PHE D 602 -0.03 47.80 43.16
N GLU D 603 0.72 46.88 43.77
CA GLU D 603 0.34 45.46 43.77
C GLU D 603 -1.03 45.21 44.40
N LYS D 604 -1.29 45.83 45.55
CA LYS D 604 -2.56 45.64 46.24
C LYS D 604 -3.71 46.14 45.38
N ARG D 605 -3.52 47.31 44.79
CA ARG D 605 -4.57 47.93 43.96
C ARG D 605 -4.81 47.11 42.68
N LEU D 606 -3.73 46.60 42.08
CA LEU D 606 -3.85 45.67 40.96
C LEU D 606 -4.73 44.48 41.36
N SER D 607 -4.45 43.95 42.55
CA SER D 607 -5.08 42.73 43.04
C SER D 607 -6.57 42.84 43.34
N ASP D 608 -7.09 44.05 43.54
CA ASP D 608 -8.53 44.21 43.73
C ASP D 608 -9.26 44.75 42.49
N ARG D 609 -8.52 45.21 41.48
CA ARG D 609 -9.12 45.83 40.29
C ARG D 609 -8.93 45.08 38.95
N LEU D 610 -7.74 44.51 38.71
CA LEU D 610 -7.41 43.92 37.40
C LEU D 610 -8.38 42.84 36.94
N GLU D 611 -8.53 41.78 37.73
CA GLU D 611 -9.32 40.62 37.30
C GLU D 611 -10.77 40.97 36.98
N ASN D 612 -11.38 41.84 37.77
CA ASN D 612 -12.77 42.23 37.53
C ASN D 612 -12.97 42.92 36.20
N GLU D 613 -12.03 43.78 35.83
CA GLU D 613 -12.14 44.50 34.57
C GLU D 613 -11.88 43.57 33.38
N MET D 614 -10.98 42.60 33.56
CA MET D 614 -10.73 41.58 32.53
C MET D 614 -11.93 40.65 32.36
N THR D 615 -12.51 40.23 33.48
CA THR D 615 -13.74 39.46 33.46
C THR D 615 -14.86 40.23 32.72
N ALA D 616 -15.01 41.51 33.03
CA ALA D 616 -16.08 42.33 32.45
C ALA D 616 -15.98 42.40 30.93
N VAL D 617 -14.78 42.64 30.40
CA VAL D 617 -14.63 42.73 28.96
C VAL D 617 -14.87 41.36 28.28
N ARG D 618 -14.46 40.26 28.93
CA ARG D 618 -14.70 38.93 28.37
C ARG D 618 -16.18 38.57 28.36
N VAL D 619 -16.88 38.90 29.45
CA VAL D 619 -18.31 38.63 29.52
C VAL D 619 -19.08 39.41 28.45
N LEU D 620 -18.71 40.67 28.24
CA LEU D 620 -19.31 41.47 27.17
C LEU D 620 -19.08 40.84 25.79
N TYR D 621 -17.84 40.43 25.53
CA TYR D 621 -17.52 39.74 24.27
C TYR D 621 -18.42 38.51 24.07
N GLU D 622 -18.62 37.73 25.12
CA GLU D 622 -19.40 36.48 25.05
C GLU D 622 -20.91 36.65 24.83
N LYS D 623 -21.50 37.76 25.28
CA LYS D 623 -22.96 37.92 25.21
C LYS D 623 -23.48 38.03 23.77
N VAL D 636 -13.71 45.88 15.22
CA VAL D 636 -13.46 44.44 15.31
C VAL D 636 -12.72 43.98 14.02
N ARG D 637 -11.58 43.31 14.19
CA ARG D 637 -10.67 43.01 13.06
C ARG D 637 -11.30 42.20 11.92
N ILE D 638 -12.18 41.25 12.24
CA ILE D 638 -12.81 40.41 11.23
C ILE D 638 -13.65 41.23 10.26
N GLN D 639 -14.16 42.39 10.72
CA GLN D 639 -14.97 43.23 9.83
C GLN D 639 -14.22 43.76 8.61
N GLY D 640 -12.90 43.87 8.70
CA GLY D 640 -12.06 44.27 7.57
C GLY D 640 -11.32 43.14 6.86
N SER D 641 -11.57 41.90 7.27
CA SER D 641 -10.92 40.72 6.69
C SER D 641 -11.72 40.17 5.50
N LYS D 642 -11.02 39.68 4.48
CA LYS D 642 -11.68 38.99 3.37
C LYS D 642 -12.46 37.75 3.84
N PHE D 643 -12.12 37.22 5.01
CA PHE D 643 -12.74 36.00 5.51
C PHE D 643 -14.00 36.27 6.35
N LEU D 644 -14.41 37.54 6.38
CA LEU D 644 -15.64 37.91 7.09
C LEU D 644 -16.85 37.06 6.71
N PRO D 645 -17.05 36.78 5.40
CA PRO D 645 -18.22 35.98 5.03
C PRO D 645 -18.23 34.56 5.63
N PHE D 646 -17.05 33.96 5.84
CA PHE D 646 -16.98 32.64 6.47
C PHE D 646 -17.32 32.73 7.94
N TYR D 647 -16.73 33.72 8.61
CA TYR D 647 -16.96 33.94 10.03
C TYR D 647 -18.45 34.24 10.29
N ARG D 648 -19.02 35.15 9.51
CA ARG D 648 -20.46 35.47 9.61
C ARG D 648 -21.33 34.26 9.35
N PHE D 649 -20.99 33.49 8.32
CA PHE D 649 -21.76 32.31 7.96
C PHE D 649 -21.85 31.34 9.13
N VAL D 650 -20.67 31.00 9.67
CA VAL D 650 -20.58 30.06 10.78
C VAL D 650 -21.24 30.56 12.08
N ARG D 651 -20.99 31.81 12.43
CA ARG D 651 -21.50 32.36 13.69
C ARG D 651 -22.98 32.75 13.62
N GLU D 652 -23.37 33.51 12.61
CA GLU D 652 -24.75 34.05 12.51
C GLU D 652 -25.71 33.11 11.80
N GLU D 653 -25.37 32.75 10.57
CA GLU D 653 -26.28 31.92 9.77
C GLU D 653 -26.44 30.50 10.34
N LEU D 654 -25.34 29.86 10.75
CA LEU D 654 -25.44 28.53 11.37
C LEU D 654 -25.69 28.61 12.88
N ASP D 655 -25.61 29.81 13.45
CA ASP D 655 -25.97 30.09 14.85
C ASP D 655 -25.06 29.39 15.86
N THR D 656 -23.82 29.87 15.97
CA THR D 656 -22.87 29.33 16.92
C THR D 656 -22.20 30.48 17.69
N GLY D 657 -21.27 30.13 18.58
CA GLY D 657 -20.56 31.13 19.36
C GLY D 657 -19.22 30.59 19.77
N VAL D 658 -18.40 31.45 20.37
CA VAL D 658 -17.13 31.05 20.91
C VAL D 658 -17.32 29.88 21.89
N MET D 659 -16.46 28.88 21.76
CA MET D 659 -16.59 27.65 22.53
C MET D 659 -15.99 27.83 23.93
N SER D 660 -16.72 27.33 24.94
CA SER D 660 -16.32 27.46 26.34
C SER D 660 -17.20 26.57 27.21
N ALA D 661 -16.83 26.44 28.47
CA ALA D 661 -17.65 25.70 29.44
C ALA D 661 -19.03 26.34 29.64
N ARG D 662 -19.17 27.62 29.35
CA ARG D 662 -20.47 28.32 29.49
C ARG D 662 -21.37 28.15 28.27
N ARG D 663 -20.82 27.65 27.17
CA ARG D 663 -21.62 27.32 25.99
C ARG D 663 -21.95 25.83 25.99
N GLU D 664 -23.22 25.48 26.17
CA GLU D 664 -23.58 24.07 26.39
C GLU D 664 -23.62 23.16 25.13
N GLN D 665 -23.52 23.75 23.94
CA GLN D 665 -23.48 22.96 22.71
C GLN D 665 -22.15 22.22 22.62
N THR D 666 -22.19 20.94 22.22
CA THR D 666 -20.95 20.15 22.11
C THR D 666 -20.18 20.52 20.85
N PRO D 667 -18.87 20.18 20.81
CA PRO D 667 -18.14 20.31 19.55
C PRO D 667 -18.85 19.62 18.37
N GLN D 668 -19.43 18.45 18.59
CA GLN D 668 -20.22 17.76 17.56
C GLN D 668 -21.31 18.65 16.97
N GLU D 669 -22.05 19.33 17.84
CA GLU D 669 -23.19 20.14 17.41
C GLU D 669 -22.74 21.28 16.50
N ASP D 670 -21.62 21.89 16.85
CA ASP D 670 -21.07 22.97 16.06
C ASP D 670 -20.47 22.48 14.74
N VAL D 671 -19.67 21.42 14.78
CA VAL D 671 -19.01 20.93 13.55
C VAL D 671 -20.01 20.28 12.59
N GLN D 672 -21.02 19.61 13.13
CA GLN D 672 -22.10 19.06 12.30
C GLN D 672 -22.71 20.12 11.40
N LYS D 673 -23.01 21.28 11.96
CA LYS D 673 -23.62 22.37 11.18
C LYS D 673 -22.72 22.77 10.03
N VAL D 674 -21.43 22.88 10.30
CA VAL D 674 -20.46 23.28 9.29
C VAL D 674 -20.29 22.18 8.23
N PHE D 675 -20.16 20.93 8.67
CA PHE D 675 -20.05 19.80 7.75
C PHE D 675 -21.27 19.72 6.82
N ASP D 676 -22.47 19.84 7.38
CA ASP D 676 -23.70 19.79 6.58
C ASP D 676 -23.70 20.86 5.46
N ALA D 677 -23.25 22.06 5.80
CA ALA D 677 -23.21 23.15 4.84
C ALA D 677 -22.17 22.89 3.74
N ILE D 678 -21.09 22.17 4.07
CA ILE D 678 -20.10 21.77 3.07
C ILE D 678 -20.69 20.67 2.17
N ALA D 679 -21.31 19.69 2.80
CA ALA D 679 -21.92 18.57 2.10
C ALA D 679 -23.05 18.99 1.14
N ASP D 680 -23.92 19.90 1.57
CA ASP D 680 -25.05 20.30 0.73
C ASP D 680 -24.80 21.52 -0.17
N GLY D 681 -23.59 22.06 -0.18
CA GLY D 681 -23.23 23.14 -1.11
C GLY D 681 -23.43 24.57 -0.60
N ARG D 682 -24.04 24.75 0.57
CA ARG D 682 -24.25 26.10 1.08
C ARG D 682 -22.94 26.84 1.34
N ILE D 683 -21.87 26.10 1.61
CA ILE D 683 -20.55 26.70 1.85
C ILE D 683 -20.02 27.51 0.67
N THR D 684 -20.51 27.24 -0.54
CA THR D 684 -20.05 27.98 -1.72
C THR D 684 -20.49 29.46 -1.69
N VAL D 685 -21.57 29.77 -0.97
CA VAL D 685 -22.05 31.16 -0.89
C VAL D 685 -20.99 32.07 -0.24
N PRO D 686 -20.57 31.77 1.01
CA PRO D 686 -19.48 32.59 1.56
C PRO D 686 -18.16 32.48 0.79
N LEU D 687 -17.90 31.35 0.15
CA LEU D 687 -16.68 31.20 -0.65
C LEU D 687 -16.68 32.19 -1.81
N LEU D 688 -17.79 32.24 -2.55
CA LEU D 688 -17.91 33.14 -3.67
C LEU D 688 -17.91 34.62 -3.21
N HIS D 689 -18.56 34.89 -2.07
CA HIS D 689 -18.55 36.22 -1.47
C HIS D 689 -17.09 36.62 -1.13
N CYS D 690 -16.38 35.74 -0.44
CA CYS D 690 -14.98 35.97 -0.11
C CYS D 690 -14.13 36.33 -1.35
N LEU D 691 -14.39 35.66 -2.47
CA LEU D 691 -13.54 35.79 -3.66
C LEU D 691 -13.96 36.88 -4.66
N GLN D 692 -15.08 37.55 -4.42
CA GLN D 692 -15.56 38.51 -5.44
C GLN D 692 -14.55 39.64 -5.61
N GLY D 693 -14.27 39.98 -6.87
CA GLY D 693 -13.25 40.98 -7.20
C GLY D 693 -11.91 40.38 -7.59
N PHE D 694 -11.68 39.11 -7.23
CA PHE D 694 -10.43 38.45 -7.56
C PHE D 694 -10.30 38.30 -9.08
N LEU D 695 -9.24 38.87 -9.65
CA LEU D 695 -8.98 38.84 -11.11
C LEU D 695 -10.18 39.22 -12.01
#